data_2KON
#
_entry.id   2KON
#
_entity_poly.entity_id   1
_entity_poly.type   'polypeptide(L)'
_entity_poly.pdbx_seq_one_letter_code
;MNVAHYRGYEIEPGHQYRDDIRKYVPYALIRKVGVPDRTPIPTTYPEFYDLEADAERVSIACAKIIIDSHLDRHDQGLAD
LG
;
_entity_poly.pdbx_strand_id   A
#
# COMPACT_ATOMS: atom_id res chain seq x y z
N MET A 1 -1.62 1.64 16.05
CA MET A 1 -2.15 1.40 14.67
C MET A 1 -1.72 0.00 14.21
N ASN A 2 -2.49 -1.00 14.54
CA ASN A 2 -2.15 -2.39 14.14
C ASN A 2 -2.46 -2.60 12.66
N VAL A 3 -1.74 -3.49 12.03
CA VAL A 3 -1.97 -3.78 10.58
C VAL A 3 -3.28 -4.54 10.41
N ALA A 4 -4.03 -4.22 9.38
CA ALA A 4 -5.33 -4.93 9.14
C ALA A 4 -5.12 -6.02 8.07
N HIS A 5 -5.74 -7.15 8.25
CA HIS A 5 -5.58 -8.25 7.26
C HIS A 5 -6.53 -8.06 6.09
N TYR A 6 -6.15 -8.52 4.92
CA TYR A 6 -7.03 -8.36 3.73
C TYR A 6 -6.71 -9.48 2.73
N ARG A 7 -7.66 -10.35 2.48
CA ARG A 7 -7.43 -11.47 1.54
C ARG A 7 -6.15 -12.22 1.90
N GLY A 8 -5.81 -12.25 3.16
CA GLY A 8 -4.58 -12.99 3.60
C GLY A 8 -3.37 -12.05 3.56
N TYR A 9 -3.56 -10.83 3.13
CA TYR A 9 -2.42 -9.85 3.06
C TYR A 9 -2.56 -8.82 4.18
N GLU A 10 -1.46 -8.43 4.77
CA GLU A 10 -1.50 -7.43 5.87
C GLU A 10 -1.39 -6.02 5.28
N ILE A 11 -2.05 -5.07 5.89
CA ILE A 11 -2.01 -3.67 5.40
C ILE A 11 -1.48 -2.76 6.51
N GLU A 12 -0.59 -1.85 6.17
CA GLU A 12 -0.02 -0.92 7.19
C GLU A 12 -0.37 0.52 6.80
N PRO A 13 -1.52 1.00 7.23
CA PRO A 13 -1.98 2.40 6.92
C PRO A 13 -0.99 3.46 7.41
N GLY A 14 -0.87 4.54 6.69
CA GLY A 14 0.07 5.61 7.11
C GLY A 14 0.09 6.72 6.05
N HIS A 15 1.04 7.61 6.14
CA HIS A 15 1.12 8.71 5.13
C HIS A 15 2.59 9.12 4.93
N GLN A 16 2.95 9.44 3.73
CA GLN A 16 4.36 9.86 3.46
C GLN A 16 4.41 10.60 2.12
N TYR A 17 5.34 11.51 1.98
CA TYR A 17 5.44 12.29 0.70
C TYR A 17 6.69 11.85 -0.05
N ARG A 18 6.61 11.80 -1.37
CA ARG A 18 7.78 11.39 -2.19
C ARG A 18 8.48 12.62 -2.75
N ASP A 19 9.79 12.62 -2.74
CA ASP A 19 10.54 13.79 -3.27
C ASP A 19 10.34 13.89 -4.78
N ASP A 20 9.95 12.81 -5.41
CA ASP A 20 9.72 12.84 -6.89
C ASP A 20 8.60 13.83 -7.20
N ILE A 21 7.54 13.79 -6.43
CA ILE A 21 6.39 14.71 -6.64
C ILE A 21 6.34 15.73 -5.50
N ARG A 22 7.27 15.63 -4.59
CA ARG A 22 7.32 16.57 -3.43
C ARG A 22 5.90 16.81 -2.89
N LYS A 23 5.10 15.78 -2.84
CA LYS A 23 3.70 15.96 -2.34
C LYS A 23 3.31 14.75 -1.47
N TYR A 24 2.29 14.91 -0.67
CA TYR A 24 1.83 13.80 0.21
C TYR A 24 0.87 12.89 -0.55
N VAL A 25 1.10 11.61 -0.50
CA VAL A 25 0.20 10.65 -1.21
C VAL A 25 0.08 9.36 -0.39
N PRO A 26 -1.07 8.71 -0.42
CA PRO A 26 -1.30 7.45 0.33
C PRO A 26 -0.06 6.55 0.35
N TYR A 27 0.54 6.39 1.49
CA TYR A 27 1.76 5.52 1.60
C TYR A 27 1.49 4.41 2.63
N ALA A 28 1.51 3.18 2.21
CA ALA A 28 1.27 2.06 3.18
C ALA A 28 2.17 0.88 2.83
N LEU A 29 2.40 0.00 3.78
CA LEU A 29 3.29 -1.18 3.53
C LEU A 29 2.45 -2.46 3.61
N ILE A 30 2.64 -3.35 2.66
CA ILE A 30 1.86 -4.63 2.64
C ILE A 30 2.81 -5.80 2.92
N ARG A 31 2.41 -6.69 3.81
CA ARG A 31 3.27 -7.87 4.14
C ARG A 31 2.44 -9.15 3.98
N LYS A 32 2.96 -10.11 3.29
CA LYS A 32 2.21 -11.39 3.07
C LYS A 32 2.40 -12.32 4.27
N VAL A 33 1.33 -12.96 4.68
CA VAL A 33 1.41 -13.90 5.83
C VAL A 33 2.32 -15.08 5.50
N GLY A 34 2.21 -15.61 4.31
CA GLY A 34 3.05 -16.78 3.93
C GLY A 34 4.54 -16.40 3.91
N VAL A 35 4.86 -15.19 3.50
CA VAL A 35 6.30 -14.78 3.47
C VAL A 35 6.41 -13.27 3.68
N PRO A 36 6.18 -12.80 4.89
CA PRO A 36 6.27 -11.36 5.22
C PRO A 36 7.72 -10.91 5.35
N ASP A 37 8.63 -11.84 5.36
CA ASP A 37 10.07 -11.49 5.47
C ASP A 37 10.57 -10.94 4.13
N ARG A 38 9.74 -11.00 3.13
CA ARG A 38 10.16 -10.49 1.78
C ARG A 38 10.08 -8.97 1.75
N THR A 39 10.96 -8.35 1.00
CA THR A 39 10.97 -6.86 0.92
C THR A 39 9.52 -6.34 0.75
N PRO A 40 9.12 -5.35 1.52
CA PRO A 40 7.74 -4.78 1.40
C PRO A 40 7.59 -3.91 0.16
N ILE A 41 6.39 -3.81 -0.37
CA ILE A 41 6.16 -2.97 -1.59
C ILE A 41 5.21 -1.82 -1.21
N PRO A 42 5.73 -0.63 -0.97
CA PRO A 42 4.89 0.54 -0.59
C PRO A 42 3.71 0.75 -1.55
N THR A 43 2.55 1.01 -1.00
CA THR A 43 1.34 1.23 -1.86
C THR A 43 1.17 2.72 -2.10
N THR A 44 0.89 3.09 -3.33
CA THR A 44 0.69 4.52 -3.69
C THR A 44 -0.49 4.64 -4.66
N TYR A 45 -0.97 5.83 -4.88
CA TYR A 45 -2.12 6.02 -5.81
C TYR A 45 -2.00 7.40 -6.49
N PRO A 46 -2.32 7.50 -7.76
CA PRO A 46 -2.23 8.81 -8.49
C PRO A 46 -3.19 9.86 -7.93
N GLU A 47 -2.78 10.57 -6.92
CA GLU A 47 -3.66 11.62 -6.32
C GLU A 47 -2.88 12.34 -5.22
N PHE A 48 -3.41 13.43 -4.72
CA PHE A 48 -2.71 14.21 -3.65
C PHE A 48 -3.68 14.49 -2.51
N TYR A 49 -3.19 14.54 -1.30
CA TYR A 49 -4.09 14.84 -0.14
C TYR A 49 -3.35 15.72 0.87
N ASP A 50 -3.92 16.85 1.17
CA ASP A 50 -3.28 17.78 2.15
C ASP A 50 -3.42 17.20 3.56
N LEU A 51 -4.49 16.50 3.82
CA LEU A 51 -4.71 15.95 5.19
C LEU A 51 -4.10 14.55 5.30
N GLU A 52 -3.37 14.31 6.36
CA GLU A 52 -2.74 12.98 6.56
C GLU A 52 -3.83 11.94 6.86
N ALA A 53 -4.85 12.33 7.56
CA ALA A 53 -5.94 11.38 7.91
C ALA A 53 -6.61 10.87 6.63
N ASP A 54 -6.78 11.74 5.68
CA ASP A 54 -7.42 11.32 4.40
C ASP A 54 -6.53 10.29 3.71
N ALA A 55 -5.24 10.46 3.80
CA ALA A 55 -4.31 9.50 3.16
C ALA A 55 -4.44 8.13 3.83
N GLU A 56 -4.65 8.12 5.13
CA GLU A 56 -4.78 6.82 5.85
C GLU A 56 -6.00 6.05 5.32
N ARG A 57 -7.14 6.70 5.23
CA ARG A 57 -8.36 6.00 4.73
C ARG A 57 -8.15 5.61 3.27
N VAL A 58 -7.59 6.49 2.49
CA VAL A 58 -7.35 6.20 1.05
C VAL A 58 -6.34 5.06 0.93
N SER A 59 -5.30 5.10 1.71
CA SER A 59 -4.26 4.03 1.63
C SER A 59 -4.92 2.66 1.84
N ILE A 60 -5.85 2.57 2.74
CA ILE A 60 -6.53 1.26 2.98
C ILE A 60 -7.27 0.84 1.72
N ALA A 61 -7.99 1.75 1.12
CA ALA A 61 -8.76 1.41 -0.12
C ALA A 61 -7.76 1.14 -1.25
N CYS A 62 -6.70 1.90 -1.32
CA CYS A 62 -5.70 1.70 -2.40
C CYS A 62 -5.00 0.35 -2.21
N ALA A 63 -4.60 0.05 -1.01
CA ALA A 63 -3.91 -1.24 -0.75
C ALA A 63 -4.78 -2.39 -1.25
N LYS A 64 -6.04 -2.35 -0.95
CA LYS A 64 -6.94 -3.45 -1.41
C LYS A 64 -6.99 -3.47 -2.93
N ILE A 65 -7.10 -2.32 -3.54
CA ILE A 65 -7.16 -2.25 -5.03
C ILE A 65 -5.84 -2.74 -5.63
N ILE A 66 -4.74 -2.31 -5.09
CA ILE A 66 -3.42 -2.75 -5.63
C ILE A 66 -3.27 -4.26 -5.45
N ILE A 67 -3.62 -4.77 -4.30
CA ILE A 67 -3.50 -6.25 -4.07
C ILE A 67 -4.45 -6.99 -5.01
N ASP A 68 -5.67 -6.53 -5.11
CA ASP A 68 -6.65 -7.20 -6.01
C ASP A 68 -6.21 -7.04 -7.46
N SER A 69 -5.84 -5.84 -7.84
CA SER A 69 -5.39 -5.59 -9.24
C SER A 69 -4.13 -6.40 -9.54
N HIS A 70 -3.25 -6.51 -8.59
CA HIS A 70 -2.00 -7.27 -8.81
C HIS A 70 -2.32 -8.72 -9.18
N LEU A 71 -3.19 -9.34 -8.43
CA LEU A 71 -3.56 -10.76 -8.73
C LEU A 71 -4.25 -10.84 -10.10
N ASP A 72 -5.13 -9.92 -10.37
CA ASP A 72 -5.86 -9.95 -11.68
C ASP A 72 -5.01 -9.28 -12.76
N ARG A 73 -4.81 -7.99 -12.67
CA ARG A 73 -4.00 -7.28 -13.70
C ARG A 73 -2.51 -7.38 -13.38
N HIS A 74 -1.70 -7.51 -14.39
CA HIS A 74 -0.22 -7.62 -14.17
C HIS A 74 0.37 -6.20 -14.08
N ASP A 75 0.02 -5.49 -13.04
CA ASP A 75 0.56 -4.10 -12.88
C ASP A 75 1.99 -4.18 -12.32
N GLN A 76 2.43 -5.37 -12.03
CA GLN A 76 3.81 -5.55 -11.49
C GLN A 76 3.98 -4.68 -10.23
N GLY A 77 3.73 -5.25 -9.08
CA GLY A 77 3.89 -4.48 -7.81
C GLY A 77 4.20 -5.44 -6.67
N LEU A 78 3.28 -6.31 -6.36
CA LEU A 78 3.53 -7.29 -5.25
C LEU A 78 4.13 -8.57 -5.82
N ALA A 79 4.87 -8.44 -6.89
CA ALA A 79 5.51 -9.62 -7.51
C ALA A 79 6.52 -10.23 -6.53
N ASP A 80 7.18 -9.40 -5.79
CA ASP A 80 8.19 -9.91 -4.80
C ASP A 80 7.48 -10.75 -3.74
N LEU A 81 6.27 -10.40 -3.41
CA LEU A 81 5.53 -11.16 -2.36
C LEU A 81 4.89 -12.41 -2.98
N GLY A 82 5.03 -12.57 -4.27
CA GLY A 82 4.44 -13.77 -4.94
C GLY A 82 4.32 -13.52 -6.44
N MET A 1 0.02 1.82 13.39
CA MET A 1 0.04 1.05 14.67
C MET A 1 -0.73 -0.24 14.49
N ASN A 2 -2.03 -0.16 14.37
CA ASN A 2 -2.86 -1.37 14.21
C ASN A 2 -2.97 -1.72 12.72
N VAL A 3 -2.35 -2.80 12.31
CA VAL A 3 -2.40 -3.20 10.87
C VAL A 3 -3.67 -4.01 10.61
N ALA A 4 -4.18 -3.94 9.39
CA ALA A 4 -5.42 -4.69 9.03
C ALA A 4 -5.08 -5.78 8.01
N HIS A 5 -5.68 -6.93 8.16
CA HIS A 5 -5.41 -8.05 7.21
C HIS A 5 -6.27 -7.93 5.96
N TYR A 6 -5.82 -8.47 4.87
CA TYR A 6 -6.63 -8.41 3.62
C TYR A 6 -6.27 -9.60 2.73
N ARG A 7 -7.19 -10.51 2.56
CA ARG A 7 -6.92 -11.72 1.71
C ARG A 7 -5.56 -12.33 2.09
N GLY A 8 -5.18 -12.22 3.34
CA GLY A 8 -3.89 -12.81 3.79
C GLY A 8 -2.80 -11.73 3.75
N TYR A 9 -3.01 -10.70 3.00
CA TYR A 9 -1.99 -9.61 2.91
C TYR A 9 -2.19 -8.61 4.05
N GLU A 10 -1.11 -8.17 4.65
CA GLU A 10 -1.21 -7.20 5.78
C GLU A 10 -1.08 -5.77 5.25
N ILE A 11 -1.87 -4.87 5.75
CA ILE A 11 -1.81 -3.44 5.29
C ILE A 11 -1.50 -2.54 6.49
N GLU A 12 -0.52 -1.68 6.34
CA GLU A 12 -0.15 -0.74 7.46
C GLU A 12 -0.28 0.70 6.96
N PRO A 13 -1.46 1.28 7.08
CA PRO A 13 -1.71 2.69 6.63
C PRO A 13 -0.78 3.70 7.31
N GLY A 14 -0.38 4.72 6.60
CA GLY A 14 0.52 5.75 7.20
C GLY A 14 1.01 6.69 6.11
N HIS A 15 0.40 7.84 5.97
CA HIS A 15 0.81 8.80 4.91
C HIS A 15 2.33 9.01 4.94
N GLN A 16 2.90 9.41 3.83
CA GLN A 16 4.37 9.66 3.79
C GLN A 16 4.68 10.66 2.68
N TYR A 17 5.79 11.33 2.76
CA TYR A 17 6.16 12.33 1.72
C TYR A 17 7.16 11.71 0.74
N ARG A 18 6.80 11.66 -0.51
CA ARG A 18 7.71 11.06 -1.54
C ARG A 18 8.42 12.17 -2.33
N ASP A 19 9.68 12.01 -2.59
CA ASP A 19 10.43 13.04 -3.36
C ASP A 19 10.09 12.92 -4.84
N ASP A 20 9.53 11.82 -5.24
CA ASP A 20 9.18 11.64 -6.68
C ASP A 20 8.20 12.72 -7.11
N ILE A 21 7.15 12.92 -6.35
CA ILE A 21 6.14 13.97 -6.69
C ILE A 21 6.29 15.13 -5.70
N ARG A 22 7.22 15.01 -4.79
CA ARG A 22 7.44 16.08 -3.78
C ARG A 22 6.10 16.46 -3.13
N LYS A 23 5.23 15.49 -2.94
CA LYS A 23 3.91 15.77 -2.31
C LYS A 23 3.52 14.65 -1.35
N TYR A 24 2.43 14.82 -0.65
CA TYR A 24 1.97 13.79 0.32
C TYR A 24 0.97 12.85 -0.35
N VAL A 25 1.19 11.57 -0.23
CA VAL A 25 0.25 10.59 -0.85
C VAL A 25 0.10 9.39 0.09
N PRO A 26 -1.00 8.67 -0.02
CA PRO A 26 -1.25 7.48 0.84
C PRO A 26 -0.12 6.45 0.73
N TYR A 27 0.65 6.30 1.79
CA TYR A 27 1.77 5.32 1.79
C TYR A 27 1.49 4.22 2.80
N ALA A 28 1.36 3.00 2.34
CA ALA A 28 1.07 1.87 3.28
C ALA A 28 2.01 0.71 2.98
N LEU A 29 2.38 -0.04 3.99
CA LEU A 29 3.30 -1.18 3.79
C LEU A 29 2.49 -2.46 3.55
N ILE A 30 2.79 -3.18 2.50
CA ILE A 30 2.06 -4.45 2.19
C ILE A 30 3.01 -5.63 2.41
N ARG A 31 2.59 -6.59 3.19
CA ARG A 31 3.45 -7.78 3.46
C ARG A 31 2.63 -9.05 3.27
N LYS A 32 3.16 -10.01 2.56
CA LYS A 32 2.42 -11.29 2.33
C LYS A 32 2.85 -12.33 3.37
N VAL A 33 1.89 -12.89 4.07
CA VAL A 33 2.21 -13.90 5.11
C VAL A 33 2.91 -15.10 4.50
N GLY A 34 3.93 -15.60 5.16
CA GLY A 34 4.69 -16.78 4.65
C GLY A 34 5.96 -16.30 3.94
N VAL A 35 6.06 -15.04 3.66
CA VAL A 35 7.29 -14.53 2.98
C VAL A 35 7.52 -13.06 3.35
N PRO A 36 8.03 -12.81 4.53
CA PRO A 36 8.31 -11.42 5.01
C PRO A 36 9.57 -10.85 4.35
N ASP A 37 10.30 -11.69 3.65
CA ASP A 37 11.55 -11.24 2.98
C ASP A 37 11.24 -10.67 1.60
N ARG A 38 12.13 -10.88 0.65
CA ARG A 38 11.92 -10.36 -0.74
C ARG A 38 11.74 -8.85 -0.72
N THR A 39 11.76 -8.29 0.45
CA THR A 39 11.62 -6.82 0.62
C THR A 39 10.15 -6.41 0.41
N PRO A 40 9.57 -5.61 1.29
CA PRO A 40 8.15 -5.15 1.16
C PRO A 40 7.97 -4.18 -0.02
N ILE A 41 6.77 -4.14 -0.56
CA ILE A 41 6.49 -3.21 -1.71
C ILE A 41 5.34 -2.28 -1.30
N PRO A 42 5.66 -1.16 -0.70
CA PRO A 42 4.64 -0.17 -0.26
C PRO A 42 3.72 0.28 -1.41
N THR A 43 2.49 0.57 -1.10
CA THR A 43 1.53 1.01 -2.14
C THR A 43 1.38 2.53 -2.11
N THR A 44 1.40 3.15 -3.27
CA THR A 44 1.27 4.63 -3.34
C THR A 44 0.30 4.99 -4.46
N TYR A 45 -0.13 6.22 -4.52
CA TYR A 45 -1.07 6.65 -5.59
C TYR A 45 -0.61 8.01 -6.16
N PRO A 46 -0.63 8.19 -7.46
CA PRO A 46 -0.20 9.48 -8.09
C PRO A 46 -1.24 10.60 -7.88
N GLU A 47 -1.14 11.30 -6.78
CA GLU A 47 -2.12 12.40 -6.53
C GLU A 47 -1.63 13.24 -5.34
N PHE A 48 -2.45 14.17 -4.90
CA PHE A 48 -2.06 15.03 -3.74
C PHE A 48 -3.24 15.12 -2.77
N TYR A 49 -3.04 14.71 -1.54
CA TYR A 49 -4.14 14.78 -0.52
C TYR A 49 -3.75 15.82 0.52
N ASP A 50 -2.50 15.89 0.86
CA ASP A 50 -2.02 16.88 1.87
C ASP A 50 -2.74 16.65 3.19
N LEU A 51 -3.62 15.68 3.25
CA LEU A 51 -4.37 15.39 4.52
C LEU A 51 -4.04 13.98 5.00
N GLU A 52 -3.62 13.85 6.22
CA GLU A 52 -3.27 12.52 6.78
C GLU A 52 -4.55 11.68 6.91
N ALA A 53 -5.61 12.26 7.38
CA ALA A 53 -6.88 11.51 7.55
C ALA A 53 -7.33 10.95 6.20
N ASP A 54 -7.34 11.77 5.19
CA ASP A 54 -7.77 11.31 3.84
C ASP A 54 -6.75 10.30 3.30
N ALA A 55 -5.49 10.53 3.55
CA ALA A 55 -4.44 9.60 3.05
C ALA A 55 -4.63 8.23 3.73
N GLU A 56 -4.92 8.23 5.00
CA GLU A 56 -5.12 6.94 5.71
C GLU A 56 -6.39 6.26 5.19
N ARG A 57 -7.46 6.99 5.05
CA ARG A 57 -8.72 6.38 4.55
C ARG A 57 -8.52 5.91 3.10
N VAL A 58 -7.91 6.73 2.29
CA VAL A 58 -7.66 6.35 0.87
C VAL A 58 -6.65 5.21 0.82
N SER A 59 -5.64 5.26 1.63
CA SER A 59 -4.61 4.19 1.61
C SER A 59 -5.28 2.84 1.85
N ILE A 60 -6.21 2.77 2.76
CA ILE A 60 -6.89 1.48 3.04
C ILE A 60 -7.70 1.05 1.81
N ALA A 61 -8.42 1.97 1.22
CA ALA A 61 -9.23 1.63 0.01
C ALA A 61 -8.31 1.29 -1.16
N CYS A 62 -7.31 2.10 -1.38
CA CYS A 62 -6.39 1.84 -2.52
C CYS A 62 -5.61 0.55 -2.26
N ALA A 63 -5.04 0.43 -1.10
CA ALA A 63 -4.25 -0.80 -0.77
C ALA A 63 -5.04 -2.05 -1.21
N LYS A 64 -6.30 -2.10 -0.90
CA LYS A 64 -7.12 -3.28 -1.31
C LYS A 64 -7.17 -3.36 -2.84
N ILE A 65 -7.35 -2.24 -3.50
CA ILE A 65 -7.41 -2.24 -4.99
C ILE A 65 -6.06 -2.71 -5.55
N ILE A 66 -4.99 -2.22 -5.02
CA ILE A 66 -3.65 -2.63 -5.52
C ILE A 66 -3.45 -4.13 -5.24
N ILE A 67 -3.80 -4.56 -4.05
CA ILE A 67 -3.64 -6.01 -3.73
C ILE A 67 -4.58 -6.82 -4.64
N ASP A 68 -5.79 -6.37 -4.81
CA ASP A 68 -6.74 -7.08 -5.70
C ASP A 68 -6.22 -7.06 -7.13
N SER A 69 -5.71 -5.95 -7.55
CA SER A 69 -5.18 -5.82 -8.94
C SER A 69 -4.03 -6.82 -9.13
N HIS A 70 -3.19 -6.95 -8.14
CA HIS A 70 -2.06 -7.92 -8.26
C HIS A 70 -2.61 -9.32 -8.51
N LEU A 71 -3.62 -9.70 -7.78
CA LEU A 71 -4.21 -11.05 -7.95
C LEU A 71 -4.82 -11.14 -9.36
N ASP A 72 -5.47 -10.09 -9.79
CA ASP A 72 -6.09 -10.10 -11.14
C ASP A 72 -4.99 -10.08 -12.21
N ARG A 73 -4.29 -9.00 -12.32
CA ARG A 73 -3.20 -8.88 -13.33
C ARG A 73 -2.18 -7.85 -12.87
N HIS A 74 -2.48 -6.59 -13.08
CA HIS A 74 -1.56 -5.49 -12.68
C HIS A 74 -0.22 -5.61 -13.41
N ASP A 75 0.50 -4.52 -13.48
CA ASP A 75 1.82 -4.53 -14.17
C ASP A 75 2.87 -5.17 -13.27
N GLN A 76 3.47 -4.39 -12.40
CA GLN A 76 4.51 -4.94 -11.48
C GLN A 76 4.33 -4.32 -10.09
N GLY A 77 3.36 -4.80 -9.36
CA GLY A 77 3.10 -4.26 -7.99
C GLY A 77 3.76 -5.17 -6.95
N LEU A 78 3.01 -6.08 -6.39
CA LEU A 78 3.59 -7.01 -5.38
C LEU A 78 4.24 -8.18 -6.12
N ALA A 79 4.78 -7.93 -7.27
CA ALA A 79 5.44 -9.00 -8.06
C ALA A 79 6.65 -9.52 -7.29
N ASP A 80 7.37 -8.66 -6.63
CA ASP A 80 8.57 -9.10 -5.87
C ASP A 80 8.13 -10.05 -4.76
N LEU A 81 7.10 -9.70 -4.03
CA LEU A 81 6.62 -10.57 -2.92
C LEU A 81 6.11 -11.90 -3.50
N GLY A 82 5.39 -11.84 -4.58
CA GLY A 82 4.85 -13.10 -5.18
C GLY A 82 4.29 -12.79 -6.56
N MET A 1 -3.50 1.89 13.31
CA MET A 1 -3.11 1.11 14.51
C MET A 1 -2.74 -0.32 14.10
N ASN A 2 -3.65 -1.24 14.23
CA ASN A 2 -3.34 -2.66 13.87
C ASN A 2 -3.47 -2.86 12.36
N VAL A 3 -2.89 -3.92 11.86
CA VAL A 3 -2.95 -4.19 10.38
C VAL A 3 -4.25 -4.92 10.03
N ALA A 4 -4.68 -4.82 8.80
CA ALA A 4 -5.95 -5.49 8.37
C ALA A 4 -5.63 -6.54 7.30
N HIS A 5 -6.26 -7.69 7.38
CA HIS A 5 -6.00 -8.77 6.37
C HIS A 5 -7.10 -8.76 5.33
N TYR A 6 -6.76 -8.46 4.10
CA TYR A 6 -7.78 -8.42 3.02
C TYR A 6 -7.94 -9.81 2.42
N ARG A 7 -7.00 -10.23 1.62
CA ARG A 7 -7.07 -11.59 0.99
C ARG A 7 -5.77 -12.33 1.27
N GLY A 8 -5.38 -12.39 2.51
CA GLY A 8 -4.11 -13.11 2.88
C GLY A 8 -2.95 -12.12 2.94
N TYR A 9 -3.19 -10.87 2.66
CA TYR A 9 -2.10 -9.85 2.69
C TYR A 9 -2.31 -8.88 3.84
N GLU A 10 -1.25 -8.50 4.52
CA GLU A 10 -1.39 -7.56 5.65
C GLU A 10 -1.40 -6.13 5.13
N ILE A 11 -2.16 -5.27 5.76
CA ILE A 11 -2.24 -3.85 5.32
C ILE A 11 -1.80 -2.94 6.45
N GLU A 12 -0.91 -2.02 6.16
CA GLU A 12 -0.43 -1.06 7.20
C GLU A 12 -0.59 0.37 6.67
N PRO A 13 -1.64 1.06 7.03
CA PRO A 13 -1.91 2.45 6.54
C PRO A 13 -1.03 3.51 7.21
N GLY A 14 -0.78 4.61 6.53
CA GLY A 14 0.06 5.67 7.13
C GLY A 14 0.13 6.87 6.17
N HIS A 15 1.21 7.60 6.20
CA HIS A 15 1.33 8.77 5.29
C HIS A 15 2.80 9.04 4.99
N GLN A 16 3.10 9.52 3.81
CA GLN A 16 4.52 9.81 3.47
C GLN A 16 4.56 10.61 2.17
N TYR A 17 5.63 11.33 1.93
CA TYR A 17 5.75 12.15 0.69
C TYR A 17 6.80 11.54 -0.24
N ARG A 18 6.58 11.65 -1.53
CA ARG A 18 7.55 11.07 -2.50
C ARG A 18 8.50 12.16 -2.99
N ASP A 19 9.78 11.92 -2.85
CA ASP A 19 10.79 12.92 -3.27
C ASP A 19 10.82 13.03 -4.81
N ASP A 20 10.35 12.01 -5.49
CA ASP A 20 10.36 12.04 -6.97
C ASP A 20 9.48 13.20 -7.47
N ILE A 21 8.33 13.37 -6.87
CA ILE A 21 7.40 14.47 -7.27
C ILE A 21 7.23 15.44 -6.10
N ARG A 22 7.78 15.10 -4.97
CA ARG A 22 7.69 15.99 -3.77
C ARG A 22 6.22 16.28 -3.46
N LYS A 23 5.44 15.26 -3.24
CA LYS A 23 3.99 15.45 -2.92
C LYS A 23 3.54 14.40 -1.91
N TYR A 24 2.46 14.66 -1.23
CA TYR A 24 1.95 13.70 -0.23
C TYR A 24 0.97 12.74 -0.90
N VAL A 25 1.17 11.45 -0.72
CA VAL A 25 0.25 10.46 -1.34
C VAL A 25 0.01 9.29 -0.37
N PRO A 26 -1.16 8.69 -0.43
CA PRO A 26 -1.49 7.53 0.46
C PRO A 26 -0.31 6.57 0.61
N TYR A 27 0.30 6.52 1.76
CA TYR A 27 1.47 5.61 1.95
C TYR A 27 1.02 4.38 2.76
N ALA A 28 1.10 3.22 2.16
CA ALA A 28 0.69 1.97 2.90
C ALA A 28 1.67 0.86 2.56
N LEU A 29 1.97 0.01 3.51
CA LEU A 29 2.94 -1.11 3.27
C LEU A 29 2.15 -2.42 3.26
N ILE A 30 2.36 -3.23 2.25
CA ILE A 30 1.64 -4.53 2.16
C ILE A 30 2.63 -5.68 2.32
N ARG A 31 2.32 -6.63 3.18
CA ARG A 31 3.23 -7.80 3.40
C ARG A 31 2.43 -9.08 3.26
N LYS A 32 2.94 -10.03 2.52
CA LYS A 32 2.22 -11.32 2.34
C LYS A 32 2.53 -12.25 3.52
N VAL A 33 1.54 -12.94 4.01
CA VAL A 33 1.77 -13.86 5.16
C VAL A 33 2.66 -15.03 4.73
N GLY A 34 3.64 -15.36 5.53
CA GLY A 34 4.56 -16.49 5.20
C GLY A 34 5.86 -15.94 4.64
N VAL A 35 5.87 -14.70 4.24
CA VAL A 35 7.12 -14.09 3.70
C VAL A 35 7.10 -12.57 3.92
N PRO A 36 6.92 -12.15 5.15
CA PRO A 36 6.90 -10.71 5.50
C PRO A 36 8.27 -10.05 5.30
N ASP A 37 9.30 -10.84 5.21
CA ASP A 37 10.67 -10.30 5.01
C ASP A 37 10.80 -9.64 3.63
N ARG A 38 11.89 -9.92 2.95
CA ARG A 38 12.12 -9.35 1.58
C ARG A 38 11.97 -7.84 1.60
N THR A 39 12.22 -7.21 0.47
CA THR A 39 12.11 -5.74 0.40
C THR A 39 10.63 -5.31 0.42
N PRO A 40 10.27 -4.35 1.26
CA PRO A 40 8.85 -3.88 1.36
C PRO A 40 8.40 -3.12 0.11
N ILE A 41 7.17 -3.32 -0.33
CA ILE A 41 6.64 -2.62 -1.53
C ILE A 41 5.50 -1.68 -1.11
N PRO A 42 5.73 -0.39 -1.01
CA PRO A 42 4.70 0.59 -0.59
C PRO A 42 3.65 0.82 -1.68
N THR A 43 2.41 1.02 -1.29
CA THR A 43 1.33 1.26 -2.29
C THR A 43 0.90 2.73 -2.24
N THR A 44 0.69 3.31 -3.39
CA THR A 44 0.27 4.75 -3.46
C THR A 44 -0.80 4.90 -4.52
N TYR A 45 -1.46 6.03 -4.56
CA TYR A 45 -2.52 6.24 -5.59
C TYR A 45 -2.29 7.61 -6.26
N PRO A 46 -2.49 7.72 -7.56
CA PRO A 46 -2.30 9.00 -8.29
C PRO A 46 -2.91 10.20 -7.54
N GLU A 47 -3.92 9.96 -6.75
CA GLU A 47 -4.56 11.06 -5.99
C GLU A 47 -3.57 11.64 -4.97
N PHE A 48 -3.81 12.86 -4.54
CA PHE A 48 -2.90 13.51 -3.55
C PHE A 48 -3.72 14.00 -2.35
N TYR A 49 -3.13 13.99 -1.18
CA TYR A 49 -3.88 14.48 0.02
C TYR A 49 -2.91 15.01 1.07
N ASP A 50 -2.96 16.28 1.33
CA ASP A 50 -2.05 16.89 2.34
C ASP A 50 -2.47 16.43 3.74
N LEU A 51 -3.75 16.25 3.93
CA LEU A 51 -4.25 15.82 5.28
C LEU A 51 -3.83 14.38 5.57
N GLU A 52 -3.36 14.14 6.77
CA GLU A 52 -2.92 12.76 7.15
C GLU A 52 -4.15 11.87 7.31
N ALA A 53 -5.19 12.37 7.91
CA ALA A 53 -6.41 11.54 8.11
C ALA A 53 -6.93 11.04 6.77
N ASP A 54 -7.00 11.91 5.80
CA ASP A 54 -7.51 11.49 4.46
C ASP A 54 -6.56 10.45 3.86
N ALA A 55 -5.29 10.63 4.05
CA ALA A 55 -4.30 9.66 3.47
C ALA A 55 -4.51 8.29 4.13
N GLU A 56 -4.79 8.26 5.41
CA GLU A 56 -5.00 6.97 6.10
C GLU A 56 -6.24 6.27 5.53
N ARG A 57 -7.32 6.99 5.38
CA ARG A 57 -8.57 6.38 4.83
C ARG A 57 -8.33 5.93 3.39
N VAL A 58 -7.69 6.75 2.60
CA VAL A 58 -7.42 6.39 1.19
C VAL A 58 -6.42 5.23 1.13
N SER A 59 -5.41 5.27 1.96
CA SER A 59 -4.39 4.19 1.94
C SER A 59 -5.07 2.84 2.17
N ILE A 60 -6.02 2.77 3.05
CA ILE A 60 -6.71 1.48 3.29
C ILE A 60 -7.46 1.06 2.03
N ALA A 61 -8.16 1.97 1.41
CA ALA A 61 -8.91 1.64 0.17
C ALA A 61 -7.91 1.33 -0.95
N CYS A 62 -6.83 2.06 -1.00
CA CYS A 62 -5.81 1.83 -2.06
C CYS A 62 -5.19 0.44 -1.85
N ALA A 63 -4.75 0.15 -0.66
CA ALA A 63 -4.12 -1.17 -0.39
C ALA A 63 -5.03 -2.29 -0.93
N LYS A 64 -6.31 -2.17 -0.73
CA LYS A 64 -7.24 -3.21 -1.23
C LYS A 64 -7.15 -3.28 -2.76
N ILE A 65 -7.08 -2.15 -3.41
CA ILE A 65 -7.01 -2.13 -4.89
C ILE A 65 -5.70 -2.80 -5.34
N ILE A 66 -4.61 -2.49 -4.71
CA ILE A 66 -3.31 -3.08 -5.11
C ILE A 66 -3.34 -4.59 -4.84
N ILE A 67 -3.82 -5.00 -3.71
CA ILE A 67 -3.88 -6.44 -3.40
C ILE A 67 -4.83 -7.15 -4.37
N ASP A 68 -5.98 -6.56 -4.59
CA ASP A 68 -6.95 -7.18 -5.52
C ASP A 68 -6.41 -7.14 -6.96
N SER A 69 -5.84 -6.03 -7.35
CA SER A 69 -5.29 -5.92 -8.72
C SER A 69 -4.08 -6.85 -8.85
N HIS A 70 -3.32 -6.99 -7.81
CA HIS A 70 -2.13 -7.89 -7.86
C HIS A 70 -2.58 -9.31 -8.21
N LEU A 71 -3.64 -9.77 -7.60
CA LEU A 71 -4.13 -11.15 -7.88
C LEU A 71 -4.59 -11.22 -9.34
N ASP A 72 -5.25 -10.20 -9.81
CA ASP A 72 -5.72 -10.21 -11.22
C ASP A 72 -4.51 -10.12 -12.16
N ARG A 73 -3.34 -10.01 -11.60
CA ARG A 73 -2.09 -9.92 -12.43
C ARG A 73 -2.06 -8.59 -13.20
N HIS A 74 -1.91 -7.50 -12.50
CA HIS A 74 -1.86 -6.16 -13.17
C HIS A 74 -0.55 -5.46 -12.79
N ASP A 75 0.31 -5.26 -13.75
CA ASP A 75 1.61 -4.59 -13.49
C ASP A 75 2.36 -5.25 -12.31
N GLN A 76 3.53 -4.76 -12.02
CA GLN A 76 4.34 -5.34 -10.90
C GLN A 76 3.47 -5.49 -9.64
N GLY A 77 3.59 -4.57 -8.72
CA GLY A 77 2.78 -4.63 -7.47
C GLY A 77 3.13 -5.90 -6.69
N LEU A 78 3.51 -5.75 -5.44
CA LEU A 78 3.86 -6.93 -4.59
C LEU A 78 4.68 -7.92 -5.41
N ALA A 79 5.32 -7.45 -6.45
CA ALA A 79 6.16 -8.34 -7.30
C ALA A 79 7.26 -8.97 -6.46
N ASP A 80 7.95 -8.18 -5.68
CA ASP A 80 9.04 -8.71 -4.83
C ASP A 80 8.45 -9.64 -3.77
N LEU A 81 7.29 -9.31 -3.26
CA LEU A 81 6.65 -10.15 -2.22
C LEU A 81 5.89 -11.30 -2.88
N GLY A 82 5.87 -11.32 -4.19
CA GLY A 82 5.14 -12.40 -4.90
C GLY A 82 5.06 -12.06 -6.39
N MET A 1 -2.94 1.88 14.42
CA MET A 1 -3.83 0.76 14.83
C MET A 1 -3.24 -0.57 14.37
N ASN A 2 -3.98 -1.64 14.51
CA ASN A 2 -3.46 -2.97 14.08
C ASN A 2 -3.55 -3.12 12.57
N VAL A 3 -2.71 -3.94 12.00
CA VAL A 3 -2.72 -4.14 10.51
C VAL A 3 -3.97 -4.91 10.10
N ALA A 4 -4.59 -4.50 9.01
CA ALA A 4 -5.82 -5.19 8.54
C ALA A 4 -5.44 -6.34 7.59
N HIS A 5 -6.34 -7.28 7.41
CA HIS A 5 -6.06 -8.43 6.50
C HIS A 5 -6.96 -8.34 5.27
N TYR A 6 -6.43 -8.65 4.11
CA TYR A 6 -7.26 -8.58 2.87
C TYR A 6 -6.74 -9.61 1.85
N ARG A 7 -7.58 -10.52 1.47
CA ARG A 7 -7.17 -11.57 0.48
C ARG A 7 -5.91 -12.28 0.96
N GLY A 8 -5.70 -12.35 2.26
CA GLY A 8 -4.50 -13.06 2.80
C GLY A 8 -3.31 -12.09 2.85
N TYR A 9 -3.51 -10.87 2.45
CA TYR A 9 -2.40 -9.87 2.47
C TYR A 9 -2.60 -8.91 3.64
N GLU A 10 -1.53 -8.56 4.31
CA GLU A 10 -1.65 -7.63 5.47
C GLU A 10 -1.53 -6.20 4.97
N ILE A 11 -2.32 -5.31 5.53
CA ILE A 11 -2.27 -3.88 5.10
C ILE A 11 -1.90 -3.02 6.31
N GLU A 12 -0.94 -2.15 6.16
CA GLU A 12 -0.52 -1.27 7.29
C GLU A 12 -0.78 0.20 6.90
N PRO A 13 -1.58 0.93 7.65
CA PRO A 13 -1.90 2.36 7.33
C PRO A 13 -0.72 3.30 7.64
N GLY A 14 -0.69 4.44 7.01
CA GLY A 14 0.41 5.40 7.27
C GLY A 14 0.35 6.54 6.28
N HIS A 15 1.35 7.40 6.27
CA HIS A 15 1.35 8.54 5.32
C HIS A 15 2.80 8.90 4.98
N GLN A 16 3.04 9.33 3.78
CA GLN A 16 4.44 9.71 3.41
C GLN A 16 4.40 10.44 2.06
N TYR A 17 5.38 11.26 1.79
CA TYR A 17 5.42 12.01 0.50
C TYR A 17 6.45 11.38 -0.42
N ARG A 18 6.14 11.28 -1.69
CA ARG A 18 7.09 10.68 -2.66
C ARG A 18 7.98 11.78 -3.26
N ASP A 19 9.26 11.53 -3.33
CA ASP A 19 10.18 12.55 -3.90
C ASP A 19 9.92 12.69 -5.40
N ASP A 20 9.32 11.71 -5.99
CA ASP A 20 9.03 11.76 -7.44
C ASP A 20 8.10 12.95 -7.75
N ILE A 21 7.04 13.08 -6.98
CA ILE A 21 6.08 14.22 -7.20
C ILE A 21 6.26 15.24 -6.07
N ARG A 22 7.12 14.95 -5.13
CA ARG A 22 7.36 15.90 -3.99
C ARG A 22 6.02 16.33 -3.38
N LYS A 23 5.13 15.40 -3.14
CA LYS A 23 3.81 15.77 -2.54
C LYS A 23 3.36 14.66 -1.59
N TYR A 24 2.37 14.94 -0.78
CA TYR A 24 1.88 13.92 0.19
C TYR A 24 0.87 13.01 -0.49
N VAL A 25 1.01 11.72 -0.32
CA VAL A 25 0.04 10.77 -0.95
C VAL A 25 -0.09 9.53 -0.06
N PRO A 26 -1.20 8.82 -0.15
CA PRO A 26 -1.42 7.60 0.68
C PRO A 26 -0.18 6.70 0.72
N TYR A 27 0.22 6.32 1.90
CA TYR A 27 1.43 5.45 2.04
C TYR A 27 1.12 4.29 2.98
N ALA A 28 1.23 3.08 2.51
CA ALA A 28 0.93 1.90 3.38
C ALA A 28 1.90 0.77 3.02
N LEU A 29 2.19 -0.08 3.96
CA LEU A 29 3.13 -1.21 3.69
C LEU A 29 2.32 -2.50 3.61
N ILE A 30 2.53 -3.27 2.57
CA ILE A 30 1.77 -4.55 2.40
C ILE A 30 2.73 -5.73 2.58
N ARG A 31 2.35 -6.68 3.40
CA ARG A 31 3.22 -7.87 3.63
C ARG A 31 2.37 -9.13 3.49
N LYS A 32 2.80 -10.05 2.67
CA LYS A 32 2.02 -11.30 2.47
C LYS A 32 2.33 -12.28 3.60
N VAL A 33 1.32 -12.95 4.09
CA VAL A 33 1.53 -13.92 5.20
C VAL A 33 2.39 -15.10 4.73
N GLY A 34 3.37 -15.48 5.51
CA GLY A 34 4.26 -16.62 5.14
C GLY A 34 5.60 -16.08 4.66
N VAL A 35 5.64 -14.84 4.24
CA VAL A 35 6.94 -14.26 3.78
C VAL A 35 6.95 -12.74 3.98
N PRO A 36 6.90 -12.30 5.21
CA PRO A 36 6.92 -10.83 5.53
C PRO A 36 8.16 -10.16 4.93
N ASP A 37 9.25 -10.86 4.94
CA ASP A 37 10.53 -10.30 4.40
C ASP A 37 10.41 -10.06 2.90
N ARG A 38 11.32 -10.61 2.12
CA ARG A 38 11.28 -10.41 0.63
C ARG A 38 11.22 -8.92 0.33
N THR A 39 11.77 -8.12 1.20
CA THR A 39 11.79 -6.65 1.01
C THR A 39 10.34 -6.12 0.93
N PRO A 40 10.01 -5.08 1.69
CA PRO A 40 8.63 -4.49 1.69
C PRO A 40 8.33 -3.70 0.41
N ILE A 41 7.08 -3.63 0.03
CA ILE A 41 6.68 -2.87 -1.20
C ILE A 41 5.55 -1.90 -0.86
N PRO A 42 5.89 -0.69 -0.45
CA PRO A 42 4.88 0.33 -0.08
C PRO A 42 3.89 0.60 -1.22
N THR A 43 2.66 0.88 -0.91
CA THR A 43 1.63 1.13 -1.97
C THR A 43 1.11 2.57 -1.85
N THR A 44 1.00 3.24 -2.97
CA THR A 44 0.50 4.65 -2.96
C THR A 44 -0.46 4.81 -4.14
N TYR A 45 -1.22 5.88 -4.16
CA TYR A 45 -2.18 6.11 -5.29
C TYR A 45 -2.03 7.56 -5.77
N PRO A 46 -1.95 7.80 -7.07
CA PRO A 46 -1.81 9.17 -7.62
C PRO A 46 -3.11 9.98 -7.53
N GLU A 47 -3.36 10.60 -6.41
CA GLU A 47 -4.59 11.43 -6.24
C GLU A 47 -4.23 12.71 -5.51
N PHE A 48 -3.08 12.72 -4.89
CA PHE A 48 -2.61 13.92 -4.15
C PHE A 48 -3.62 14.29 -3.06
N TYR A 49 -3.19 14.29 -1.82
CA TYR A 49 -4.10 14.66 -0.70
C TYR A 49 -3.42 15.69 0.21
N ASP A 50 -4.13 16.72 0.57
CA ASP A 50 -3.56 17.76 1.45
C ASP A 50 -3.71 17.35 2.91
N LEU A 51 -4.67 16.51 3.20
CA LEU A 51 -4.88 16.07 4.61
C LEU A 51 -4.19 14.73 4.85
N GLU A 52 -3.36 14.69 5.85
CA GLU A 52 -2.64 13.43 6.18
C GLU A 52 -3.65 12.39 6.69
N ALA A 53 -4.67 12.85 7.36
CA ALA A 53 -5.69 11.90 7.90
C ALA A 53 -6.35 11.15 6.75
N ASP A 54 -6.75 11.83 5.72
CA ASP A 54 -7.39 11.16 4.57
C ASP A 54 -6.40 10.22 3.91
N ALA A 55 -5.15 10.58 3.90
CA ALA A 55 -4.11 9.71 3.26
C ALA A 55 -4.11 8.35 3.95
N GLU A 56 -4.20 8.33 5.26
CA GLU A 56 -4.20 7.04 5.99
C GLU A 56 -5.44 6.22 5.60
N ARG A 57 -6.59 6.83 5.65
CA ARG A 57 -7.84 6.10 5.30
C ARG A 57 -7.79 5.68 3.83
N VAL A 58 -7.36 6.55 2.97
CA VAL A 58 -7.28 6.20 1.53
C VAL A 58 -6.26 5.09 1.33
N SER A 59 -5.14 5.17 2.00
CA SER A 59 -4.11 4.10 1.83
C SER A 59 -4.75 2.73 2.07
N ILE A 60 -5.57 2.61 3.07
CA ILE A 60 -6.23 1.30 3.33
C ILE A 60 -7.13 0.94 2.15
N ALA A 61 -7.90 1.87 1.67
CA ALA A 61 -8.79 1.60 0.51
C ALA A 61 -7.96 1.28 -0.73
N CYS A 62 -6.98 2.11 -1.02
CA CYS A 62 -6.13 1.87 -2.20
C CYS A 62 -5.39 0.54 -2.04
N ALA A 63 -4.89 0.27 -0.87
CA ALA A 63 -4.16 -1.00 -0.64
C ALA A 63 -5.02 -2.16 -1.14
N LYS A 64 -6.29 -2.13 -0.88
CA LYS A 64 -7.18 -3.22 -1.36
C LYS A 64 -7.16 -3.25 -2.89
N ILE A 65 -7.24 -2.12 -3.52
CA ILE A 65 -7.24 -2.07 -5.01
C ILE A 65 -5.88 -2.54 -5.54
N ILE A 66 -4.80 -2.07 -4.97
CA ILE A 66 -3.45 -2.48 -5.45
C ILE A 66 -3.28 -3.99 -5.25
N ILE A 67 -3.67 -4.51 -4.12
CA ILE A 67 -3.52 -5.97 -3.89
C ILE A 67 -4.40 -6.73 -4.89
N ASP A 68 -5.61 -6.28 -5.08
CA ASP A 68 -6.52 -6.96 -6.04
C ASP A 68 -5.96 -6.81 -7.46
N SER A 69 -5.52 -5.63 -7.79
CA SER A 69 -4.96 -5.38 -9.15
C SER A 69 -3.71 -6.23 -9.34
N HIS A 70 -2.92 -6.40 -8.32
CA HIS A 70 -1.68 -7.20 -8.45
C HIS A 70 -2.03 -8.62 -8.92
N LEU A 71 -2.97 -9.25 -8.26
CA LEU A 71 -3.35 -10.63 -8.66
C LEU A 71 -4.01 -10.62 -10.04
N ASP A 72 -4.86 -9.66 -10.29
CA ASP A 72 -5.56 -9.60 -11.61
C ASP A 72 -4.75 -8.75 -12.59
N ARG A 73 -4.66 -7.47 -12.34
CA ARG A 73 -3.93 -6.55 -13.26
C ARG A 73 -2.46 -7.00 -13.42
N HIS A 74 -1.57 -6.05 -13.47
CA HIS A 74 -0.12 -6.38 -13.64
C HIS A 74 0.42 -7.09 -12.41
N ASP A 75 1.30 -8.03 -12.60
CA ASP A 75 1.88 -8.78 -11.44
C ASP A 75 3.17 -8.07 -10.99
N GLN A 76 3.49 -6.96 -11.59
CA GLN A 76 4.72 -6.22 -11.22
C GLN A 76 4.60 -5.72 -9.77
N GLY A 77 3.45 -5.25 -9.39
CA GLY A 77 3.27 -4.74 -8.00
C GLY A 77 3.34 -5.90 -6.99
N LEU A 78 3.92 -5.65 -5.85
CA LEU A 78 4.03 -6.71 -4.82
C LEU A 78 4.70 -7.95 -5.41
N ALA A 79 5.41 -7.77 -6.49
CA ALA A 79 6.11 -8.93 -7.14
C ALA A 79 7.16 -9.49 -6.18
N ASP A 80 7.84 -8.64 -5.46
CA ASP A 80 8.88 -9.12 -4.51
C ASP A 80 8.23 -9.99 -3.44
N LEU A 81 7.05 -9.63 -3.00
CA LEU A 81 6.37 -10.43 -1.95
C LEU A 81 5.67 -11.63 -2.60
N GLY A 82 5.70 -11.72 -3.90
CA GLY A 82 5.03 -12.87 -4.58
C GLY A 82 4.92 -12.57 -6.08
N MET A 1 -6.15 -6.23 14.65
CA MET A 1 -5.73 -5.27 15.72
C MET A 1 -5.16 -4.01 15.09
N ASN A 2 -3.91 -4.06 14.74
CA ASN A 2 -3.26 -2.85 14.11
C ASN A 2 -3.42 -2.92 12.58
N VAL A 3 -2.72 -3.81 11.95
CA VAL A 3 -2.81 -3.90 10.45
C VAL A 3 -4.09 -4.66 10.06
N ALA A 4 -4.64 -4.32 8.92
CA ALA A 4 -5.88 -5.00 8.46
C ALA A 4 -5.52 -6.18 7.57
N HIS A 5 -6.38 -7.18 7.52
CA HIS A 5 -6.10 -8.38 6.68
C HIS A 5 -6.94 -8.32 5.41
N TYR A 6 -6.31 -8.48 4.27
CA TYR A 6 -7.06 -8.45 2.99
C TYR A 6 -6.48 -9.47 2.02
N ARG A 7 -7.29 -10.39 1.56
CA ARG A 7 -6.81 -11.44 0.61
C ARG A 7 -5.59 -12.16 1.19
N GLY A 8 -5.46 -12.16 2.48
CA GLY A 8 -4.32 -12.88 3.12
C GLY A 8 -3.12 -11.93 3.21
N TYR A 9 -3.30 -10.69 2.81
CA TYR A 9 -2.17 -9.71 2.86
C TYR A 9 -2.43 -8.67 3.96
N GLU A 10 -1.41 -8.31 4.68
CA GLU A 10 -1.58 -7.31 5.78
C GLU A 10 -1.43 -5.90 5.22
N ILE A 11 -2.18 -4.95 5.74
CA ILE A 11 -2.09 -3.55 5.25
C ILE A 11 -1.76 -2.63 6.42
N GLU A 12 -0.80 -1.75 6.23
CA GLU A 12 -0.42 -0.81 7.32
C GLU A 12 -0.71 0.63 6.86
N PRO A 13 -1.58 1.35 7.54
CA PRO A 13 -1.93 2.74 7.15
C PRO A 13 -0.86 3.76 7.57
N GLY A 14 -0.79 4.87 6.89
CA GLY A 14 0.22 5.90 7.25
C GLY A 14 0.23 6.99 6.19
N HIS A 15 1.26 7.80 6.17
CA HIS A 15 1.33 8.89 5.17
C HIS A 15 2.80 9.20 4.84
N GLN A 16 3.09 9.58 3.62
CA GLN A 16 4.49 9.90 3.27
C GLN A 16 4.52 10.62 1.92
N TYR A 17 5.56 11.39 1.69
CA TYR A 17 5.69 12.14 0.40
C TYR A 17 6.77 11.51 -0.47
N ARG A 18 6.50 11.34 -1.73
CA ARG A 18 7.50 10.72 -2.64
C ARG A 18 8.30 11.82 -3.36
N ASP A 19 9.58 11.62 -3.46
CA ASP A 19 10.46 12.62 -4.14
C ASP A 19 10.12 12.64 -5.64
N ASP A 20 9.54 11.59 -6.14
CA ASP A 20 9.18 11.54 -7.58
C ASP A 20 8.17 12.64 -7.92
N ILE A 21 7.17 12.80 -7.08
CA ILE A 21 6.14 13.86 -7.31
C ILE A 21 6.24 14.90 -6.18
N ARG A 22 7.15 14.68 -5.27
CA ARG A 22 7.32 15.63 -4.13
C ARG A 22 5.97 16.04 -3.56
N LYS A 23 5.06 15.10 -3.45
CA LYS A 23 3.71 15.41 -2.89
C LYS A 23 3.29 14.32 -1.91
N TYR A 24 2.36 14.63 -1.05
CA TYR A 24 1.89 13.63 -0.05
C TYR A 24 0.78 12.78 -0.64
N VAL A 25 1.02 11.49 -0.73
CA VAL A 25 -0.01 10.57 -1.31
C VAL A 25 -0.20 9.37 -0.35
N PRO A 26 -1.36 8.76 -0.36
CA PRO A 26 -1.64 7.61 0.53
C PRO A 26 -0.44 6.65 0.60
N TYR A 27 0.18 6.55 1.75
CA TYR A 27 1.36 5.66 1.90
C TYR A 27 1.00 4.47 2.79
N ALA A 28 1.14 3.28 2.28
CA ALA A 28 0.81 2.07 3.10
C ALA A 28 1.79 0.96 2.75
N LEU A 29 2.00 0.05 3.67
CA LEU A 29 2.94 -1.08 3.42
C LEU A 29 2.14 -2.38 3.36
N ILE A 30 2.42 -3.18 2.36
CA ILE A 30 1.70 -4.48 2.20
C ILE A 30 2.70 -5.61 2.41
N ARG A 31 2.34 -6.59 3.22
CA ARG A 31 3.26 -7.72 3.49
C ARG A 31 2.51 -9.04 3.36
N LYS A 32 3.10 -10.00 2.72
CA LYS A 32 2.42 -11.32 2.56
C LYS A 32 2.56 -12.14 3.84
N VAL A 33 1.49 -12.73 4.29
CA VAL A 33 1.53 -13.54 5.53
C VAL A 33 2.04 -14.96 5.24
N GLY A 34 3.01 -15.42 6.00
CA GLY A 34 3.54 -16.80 5.80
C GLY A 34 5.06 -16.72 5.65
N VAL A 35 5.55 -15.85 4.81
CA VAL A 35 7.02 -15.75 4.61
C VAL A 35 7.62 -14.70 5.57
N PRO A 36 8.87 -14.85 5.97
CA PRO A 36 9.54 -13.87 6.88
C PRO A 36 9.37 -12.42 6.43
N ASP A 37 10.12 -11.53 7.03
CA ASP A 37 10.01 -10.09 6.65
C ASP A 37 10.86 -9.83 5.40
N ARG A 38 10.26 -9.91 4.24
CA ARG A 38 11.01 -9.68 2.98
C ARG A 38 10.95 -8.21 2.59
N THR A 39 11.85 -7.78 1.74
CA THR A 39 11.86 -6.35 1.33
C THR A 39 10.43 -5.89 1.01
N PRO A 40 9.83 -5.05 1.84
CA PRO A 40 8.44 -4.57 1.61
C PRO A 40 8.35 -3.50 0.52
N ILE A 41 7.21 -3.38 -0.12
CA ILE A 41 7.04 -2.35 -1.19
C ILE A 41 5.88 -1.42 -0.82
N PRO A 42 6.08 -0.12 -0.88
CA PRO A 42 5.00 0.86 -0.55
C PRO A 42 3.90 0.91 -1.61
N THR A 43 2.69 1.19 -1.18
CA THR A 43 1.55 1.27 -2.14
C THR A 43 0.94 2.67 -2.09
N THR A 44 0.75 3.27 -3.23
CA THR A 44 0.18 4.64 -3.30
C THR A 44 -0.78 4.73 -4.47
N TYR A 45 -1.57 5.78 -4.52
CA TYR A 45 -2.53 5.92 -5.64
C TYR A 45 -2.51 7.37 -6.17
N PRO A 46 -2.51 7.57 -7.48
CA PRO A 46 -2.51 8.94 -8.08
C PRO A 46 -3.52 9.88 -7.39
N GLU A 47 -3.14 10.43 -6.28
CA GLU A 47 -4.04 11.36 -5.55
C GLU A 47 -3.34 11.81 -4.28
N PHE A 48 -3.37 13.09 -3.99
CA PHE A 48 -2.71 13.62 -2.76
C PHE A 48 -3.76 14.22 -1.83
N TYR A 49 -3.41 14.41 -0.60
CA TYR A 49 -4.38 15.00 0.39
C TYR A 49 -3.62 15.88 1.37
N ASP A 50 -2.42 15.51 1.71
CA ASP A 50 -1.62 16.30 2.68
C ASP A 50 -2.09 15.98 4.10
N LEU A 51 -3.26 15.42 4.24
CA LEU A 51 -3.78 15.08 5.60
C LEU A 51 -3.54 13.62 5.89
N GLU A 52 -2.91 13.36 7.00
CA GLU A 52 -2.64 11.95 7.41
C GLU A 52 -3.97 11.24 7.66
N ALA A 53 -4.96 11.95 8.12
CA ALA A 53 -6.28 11.30 8.39
C ALA A 53 -6.85 10.74 7.09
N ASP A 54 -6.92 11.54 6.07
CA ASP A 54 -7.47 11.07 4.76
C ASP A 54 -6.47 10.12 4.10
N ALA A 55 -5.20 10.41 4.25
CA ALA A 55 -4.17 9.53 3.63
C ALA A 55 -4.29 8.11 4.17
N GLU A 56 -4.41 7.96 5.46
CA GLU A 56 -4.55 6.59 6.04
C GLU A 56 -5.84 5.94 5.57
N ARG A 57 -6.92 6.66 5.58
CA ARG A 57 -8.23 6.06 5.14
C ARG A 57 -8.14 5.70 3.65
N VAL A 58 -7.61 6.58 2.85
CA VAL A 58 -7.50 6.30 1.39
C VAL A 58 -6.48 5.17 1.19
N SER A 59 -5.39 5.23 1.90
CA SER A 59 -4.35 4.17 1.75
C SER A 59 -4.96 2.80 1.99
N ILE A 60 -5.82 2.67 2.95
CA ILE A 60 -6.47 1.34 3.21
C ILE A 60 -7.33 0.95 2.02
N ALA A 61 -8.12 1.86 1.51
CA ALA A 61 -8.98 1.53 0.34
C ALA A 61 -8.11 1.29 -0.89
N CYS A 62 -7.12 2.10 -1.09
CA CYS A 62 -6.23 1.94 -2.26
C CYS A 62 -5.40 0.66 -2.09
N ALA A 63 -4.96 0.39 -0.90
CA ALA A 63 -4.14 -0.84 -0.67
C ALA A 63 -4.91 -2.05 -1.19
N LYS A 64 -6.16 -2.15 -0.87
CA LYS A 64 -6.98 -3.29 -1.34
C LYS A 64 -7.06 -3.26 -2.88
N ILE A 65 -7.24 -2.10 -3.44
CA ILE A 65 -7.33 -2.00 -4.92
C ILE A 65 -5.99 -2.39 -5.56
N ILE A 66 -4.90 -1.92 -4.99
CA ILE A 66 -3.56 -2.27 -5.56
C ILE A 66 -3.34 -3.77 -5.46
N ILE A 67 -3.68 -4.37 -4.36
CA ILE A 67 -3.48 -5.84 -4.21
C ILE A 67 -4.35 -6.57 -5.24
N ASP A 68 -5.60 -6.20 -5.33
CA ASP A 68 -6.51 -6.86 -6.32
C ASP A 68 -6.04 -6.54 -7.74
N SER A 69 -5.72 -5.30 -7.99
CA SER A 69 -5.25 -4.91 -9.35
C SER A 69 -3.95 -5.64 -9.68
N HIS A 70 -3.07 -5.75 -8.73
CA HIS A 70 -1.78 -6.45 -8.97
C HIS A 70 -2.06 -7.90 -9.41
N LEU A 71 -3.03 -8.52 -8.81
CA LEU A 71 -3.35 -9.93 -9.18
C LEU A 71 -3.82 -10.00 -10.64
N ASP A 72 -4.63 -9.08 -11.06
CA ASP A 72 -5.12 -9.10 -12.46
C ASP A 72 -4.24 -8.22 -13.36
N ARG A 73 -3.42 -7.39 -12.76
CA ARG A 73 -2.53 -6.48 -13.55
C ARG A 73 -1.08 -6.98 -13.46
N HIS A 74 -0.66 -7.40 -12.31
CA HIS A 74 0.74 -7.89 -12.14
C HIS A 74 1.71 -6.80 -12.58
N ASP A 75 1.88 -5.80 -11.75
CA ASP A 75 2.80 -4.67 -12.07
C ASP A 75 4.18 -4.96 -11.47
N GLN A 76 4.43 -6.19 -11.09
CA GLN A 76 5.75 -6.57 -10.49
C GLN A 76 5.74 -6.22 -8.99
N GLY A 77 4.91 -5.29 -8.61
CA GLY A 77 4.84 -4.88 -7.17
C GLY A 77 4.34 -6.05 -6.30
N LEU A 78 4.71 -6.03 -5.04
CA LEU A 78 4.29 -7.10 -4.09
C LEU A 78 4.86 -8.46 -4.54
N ALA A 79 5.42 -8.53 -5.71
CA ALA A 79 5.99 -9.82 -6.19
C ALA A 79 7.17 -10.22 -5.30
N ASP A 80 7.91 -9.25 -4.82
CA ASP A 80 9.07 -9.54 -3.94
C ASP A 80 8.59 -10.20 -2.65
N LEU A 81 7.32 -10.12 -2.37
CA LEU A 81 6.78 -10.72 -1.12
C LEU A 81 6.52 -12.21 -1.36
N GLY A 82 6.69 -12.66 -2.57
CA GLY A 82 6.45 -14.10 -2.87
C GLY A 82 7.03 -14.43 -4.24
N MET A 1 -0.51 -4.40 15.40
CA MET A 1 -1.94 -4.26 15.81
C MET A 1 -2.58 -3.15 14.96
N ASN A 2 -1.79 -2.26 14.45
CA ASN A 2 -2.33 -1.16 13.61
C ASN A 2 -2.45 -1.64 12.15
N VAL A 3 -2.00 -2.84 11.88
CA VAL A 3 -2.07 -3.36 10.48
C VAL A 3 -3.44 -4.00 10.24
N ALA A 4 -3.92 -3.96 9.02
CA ALA A 4 -5.25 -4.56 8.68
C ALA A 4 -5.06 -5.67 7.65
N HIS A 5 -5.69 -6.79 7.84
CA HIS A 5 -5.55 -7.93 6.89
C HIS A 5 -6.51 -7.75 5.71
N TYR A 6 -6.11 -8.18 4.55
CA TYR A 6 -7.00 -8.08 3.36
C TYR A 6 -6.62 -9.16 2.34
N ARG A 7 -7.54 -10.03 2.03
CA ARG A 7 -7.26 -11.14 1.06
C ARG A 7 -6.03 -11.92 1.51
N GLY A 8 -5.76 -11.93 2.79
CA GLY A 8 -4.58 -12.69 3.31
C GLY A 8 -3.34 -11.81 3.28
N TYR A 9 -3.49 -10.57 2.87
CA TYR A 9 -2.32 -9.64 2.81
C TYR A 9 -2.41 -8.62 3.94
N GLU A 10 -1.30 -8.30 4.55
CA GLU A 10 -1.29 -7.31 5.66
C GLU A 10 -1.08 -5.91 5.10
N ILE A 11 -1.76 -4.94 5.67
CA ILE A 11 -1.62 -3.54 5.18
C ILE A 11 -1.21 -2.64 6.35
N GLU A 12 -0.22 -1.81 6.13
CA GLU A 12 0.25 -0.88 7.21
C GLU A 12 0.09 0.56 6.73
N PRO A 13 -1.06 1.15 6.96
CA PRO A 13 -1.35 2.56 6.53
C PRO A 13 -0.35 3.57 7.11
N GLY A 14 -0.08 4.62 6.41
CA GLY A 14 0.88 5.64 6.92
C GLY A 14 0.94 6.82 5.96
N HIS A 15 1.01 8.01 6.48
CA HIS A 15 1.05 9.22 5.61
C HIS A 15 2.51 9.65 5.40
N GLN A 16 2.94 9.73 4.16
CA GLN A 16 4.33 10.16 3.88
C GLN A 16 4.38 10.87 2.53
N TYR A 17 5.33 11.75 2.35
CA TYR A 17 5.45 12.50 1.06
C TYR A 17 6.60 11.92 0.24
N ARG A 18 6.41 11.79 -1.04
CA ARG A 18 7.48 11.22 -1.93
C ARG A 18 8.16 12.34 -2.71
N ASP A 19 9.45 12.24 -2.89
CA ASP A 19 10.18 13.29 -3.64
C ASP A 19 9.78 13.25 -5.12
N ASP A 20 9.05 12.24 -5.51
CA ASP A 20 8.61 12.12 -6.93
C ASP A 20 7.61 13.24 -7.25
N ILE A 21 6.58 13.35 -6.45
CA ILE A 21 5.54 14.41 -6.66
C ILE A 21 5.68 15.48 -5.58
N ARG A 22 6.72 15.38 -4.78
CA ARG A 22 6.94 16.38 -3.69
C ARG A 22 5.62 16.72 -3.02
N LYS A 23 4.75 15.76 -2.84
CA LYS A 23 3.43 16.03 -2.18
C LYS A 23 3.07 14.85 -1.26
N TYR A 24 1.97 14.98 -0.58
CA TYR A 24 1.53 13.92 0.37
C TYR A 24 0.70 12.88 -0.39
N VAL A 25 1.06 11.64 -0.27
CA VAL A 25 0.31 10.55 -0.96
C VAL A 25 0.16 9.35 -0.01
N PRO A 26 -0.85 8.55 -0.22
CA PRO A 26 -1.10 7.35 0.64
C PRO A 26 0.09 6.39 0.61
N TYR A 27 0.80 6.29 1.70
CA TYR A 27 1.97 5.36 1.76
C TYR A 27 1.67 4.21 2.71
N ALA A 28 1.66 3.01 2.22
CA ALA A 28 1.38 1.83 3.12
C ALA A 28 2.24 0.65 2.67
N LEU A 29 2.54 -0.24 3.59
CA LEU A 29 3.38 -1.43 3.24
C LEU A 29 2.49 -2.66 3.10
N ILE A 30 2.69 -3.42 2.05
CA ILE A 30 1.87 -4.65 1.83
C ILE A 30 2.75 -5.88 2.05
N ARG A 31 2.31 -6.80 2.87
CA ARG A 31 3.10 -8.03 3.14
C ARG A 31 2.19 -9.25 3.13
N LYS A 32 2.63 -10.34 2.54
CA LYS A 32 1.78 -11.56 2.49
C LYS A 32 2.13 -12.46 3.67
N VAL A 33 1.13 -12.98 4.32
CA VAL A 33 1.36 -13.88 5.50
C VAL A 33 2.09 -15.14 5.06
N GLY A 34 1.69 -15.73 3.97
CA GLY A 34 2.36 -16.98 3.50
C GLY A 34 3.82 -16.71 3.14
N VAL A 35 4.27 -15.50 3.35
CA VAL A 35 5.70 -15.17 3.01
C VAL A 35 6.22 -14.14 4.01
N PRO A 36 6.43 -14.54 5.24
CA PRO A 36 6.94 -13.61 6.30
C PRO A 36 8.27 -12.97 5.87
N ASP A 37 9.15 -13.77 5.33
CA ASP A 37 10.47 -13.23 4.90
C ASP A 37 10.43 -12.88 3.40
N ARG A 38 10.53 -11.63 3.09
CA ARG A 38 10.49 -11.20 1.67
C ARG A 38 10.90 -9.72 1.58
N THR A 39 10.64 -9.09 0.47
CA THR A 39 10.99 -7.65 0.31
C THR A 39 9.69 -6.82 0.21
N PRO A 40 9.25 -6.24 1.31
CA PRO A 40 7.99 -5.42 1.32
C PRO A 40 8.01 -4.33 0.25
N ILE A 41 6.87 -4.07 -0.34
CA ILE A 41 6.79 -3.02 -1.41
C ILE A 41 5.73 -1.99 -1.01
N PRO A 42 6.07 -0.72 -0.95
CA PRO A 42 5.10 0.35 -0.56
C PRO A 42 4.06 0.61 -1.64
N THR A 43 2.84 0.89 -1.25
CA THR A 43 1.75 1.17 -2.25
C THR A 43 1.44 2.66 -2.25
N THR A 44 1.28 3.22 -3.42
CA THR A 44 0.98 4.67 -3.54
C THR A 44 -0.22 4.87 -4.47
N TYR A 45 -0.81 6.03 -4.46
CA TYR A 45 -1.98 6.30 -5.34
C TYR A 45 -1.84 7.72 -5.93
N PRO A 46 -1.59 7.85 -7.22
CA PRO A 46 -1.44 9.20 -7.86
C PRO A 46 -2.53 10.19 -7.42
N GLU A 47 -2.35 10.81 -6.29
CA GLU A 47 -3.36 11.78 -5.80
C GLU A 47 -2.82 12.51 -4.57
N PHE A 48 -2.93 13.81 -4.54
CA PHE A 48 -2.40 14.58 -3.38
C PHE A 48 -3.56 14.91 -2.44
N TYR A 49 -3.43 14.55 -1.20
CA TYR A 49 -4.52 14.83 -0.20
C TYR A 49 -4.06 15.93 0.75
N ASP A 50 -2.78 15.97 1.05
CA ASP A 50 -2.25 17.00 1.98
C ASP A 50 -2.86 16.80 3.37
N LEU A 51 -3.78 15.86 3.49
CA LEU A 51 -4.43 15.58 4.80
C LEU A 51 -4.06 14.19 5.28
N GLU A 52 -3.65 14.07 6.51
CA GLU A 52 -3.27 12.74 7.06
C GLU A 52 -4.51 11.86 7.20
N ALA A 53 -5.62 12.42 7.61
CA ALA A 53 -6.86 11.61 7.77
C ALA A 53 -7.23 10.97 6.43
N ASP A 54 -7.28 11.74 5.39
CA ASP A 54 -7.64 11.17 4.05
C ASP A 54 -6.55 10.19 3.62
N ALA A 55 -5.32 10.50 3.87
CA ALA A 55 -4.21 9.60 3.46
C ALA A 55 -4.37 8.23 4.13
N GLU A 56 -4.68 8.22 5.40
CA GLU A 56 -4.85 6.92 6.11
C GLU A 56 -6.08 6.19 5.58
N ARG A 57 -7.20 6.86 5.49
CA ARG A 57 -8.43 6.20 4.99
C ARG A 57 -8.24 5.80 3.53
N VAL A 58 -7.69 6.67 2.74
CA VAL A 58 -7.47 6.37 1.29
C VAL A 58 -6.42 5.26 1.16
N SER A 59 -5.38 5.31 1.93
CA SER A 59 -4.34 4.26 1.84
C SER A 59 -4.97 2.89 2.01
N ILE A 60 -5.90 2.76 2.92
CA ILE A 60 -6.56 1.45 3.12
C ILE A 60 -7.34 1.07 1.86
N ALA A 61 -8.08 2.01 1.33
CA ALA A 61 -8.88 1.72 0.10
C ALA A 61 -7.95 1.48 -1.07
N CYS A 62 -7.03 2.37 -1.32
CA CYS A 62 -6.08 2.20 -2.44
C CYS A 62 -5.28 0.92 -2.24
N ALA A 63 -4.90 0.62 -1.03
CA ALA A 63 -4.11 -0.60 -0.76
C ALA A 63 -4.86 -1.81 -1.31
N LYS A 64 -6.15 -1.85 -1.14
CA LYS A 64 -6.95 -2.99 -1.66
C LYS A 64 -6.84 -3.00 -3.19
N ILE A 65 -6.84 -1.86 -3.81
CA ILE A 65 -6.76 -1.80 -5.30
C ILE A 65 -5.42 -2.40 -5.76
N ILE A 66 -4.35 -2.02 -5.12
CA ILE A 66 -3.02 -2.57 -5.52
C ILE A 66 -3.01 -4.09 -5.26
N ILE A 67 -3.50 -4.51 -4.13
CA ILE A 67 -3.51 -5.96 -3.83
C ILE A 67 -4.43 -6.69 -4.82
N ASP A 68 -5.58 -6.13 -5.08
CA ASP A 68 -6.52 -6.76 -6.04
C ASP A 68 -5.90 -6.76 -7.44
N SER A 69 -5.26 -5.69 -7.82
CA SER A 69 -4.64 -5.61 -9.16
C SER A 69 -3.57 -6.69 -9.31
N HIS A 70 -2.77 -6.91 -8.29
CA HIS A 70 -1.70 -7.94 -8.40
C HIS A 70 -2.34 -9.30 -8.63
N LEU A 71 -3.35 -9.63 -7.86
CA LEU A 71 -4.03 -10.94 -8.03
C LEU A 71 -4.70 -11.00 -9.40
N ASP A 72 -5.33 -9.93 -9.80
CA ASP A 72 -6.00 -9.90 -11.13
C ASP A 72 -4.99 -9.59 -12.22
N ARG A 73 -4.50 -8.39 -12.26
CA ARG A 73 -3.51 -8.00 -13.30
C ARG A 73 -2.14 -8.62 -12.99
N HIS A 74 -1.40 -8.95 -14.01
CA HIS A 74 -0.05 -9.55 -13.79
C HIS A 74 0.93 -8.44 -13.42
N ASP A 75 0.70 -7.78 -12.31
CA ASP A 75 1.61 -6.68 -11.89
C ASP A 75 2.76 -7.25 -11.06
N GLN A 76 3.95 -7.23 -11.59
CA GLN A 76 5.12 -7.76 -10.84
C GLN A 76 5.43 -6.85 -9.65
N GLY A 77 4.55 -5.95 -9.34
CA GLY A 77 4.79 -5.02 -8.19
C GLY A 77 4.93 -5.83 -6.91
N LEU A 78 4.12 -6.84 -6.73
CA LEU A 78 4.19 -7.68 -5.49
C LEU A 78 4.68 -9.08 -5.87
N ALA A 79 5.52 -9.18 -6.87
CA ALA A 79 6.05 -10.50 -7.29
C ALA A 79 6.84 -11.13 -6.14
N ASP A 80 7.56 -10.35 -5.41
CA ASP A 80 8.37 -10.88 -4.28
C ASP A 80 7.43 -11.45 -3.20
N LEU A 81 6.29 -10.84 -3.01
CA LEU A 81 5.36 -11.32 -1.96
C LEU A 81 4.57 -12.51 -2.50
N GLY A 82 4.78 -12.88 -3.73
CA GLY A 82 4.05 -14.04 -4.30
C GLY A 82 4.68 -14.43 -5.64
N MET A 1 -6.74 -0.04 15.90
CA MET A 1 -6.73 -0.04 14.41
C MET A 1 -5.70 -1.07 13.93
N ASN A 2 -4.50 -0.97 14.41
CA ASN A 2 -3.43 -1.93 14.02
C ASN A 2 -3.46 -2.20 12.51
N VAL A 3 -2.73 -3.18 12.07
CA VAL A 3 -2.68 -3.50 10.62
C VAL A 3 -3.96 -4.20 10.19
N ALA A 4 -4.44 -3.89 9.01
CA ALA A 4 -5.70 -4.51 8.51
C ALA A 4 -5.35 -5.68 7.59
N HIS A 5 -5.97 -6.80 7.82
CA HIS A 5 -5.71 -8.00 6.98
C HIS A 5 -6.55 -7.95 5.71
N TYR A 6 -6.03 -8.52 4.64
CA TYR A 6 -6.79 -8.52 3.36
C TYR A 6 -6.35 -9.72 2.52
N ARG A 7 -7.25 -10.64 2.31
CA ARG A 7 -6.94 -11.86 1.51
C ARG A 7 -5.65 -12.50 2.01
N GLY A 8 -5.35 -12.34 3.27
CA GLY A 8 -4.11 -12.93 3.85
C GLY A 8 -3.00 -11.88 3.86
N TYR A 9 -3.14 -10.86 3.07
CA TYR A 9 -2.09 -9.80 3.02
C TYR A 9 -2.31 -8.79 4.15
N GLU A 10 -1.23 -8.31 4.73
CA GLU A 10 -1.34 -7.32 5.83
C GLU A 10 -1.22 -5.91 5.26
N ILE A 11 -1.91 -4.96 5.84
CA ILE A 11 -1.86 -3.56 5.35
C ILE A 11 -1.48 -2.63 6.50
N GLU A 12 -0.50 -1.79 6.27
CA GLU A 12 -0.05 -0.84 7.33
C GLU A 12 -0.14 0.60 6.77
N PRO A 13 -1.24 1.28 6.98
CA PRO A 13 -1.47 2.65 6.46
C PRO A 13 -0.72 3.73 7.27
N GLY A 14 -0.48 4.86 6.66
CA GLY A 14 0.24 5.95 7.38
C GLY A 14 0.28 7.20 6.49
N HIS A 15 1.42 7.82 6.39
CA HIS A 15 1.54 9.05 5.54
C HIS A 15 3.01 9.30 5.18
N GLN A 16 3.27 9.62 3.95
CA GLN A 16 4.67 9.88 3.52
C GLN A 16 4.66 10.54 2.15
N TYR A 17 5.69 11.29 1.84
CA TYR A 17 5.78 11.99 0.52
C TYR A 17 6.91 11.40 -0.30
N ARG A 18 6.71 11.33 -1.60
CA ARG A 18 7.76 10.77 -2.50
C ARG A 18 8.55 11.91 -3.15
N ASP A 19 9.84 11.76 -3.22
CA ASP A 19 10.70 12.81 -3.83
C ASP A 19 10.43 12.90 -5.35
N ASP A 20 9.87 11.86 -5.92
CA ASP A 20 9.58 11.87 -7.38
C ASP A 20 8.51 12.93 -7.69
N ILE A 21 7.49 13.02 -6.87
CA ILE A 21 6.40 14.02 -7.08
C ILE A 21 6.50 15.11 -6.01
N ARG A 22 7.37 14.90 -5.05
CA ARG A 22 7.56 15.90 -3.95
C ARG A 22 6.19 16.29 -3.38
N LYS A 23 5.35 15.31 -3.16
CA LYS A 23 3.99 15.59 -2.59
C LYS A 23 3.56 14.44 -1.68
N TYR A 24 2.57 14.68 -0.86
CA TYR A 24 2.08 13.63 0.08
C TYR A 24 1.04 12.75 -0.62
N VAL A 25 1.19 11.46 -0.51
CA VAL A 25 0.22 10.53 -1.14
C VAL A 25 0.00 9.32 -0.20
N PRO A 26 -1.17 8.74 -0.21
CA PRO A 26 -1.49 7.57 0.65
C PRO A 26 -0.31 6.60 0.72
N TYR A 27 0.33 6.52 1.86
CA TYR A 27 1.49 5.60 2.01
C TYR A 27 1.09 4.37 2.80
N ALA A 28 1.23 3.21 2.21
CA ALA A 28 0.86 1.95 2.92
C ALA A 28 1.86 0.86 2.55
N LEU A 29 2.15 0.00 3.48
CA LEU A 29 3.12 -1.11 3.23
C LEU A 29 2.36 -2.44 3.19
N ILE A 30 2.53 -3.18 2.12
CA ILE A 30 1.82 -4.50 1.99
C ILE A 30 2.80 -5.63 2.26
N ARG A 31 2.43 -6.52 3.15
CA ARG A 31 3.31 -7.67 3.51
C ARG A 31 2.50 -8.96 3.43
N LYS A 32 3.09 -10.00 2.88
CA LYS A 32 2.39 -11.32 2.78
C LYS A 32 2.78 -12.20 3.96
N VAL A 33 1.80 -12.76 4.62
CA VAL A 33 2.09 -13.62 5.80
C VAL A 33 2.78 -14.91 5.36
N GLY A 34 3.85 -15.25 6.03
CA GLY A 34 4.62 -16.49 5.69
C GLY A 34 6.07 -16.13 5.36
N VAL A 35 6.27 -15.02 4.69
CA VAL A 35 7.66 -14.61 4.34
C VAL A 35 7.72 -13.09 4.19
N PRO A 36 7.37 -12.36 5.22
CA PRO A 36 7.39 -10.87 5.20
C PRO A 36 8.81 -10.31 5.28
N ASP A 37 8.93 -9.02 5.45
CA ASP A 37 10.28 -8.39 5.55
C ASP A 37 11.09 -8.73 4.31
N ARG A 38 10.44 -8.80 3.18
CA ARG A 38 11.14 -9.13 1.90
C ARG A 38 11.03 -7.96 0.94
N THR A 39 11.97 -7.06 1.00
CA THR A 39 11.95 -5.88 0.09
C THR A 39 10.52 -5.33 -0.01
N PRO A 40 10.12 -4.54 0.96
CA PRO A 40 8.75 -3.97 1.00
C PRO A 40 8.44 -3.11 -0.23
N ILE A 41 7.23 -3.15 -0.68
CA ILE A 41 6.82 -2.36 -1.88
C ILE A 41 5.62 -1.48 -1.48
N PRO A 42 5.89 -0.29 -1.01
CA PRO A 42 4.82 0.66 -0.58
C PRO A 42 3.76 0.87 -1.65
N THR A 43 2.52 0.97 -1.25
CA THR A 43 1.42 1.17 -2.24
C THR A 43 0.87 2.59 -2.13
N THR A 44 0.67 3.22 -3.25
CA THR A 44 0.14 4.61 -3.27
C THR A 44 -0.85 4.75 -4.40
N TYR A 45 -1.61 5.81 -4.42
CA TYR A 45 -2.60 6.01 -5.50
C TYR A 45 -2.54 7.48 -5.97
N PRO A 46 -2.51 7.72 -7.26
CA PRO A 46 -2.45 9.10 -7.84
C PRO A 46 -3.40 10.07 -7.10
N GLU A 47 -3.02 10.50 -5.95
CA GLU A 47 -3.87 11.44 -5.16
C GLU A 47 -2.99 12.24 -4.21
N PHE A 48 -3.32 13.49 -3.98
CA PHE A 48 -2.51 14.36 -3.08
C PHE A 48 -3.35 14.73 -1.86
N TYR A 49 -3.00 14.20 -0.71
CA TYR A 49 -3.77 14.51 0.54
C TYR A 49 -2.81 15.05 1.60
N ASP A 50 -3.16 16.16 2.19
CA ASP A 50 -2.30 16.76 3.24
C ASP A 50 -2.78 16.26 4.61
N LEU A 51 -4.03 15.88 4.69
CA LEU A 51 -4.60 15.40 5.99
C LEU A 51 -4.17 13.95 6.25
N GLU A 52 -3.90 13.63 7.48
CA GLU A 52 -3.47 12.25 7.84
C GLU A 52 -4.66 11.30 7.73
N ALA A 53 -5.82 11.74 8.11
CA ALA A 53 -7.03 10.86 8.05
C ALA A 53 -7.30 10.46 6.60
N ASP A 54 -7.27 11.41 5.70
CA ASP A 54 -7.52 11.10 4.26
C ASP A 54 -6.43 10.16 3.74
N ALA A 55 -5.19 10.43 4.08
CA ALA A 55 -4.08 9.57 3.60
C ALA A 55 -4.23 8.15 4.16
N GLU A 56 -4.53 8.04 5.43
CA GLU A 56 -4.69 6.69 6.04
C GLU A 56 -5.97 6.02 5.52
N ARG A 57 -7.04 6.76 5.47
CA ARG A 57 -8.33 6.18 4.98
C ARG A 57 -8.19 5.78 3.51
N VAL A 58 -7.62 6.64 2.72
CA VAL A 58 -7.43 6.34 1.27
C VAL A 58 -6.42 5.20 1.10
N SER A 59 -5.37 5.22 1.86
CA SER A 59 -4.33 4.16 1.73
C SER A 59 -4.96 2.77 1.96
N ILE A 60 -5.82 2.66 2.92
CA ILE A 60 -6.46 1.34 3.19
C ILE A 60 -7.35 0.94 2.00
N ALA A 61 -8.12 1.87 1.49
CA ALA A 61 -9.01 1.56 0.34
C ALA A 61 -8.16 1.28 -0.91
N CYS A 62 -7.22 2.14 -1.20
CA CYS A 62 -6.36 1.94 -2.39
C CYS A 62 -5.57 0.64 -2.23
N ALA A 63 -5.18 0.32 -1.03
CA ALA A 63 -4.40 -0.94 -0.80
C ALA A 63 -5.23 -2.14 -1.27
N LYS A 64 -6.50 -2.14 -0.98
CA LYS A 64 -7.37 -3.28 -1.41
C LYS A 64 -7.42 -3.36 -2.94
N ILE A 65 -7.60 -2.24 -3.59
CA ILE A 65 -7.66 -2.23 -5.08
C ILE A 65 -6.28 -2.57 -5.66
N ILE A 66 -5.25 -2.03 -5.08
CA ILE A 66 -3.88 -2.30 -5.61
C ILE A 66 -3.57 -3.79 -5.50
N ILE A 67 -3.89 -4.39 -4.39
CA ILE A 67 -3.62 -5.85 -4.23
C ILE A 67 -4.43 -6.64 -5.26
N ASP A 68 -5.68 -6.30 -5.41
CA ASP A 68 -6.55 -7.02 -6.39
C ASP A 68 -6.02 -6.78 -7.80
N SER A 69 -5.67 -5.56 -8.11
CA SER A 69 -5.15 -5.25 -9.47
C SER A 69 -3.83 -5.98 -9.70
N HIS A 70 -2.93 -5.91 -8.75
CA HIS A 70 -1.61 -6.60 -8.90
C HIS A 70 -1.85 -8.04 -9.39
N LEU A 71 -2.80 -8.70 -8.81
CA LEU A 71 -3.08 -10.12 -9.22
C LEU A 71 -3.54 -10.12 -10.69
N ASP A 72 -4.35 -9.18 -11.07
CA ASP A 72 -4.83 -9.12 -12.48
C ASP A 72 -4.75 -7.69 -12.98
N ARG A 73 -3.56 -7.22 -13.24
CA ARG A 73 -3.37 -5.84 -13.73
C ARG A 73 -1.89 -5.60 -14.08
N HIS A 74 -1.33 -4.55 -13.55
CA HIS A 74 0.09 -4.22 -13.84
C HIS A 74 0.98 -5.44 -13.58
N ASP A 75 1.82 -5.75 -14.53
CA ASP A 75 2.72 -6.93 -14.40
C ASP A 75 3.71 -6.73 -13.25
N GLN A 76 3.89 -7.75 -12.46
CA GLN A 76 4.84 -7.67 -11.32
C GLN A 76 4.47 -6.53 -10.37
N GLY A 77 4.87 -6.64 -9.14
CA GLY A 77 4.56 -5.58 -8.14
C GLY A 77 4.78 -6.13 -6.71
N LEU A 78 3.89 -6.97 -6.26
CA LEU A 78 4.01 -7.56 -4.89
C LEU A 78 4.53 -9.00 -5.01
N ALA A 79 5.04 -9.35 -6.16
CA ALA A 79 5.57 -10.74 -6.37
C ALA A 79 6.77 -10.98 -5.45
N ASP A 80 7.46 -9.93 -5.08
CA ASP A 80 8.66 -10.08 -4.19
C ASP A 80 8.21 -10.54 -2.80
N LEU A 81 6.94 -10.39 -2.50
CA LEU A 81 6.43 -10.80 -1.15
C LEU A 81 5.91 -12.24 -1.24
N GLY A 82 5.95 -12.82 -2.40
CA GLY A 82 5.45 -14.22 -2.56
C GLY A 82 5.57 -14.64 -4.03
N MET A 1 -1.18 1.11 15.86
CA MET A 1 -0.92 0.74 14.44
C MET A 1 -1.55 -0.62 14.17
N ASN A 2 -2.86 -0.66 14.05
CA ASN A 2 -3.56 -1.95 13.79
C ASN A 2 -3.61 -2.24 12.29
N VAL A 3 -2.95 -3.27 11.88
CA VAL A 3 -2.93 -3.63 10.43
C VAL A 3 -4.19 -4.39 10.05
N ALA A 4 -4.58 -4.27 8.80
CA ALA A 4 -5.81 -4.98 8.31
C ALA A 4 -5.40 -6.04 7.31
N HIS A 5 -6.03 -7.19 7.36
CA HIS A 5 -5.69 -8.29 6.43
C HIS A 5 -6.72 -8.37 5.31
N TYR A 6 -6.27 -8.26 4.10
CA TYR A 6 -7.19 -8.32 2.92
C TYR A 6 -7.11 -9.70 2.27
N ARG A 7 -6.39 -9.81 1.19
CA ARG A 7 -6.25 -11.13 0.49
C ARG A 7 -5.04 -11.88 1.04
N GLY A 8 -4.96 -12.00 2.34
CA GLY A 8 -3.82 -12.72 2.95
C GLY A 8 -2.61 -11.79 3.07
N TYR A 9 -2.77 -10.55 2.69
CA TYR A 9 -1.64 -9.58 2.76
C TYR A 9 -1.88 -8.58 3.90
N GLU A 10 -0.84 -8.28 4.64
CA GLU A 10 -0.98 -7.32 5.77
C GLU A 10 -0.95 -5.90 5.23
N ILE A 11 -1.76 -5.05 5.80
CA ILE A 11 -1.81 -3.63 5.34
C ILE A 11 -1.44 -2.71 6.50
N GLU A 12 -0.51 -1.81 6.27
CA GLU A 12 -0.07 -0.87 7.33
C GLU A 12 -0.04 0.55 6.75
N PRO A 13 -1.08 1.33 6.97
CA PRO A 13 -1.17 2.73 6.43
C PRO A 13 -0.31 3.73 7.21
N GLY A 14 0.10 4.78 6.57
CA GLY A 14 0.94 5.81 7.26
C GLY A 14 1.20 6.98 6.31
N HIS A 15 0.49 8.07 6.49
CA HIS A 15 0.67 9.26 5.61
C HIS A 15 2.15 9.51 5.32
N GLN A 16 2.48 9.66 4.07
CA GLN A 16 3.91 9.90 3.69
C GLN A 16 3.96 10.60 2.34
N TYR A 17 5.06 11.27 2.07
CA TYR A 17 5.22 11.98 0.77
C TYR A 17 6.33 11.33 -0.05
N ARG A 18 6.16 11.33 -1.35
CA ARG A 18 7.18 10.73 -2.23
C ARG A 18 8.18 11.79 -2.68
N ASP A 19 9.45 11.49 -2.55
CA ASP A 19 10.50 12.46 -2.96
C ASP A 19 10.53 12.56 -4.49
N ASP A 20 10.08 11.54 -5.17
CA ASP A 20 10.09 11.56 -6.66
C ASP A 20 9.22 12.71 -7.17
N ILE A 21 8.05 12.88 -6.61
CA ILE A 21 7.13 13.97 -7.05
C ILE A 21 7.06 15.04 -5.94
N ARG A 22 7.64 14.75 -4.81
CA ARG A 22 7.64 15.73 -3.68
C ARG A 22 6.20 16.14 -3.34
N LYS A 23 5.34 15.18 -3.10
CA LYS A 23 3.92 15.49 -2.76
C LYS A 23 3.37 14.44 -1.78
N TYR A 24 2.28 14.77 -1.12
CA TYR A 24 1.67 13.83 -0.16
C TYR A 24 0.69 12.92 -0.88
N VAL A 25 0.83 11.62 -0.69
CA VAL A 25 -0.10 10.67 -1.36
C VAL A 25 -0.31 9.45 -0.45
N PRO A 26 -1.47 8.84 -0.51
CA PRO A 26 -1.78 7.63 0.32
C PRO A 26 -0.60 6.65 0.34
N TYR A 27 0.07 6.53 1.45
CA TYR A 27 1.24 5.60 1.53
C TYR A 27 0.92 4.43 2.47
N ALA A 28 0.98 3.23 1.95
CA ALA A 28 0.69 2.03 2.79
C ALA A 28 1.72 0.95 2.46
N LEU A 29 2.10 0.17 3.44
CA LEU A 29 3.10 -0.90 3.21
C LEU A 29 2.38 -2.25 3.11
N ILE A 30 2.69 -3.01 2.09
CA ILE A 30 2.04 -4.33 1.89
C ILE A 30 3.06 -5.46 2.14
N ARG A 31 2.73 -6.35 3.04
CA ARG A 31 3.64 -7.49 3.37
C ARG A 31 2.87 -8.79 3.33
N LYS A 32 3.49 -9.83 2.81
CA LYS A 32 2.81 -11.15 2.73
C LYS A 32 3.04 -11.92 4.03
N VAL A 33 2.02 -12.55 4.52
CA VAL A 33 2.13 -13.32 5.79
C VAL A 33 3.05 -14.53 5.60
N GLY A 34 3.97 -14.70 6.52
CA GLY A 34 4.92 -15.86 6.43
C GLY A 34 6.27 -15.37 5.92
N VAL A 35 6.30 -14.24 5.27
CA VAL A 35 7.59 -13.71 4.74
C VAL A 35 7.52 -12.18 4.64
N PRO A 36 7.17 -11.52 5.72
CA PRO A 36 7.10 -10.02 5.76
C PRO A 36 8.50 -9.41 5.80
N ASP A 37 9.49 -10.23 6.02
CA ASP A 37 10.89 -9.73 6.09
C ASP A 37 11.38 -9.43 4.66
N ARG A 38 10.59 -9.73 3.69
CA ARG A 38 11.01 -9.50 2.27
C ARG A 38 10.77 -8.03 1.91
N THR A 39 11.66 -7.49 1.10
CA THR A 39 11.54 -6.07 0.66
C THR A 39 10.05 -5.68 0.49
N PRO A 40 9.47 -5.04 1.47
CA PRO A 40 8.04 -4.63 1.42
C PRO A 40 7.71 -3.81 0.18
N ILE A 41 6.51 -3.96 -0.33
CA ILE A 41 6.09 -3.19 -1.55
C ILE A 41 5.05 -2.13 -1.14
N PRO A 42 5.41 -0.86 -1.20
CA PRO A 42 4.50 0.25 -0.82
C PRO A 42 3.41 0.51 -1.87
N THR A 43 2.32 1.11 -1.47
CA THR A 43 1.21 1.39 -2.41
C THR A 43 0.93 2.90 -2.43
N THR A 44 0.76 3.44 -3.61
CA THR A 44 0.49 4.90 -3.77
C THR A 44 -0.70 5.08 -4.69
N TYR A 45 -1.25 6.28 -4.72
CA TYR A 45 -2.42 6.55 -5.60
C TYR A 45 -2.21 7.89 -6.34
N PRO A 46 -2.44 7.94 -7.63
CA PRO A 46 -2.28 9.20 -8.42
C PRO A 46 -2.92 10.40 -7.70
N GLU A 47 -3.69 10.13 -6.68
CA GLU A 47 -4.36 11.21 -5.94
C GLU A 47 -3.42 11.79 -4.88
N PHE A 48 -3.71 12.99 -4.43
CA PHE A 48 -2.84 13.64 -3.39
C PHE A 48 -3.72 14.17 -2.27
N TYR A 49 -3.19 14.18 -1.07
CA TYR A 49 -3.97 14.70 0.09
C TYR A 49 -3.01 15.30 1.11
N ASP A 50 -3.15 16.56 1.38
CA ASP A 50 -2.27 17.23 2.38
C ASP A 50 -2.68 16.80 3.79
N LEU A 51 -3.84 16.19 3.91
CA LEU A 51 -4.32 15.74 5.25
C LEU A 51 -3.94 14.29 5.48
N GLU A 52 -3.31 14.02 6.61
CA GLU A 52 -2.89 12.63 6.94
C GLU A 52 -4.11 11.75 7.19
N ALA A 53 -5.13 12.31 7.78
CA ALA A 53 -6.35 11.51 8.08
C ALA A 53 -6.93 10.94 6.78
N ASP A 54 -7.00 11.75 5.76
CA ASP A 54 -7.54 11.28 4.46
C ASP A 54 -6.61 10.21 3.87
N ALA A 55 -5.33 10.40 4.02
CA ALA A 55 -4.34 9.42 3.48
C ALA A 55 -4.52 8.08 4.20
N GLU A 56 -4.81 8.11 5.47
CA GLU A 56 -4.99 6.85 6.24
C GLU A 56 -6.22 6.10 5.71
N ARG A 57 -7.33 6.77 5.59
CA ARG A 57 -8.57 6.12 5.08
C ARG A 57 -8.38 5.74 3.61
N VAL A 58 -7.83 6.62 2.83
CA VAL A 58 -7.61 6.34 1.38
C VAL A 58 -6.57 5.23 1.20
N SER A 59 -5.50 5.29 1.96
CA SER A 59 -4.43 4.26 1.82
C SER A 59 -5.00 2.87 2.11
N ILE A 60 -5.84 2.74 3.10
CA ILE A 60 -6.43 1.42 3.41
C ILE A 60 -7.33 0.97 2.25
N ALA A 61 -8.14 1.87 1.75
CA ALA A 61 -9.05 1.51 0.62
C ALA A 61 -8.23 1.24 -0.64
N CYS A 62 -7.29 2.08 -0.92
CA CYS A 62 -6.44 1.89 -2.13
C CYS A 62 -5.57 0.64 -1.98
N ALA A 63 -4.95 0.49 -0.84
CA ALA A 63 -4.08 -0.70 -0.61
C ALA A 63 -4.83 -1.97 -1.03
N LYS A 64 -6.06 -2.09 -0.61
CA LYS A 64 -6.85 -3.31 -0.98
C LYS A 64 -7.02 -3.36 -2.50
N ILE A 65 -7.30 -2.24 -3.10
CA ILE A 65 -7.49 -2.19 -4.58
C ILE A 65 -6.18 -2.57 -5.28
N ILE A 66 -5.09 -2.03 -4.81
CA ILE A 66 -3.77 -2.34 -5.44
C ILE A 66 -3.49 -3.83 -5.26
N ILE A 67 -3.73 -4.35 -4.11
CA ILE A 67 -3.46 -5.80 -3.87
C ILE A 67 -4.37 -6.63 -4.78
N ASP A 68 -5.61 -6.25 -4.88
CA ASP A 68 -6.55 -7.00 -5.75
C ASP A 68 -6.11 -6.85 -7.22
N SER A 69 -5.74 -5.66 -7.60
CA SER A 69 -5.28 -5.41 -8.99
C SER A 69 -3.94 -6.11 -9.23
N HIS A 70 -3.11 -6.15 -8.23
CA HIS A 70 -1.78 -6.80 -8.39
C HIS A 70 -1.99 -8.25 -8.83
N LEU A 71 -2.87 -8.95 -8.17
CA LEU A 71 -3.12 -10.36 -8.53
C LEU A 71 -3.70 -10.42 -9.93
N ASP A 72 -4.58 -9.51 -10.24
CA ASP A 72 -5.20 -9.47 -11.59
C ASP A 72 -4.27 -8.76 -12.57
N ARG A 73 -4.25 -7.46 -12.53
CA ARG A 73 -3.38 -6.68 -13.46
C ARG A 73 -1.94 -6.64 -12.95
N HIS A 74 -0.99 -6.62 -13.85
CA HIS A 74 0.45 -6.58 -13.48
C HIS A 74 0.81 -7.78 -12.61
N ASP A 75 1.77 -8.57 -13.05
CA ASP A 75 2.20 -9.77 -12.27
C ASP A 75 3.39 -9.38 -11.38
N GLN A 76 4.05 -8.30 -11.70
CA GLN A 76 5.21 -7.85 -10.88
C GLN A 76 4.72 -7.12 -9.63
N GLY A 77 3.43 -6.90 -9.54
CA GLY A 77 2.85 -6.18 -8.35
C GLY A 77 3.54 -6.63 -7.06
N LEU A 78 3.12 -7.74 -6.52
CA LEU A 78 3.73 -8.26 -5.26
C LEU A 78 4.53 -9.52 -5.58
N ALA A 79 5.11 -9.58 -6.75
CA ALA A 79 5.92 -10.76 -7.15
C ALA A 79 7.09 -10.93 -6.17
N ASP A 80 7.63 -9.85 -5.71
CA ASP A 80 8.78 -9.92 -4.75
C ASP A 80 8.31 -10.60 -3.45
N LEU A 81 7.11 -10.32 -3.03
CA LEU A 81 6.60 -10.94 -1.78
C LEU A 81 5.98 -12.29 -2.13
N GLY A 82 5.89 -12.60 -3.39
CA GLY A 82 5.30 -13.91 -3.80
C GLY A 82 5.04 -13.90 -5.32
N MET A 1 -2.42 2.42 13.50
CA MET A 1 -1.59 1.60 14.44
C MET A 1 -1.83 0.12 14.14
N ASN A 2 -3.08 -0.29 14.12
CA ASN A 2 -3.40 -1.72 13.86
C ASN A 2 -3.45 -1.98 12.36
N VAL A 3 -3.01 -3.14 11.94
CA VAL A 3 -3.00 -3.47 10.48
C VAL A 3 -4.33 -4.11 10.08
N ALA A 4 -4.68 -4.00 8.83
CA ALA A 4 -5.95 -4.59 8.32
C ALA A 4 -5.64 -5.82 7.47
N HIS A 5 -6.50 -6.79 7.50
CA HIS A 5 -6.26 -8.05 6.71
C HIS A 5 -7.12 -8.05 5.45
N TYR A 6 -6.54 -8.45 4.35
CA TYR A 6 -7.30 -8.48 3.07
C TYR A 6 -6.76 -9.60 2.19
N ARG A 7 -7.62 -10.53 1.83
CA ARG A 7 -7.20 -11.69 0.98
C ARG A 7 -5.92 -12.33 1.52
N GLY A 8 -5.74 -12.27 2.81
CA GLY A 8 -4.53 -12.88 3.44
C GLY A 8 -3.42 -11.84 3.54
N TYR A 9 -3.50 -10.81 2.76
CA TYR A 9 -2.45 -9.75 2.79
C TYR A 9 -2.69 -8.80 3.95
N GLU A 10 -1.62 -8.34 4.57
CA GLU A 10 -1.76 -7.39 5.72
C GLU A 10 -1.41 -5.99 5.23
N ILE A 11 -2.17 -5.02 5.68
CA ILE A 11 -1.94 -3.60 5.27
C ILE A 11 -1.52 -2.77 6.48
N GLU A 12 -0.55 -1.92 6.28
CA GLU A 12 -0.06 -1.04 7.38
C GLU A 12 -0.28 0.43 6.97
N PRO A 13 -1.43 0.98 7.30
CA PRO A 13 -1.78 2.39 6.95
C PRO A 13 -0.73 3.40 7.42
N GLY A 14 -0.54 4.43 6.65
CA GLY A 14 0.48 5.46 7.03
C GLY A 14 0.43 6.62 6.03
N HIS A 15 1.37 7.52 6.14
CA HIS A 15 1.41 8.69 5.21
C HIS A 15 2.86 9.13 4.99
N GLN A 16 3.20 9.50 3.78
CA GLN A 16 4.58 9.94 3.49
C GLN A 16 4.63 10.55 2.08
N TYR A 17 5.59 11.40 1.84
CA TYR A 17 5.72 12.06 0.49
C TYR A 17 6.88 11.44 -0.27
N ARG A 18 6.69 11.20 -1.52
CA ARG A 18 7.76 10.60 -2.38
C ARG A 18 8.38 11.69 -3.26
N ASP A 19 9.68 11.64 -3.44
CA ASP A 19 10.36 12.67 -4.29
C ASP A 19 9.93 12.48 -5.74
N ASP A 20 9.24 11.42 -6.02
CA ASP A 20 8.78 11.17 -7.43
C ASP A 20 7.81 12.27 -7.84
N ILE A 21 6.92 12.63 -6.96
CA ILE A 21 5.91 13.71 -7.26
C ILE A 21 6.06 14.82 -6.22
N ARG A 22 7.12 14.78 -5.47
CA ARG A 22 7.37 15.83 -4.42
C ARG A 22 6.05 16.20 -3.73
N LYS A 23 5.18 15.24 -3.57
CA LYS A 23 3.86 15.52 -2.90
C LYS A 23 3.50 14.39 -1.95
N TYR A 24 2.49 14.62 -1.15
CA TYR A 24 2.05 13.59 -0.17
C TYR A 24 1.09 12.62 -0.83
N VAL A 25 1.26 11.36 -0.59
CA VAL A 25 0.36 10.33 -1.19
C VAL A 25 0.19 9.15 -0.23
N PRO A 26 -0.96 8.52 -0.23
CA PRO A 26 -1.23 7.35 0.66
C PRO A 26 0.00 6.45 0.79
N TYR A 27 0.61 6.44 1.93
CA TYR A 27 1.83 5.59 2.12
C TYR A 27 1.49 4.43 3.05
N ALA A 28 1.49 3.23 2.52
CA ALA A 28 1.18 2.03 3.37
C ALA A 28 2.11 0.88 2.97
N LEU A 29 2.48 0.07 3.93
CA LEU A 29 3.39 -1.09 3.65
C LEU A 29 2.57 -2.36 3.61
N ILE A 30 2.65 -3.09 2.53
CA ILE A 30 1.87 -4.36 2.39
C ILE A 30 2.84 -5.55 2.37
N ARG A 31 2.52 -6.56 3.14
CA ARG A 31 3.40 -7.77 3.19
C ARG A 31 2.54 -9.04 3.11
N LYS A 32 2.99 -10.00 2.35
CA LYS A 32 2.22 -11.26 2.20
C LYS A 32 2.51 -12.22 3.36
N VAL A 33 1.48 -12.80 3.91
CA VAL A 33 1.67 -13.74 5.06
C VAL A 33 2.34 -15.03 4.58
N GLY A 34 3.31 -15.49 5.32
CA GLY A 34 4.04 -16.74 4.96
C GLY A 34 5.45 -16.37 4.50
N VAL A 35 5.68 -15.11 4.23
CA VAL A 35 7.03 -14.67 3.79
C VAL A 35 7.23 -13.19 4.17
N PRO A 36 7.03 -12.85 5.42
CA PRO A 36 7.22 -11.46 5.92
C PRO A 36 8.70 -11.08 5.98
N ASP A 37 9.56 -12.05 5.81
CA ASP A 37 11.02 -11.77 5.86
C ASP A 37 11.43 -11.06 4.55
N ARG A 38 10.52 -10.92 3.64
CA ARG A 38 10.84 -10.26 2.34
C ARG A 38 10.68 -8.74 2.45
N THR A 39 11.61 -8.02 1.87
CA THR A 39 11.56 -6.53 1.95
C THR A 39 10.18 -6.02 1.47
N PRO A 40 9.47 -5.29 2.31
CA PRO A 40 8.11 -4.75 1.96
C PRO A 40 8.17 -3.60 0.96
N ILE A 41 7.13 -3.45 0.18
CA ILE A 41 7.08 -2.36 -0.83
C ILE A 41 5.91 -1.41 -0.51
N PRO A 42 6.13 -0.13 -0.48
CA PRO A 42 5.07 0.87 -0.16
C PRO A 42 4.06 1.02 -1.30
N THR A 43 2.82 1.26 -0.97
CA THR A 43 1.76 1.42 -2.02
C THR A 43 1.19 2.83 -1.96
N THR A 44 1.00 3.42 -3.12
CA THR A 44 0.45 4.81 -3.20
C THR A 44 -0.57 4.88 -4.32
N TYR A 45 -1.32 5.96 -4.37
CA TYR A 45 -2.35 6.13 -5.44
C TYR A 45 -2.14 7.48 -6.14
N PRO A 46 -2.39 7.56 -7.42
CA PRO A 46 -2.24 8.82 -8.19
C PRO A 46 -2.81 10.02 -7.42
N GLU A 47 -3.75 9.77 -6.56
CA GLU A 47 -4.37 10.87 -5.77
C GLU A 47 -3.38 11.43 -4.76
N PHE A 48 -3.63 12.62 -4.30
CA PHE A 48 -2.72 13.27 -3.30
C PHE A 48 -3.56 13.75 -2.11
N TYR A 49 -2.99 13.71 -0.95
CA TYR A 49 -3.72 14.16 0.27
C TYR A 49 -2.74 14.75 1.28
N ASP A 50 -2.96 15.99 1.65
CA ASP A 50 -2.07 16.65 2.65
C ASP A 50 -2.52 16.25 4.06
N LEU A 51 -3.74 15.80 4.18
CA LEU A 51 -4.26 15.40 5.52
C LEU A 51 -3.80 13.99 5.86
N GLU A 52 -3.36 13.80 7.08
CA GLU A 52 -2.88 12.45 7.51
C GLU A 52 -4.07 11.49 7.63
N ALA A 53 -5.17 11.96 8.14
CA ALA A 53 -6.37 11.09 8.30
C ALA A 53 -6.87 10.63 6.92
N ASP A 54 -6.90 11.53 5.98
CA ASP A 54 -7.37 11.18 4.61
C ASP A 54 -6.40 10.17 3.97
N ALA A 55 -5.13 10.35 4.18
CA ALA A 55 -4.13 9.42 3.57
C ALA A 55 -4.31 8.02 4.17
N GLU A 56 -4.56 7.94 5.44
CA GLU A 56 -4.74 6.60 6.09
C GLU A 56 -6.03 5.94 5.57
N ARG A 57 -7.09 6.67 5.51
CA ARG A 57 -8.38 6.10 5.01
C ARG A 57 -8.24 5.70 3.53
N VAL A 58 -7.65 6.54 2.76
CA VAL A 58 -7.46 6.25 1.30
C VAL A 58 -6.50 5.07 1.12
N SER A 59 -5.44 5.05 1.89
CA SER A 59 -4.45 3.96 1.77
C SER A 59 -5.13 2.60 1.97
N ILE A 60 -6.02 2.51 2.92
CA ILE A 60 -6.72 1.21 3.16
C ILE A 60 -7.58 0.85 1.94
N ALA A 61 -8.31 1.81 1.45
CA ALA A 61 -9.19 1.54 0.27
C ALA A 61 -8.34 1.26 -0.97
N CYS A 62 -7.44 2.15 -1.28
CA CYS A 62 -6.57 1.96 -2.48
C CYS A 62 -5.70 0.71 -2.29
N ALA A 63 -5.28 0.44 -1.08
CA ALA A 63 -4.43 -0.75 -0.84
C ALA A 63 -5.18 -2.00 -1.35
N LYS A 64 -6.45 -2.09 -1.07
CA LYS A 64 -7.24 -3.26 -1.55
C LYS A 64 -7.24 -3.25 -3.08
N ILE A 65 -7.36 -2.09 -3.67
CA ILE A 65 -7.36 -2.01 -5.16
C ILE A 65 -5.99 -2.45 -5.68
N ILE A 66 -4.95 -1.99 -5.04
CA ILE A 66 -3.57 -2.37 -5.47
C ILE A 66 -3.36 -3.88 -5.29
N ILE A 67 -3.80 -4.40 -4.19
CA ILE A 67 -3.64 -5.85 -3.93
C ILE A 67 -4.46 -6.64 -4.97
N ASP A 68 -5.67 -6.20 -5.21
CA ASP A 68 -6.53 -6.91 -6.20
C ASP A 68 -5.91 -6.79 -7.60
N SER A 69 -5.47 -5.62 -7.95
CA SER A 69 -4.85 -5.41 -9.29
C SER A 69 -3.58 -6.25 -9.41
N HIS A 70 -2.82 -6.34 -8.36
CA HIS A 70 -1.55 -7.14 -8.42
C HIS A 70 -1.88 -8.60 -8.73
N LEU A 71 -2.92 -9.12 -8.15
CA LEU A 71 -3.29 -10.55 -8.41
C LEU A 71 -3.65 -10.74 -9.90
N ASP A 72 -4.37 -9.80 -10.46
CA ASP A 72 -4.74 -9.92 -11.90
C ASP A 72 -3.56 -9.49 -12.76
N ARG A 73 -3.17 -8.25 -12.65
CA ARG A 73 -2.02 -7.74 -13.46
C ARG A 73 -1.65 -6.33 -12.99
N HIS A 74 -0.39 -6.09 -12.76
CA HIS A 74 0.05 -4.74 -12.31
C HIS A 74 1.56 -4.57 -12.56
N ASP A 75 2.05 -3.37 -12.43
CA ASP A 75 3.50 -3.10 -12.67
C ASP A 75 4.31 -3.40 -11.41
N GLN A 76 5.59 -3.15 -11.45
CA GLN A 76 6.47 -3.41 -10.29
C GLN A 76 5.77 -3.03 -8.98
N GLY A 77 5.11 -4.00 -8.38
CA GLY A 77 4.39 -3.72 -7.11
C GLY A 77 4.04 -5.03 -6.41
N LEU A 78 4.50 -5.18 -5.19
CA LEU A 78 4.22 -6.43 -4.43
C LEU A 78 4.77 -7.64 -5.18
N ALA A 79 5.39 -7.41 -6.30
CA ALA A 79 5.98 -8.53 -7.10
C ALA A 79 7.11 -9.19 -6.28
N ASP A 80 7.82 -8.42 -5.52
CA ASP A 80 8.93 -8.99 -4.69
C ASP A 80 8.38 -10.01 -3.70
N LEU A 81 7.27 -9.70 -3.10
CA LEU A 81 6.66 -10.65 -2.12
C LEU A 81 6.28 -11.96 -2.83
N GLY A 82 5.75 -11.85 -4.01
CA GLY A 82 5.35 -13.08 -4.77
C GLY A 82 5.02 -12.70 -6.21
N MET A 1 -7.71 -4.26 14.57
CA MET A 1 -6.75 -3.48 15.39
C MET A 1 -5.46 -3.26 14.61
N ASN A 2 -4.77 -2.20 14.90
CA ASN A 2 -3.48 -1.90 14.19
C ASN A 2 -3.63 -2.15 12.69
N VAL A 3 -3.16 -3.28 12.23
CA VAL A 3 -3.25 -3.60 10.78
C VAL A 3 -4.53 -4.38 10.49
N ALA A 4 -5.02 -4.27 9.29
CA ALA A 4 -6.28 -4.99 8.90
C ALA A 4 -5.97 -6.06 7.86
N HIS A 5 -6.57 -7.21 8.02
CA HIS A 5 -6.32 -8.33 7.06
C HIS A 5 -7.20 -8.17 5.82
N TYR A 6 -6.74 -8.65 4.70
CA TYR A 6 -7.55 -8.53 3.45
C TYR A 6 -7.18 -9.66 2.48
N ARG A 7 -8.09 -10.56 2.26
CA ARG A 7 -7.86 -11.71 1.33
C ARG A 7 -6.53 -12.39 1.66
N GLY A 8 -6.19 -12.47 2.91
CA GLY A 8 -4.93 -13.13 3.33
C GLY A 8 -3.77 -12.13 3.33
N TYR A 9 -4.02 -10.93 2.88
CA TYR A 9 -2.94 -9.90 2.86
C TYR A 9 -3.15 -8.87 3.98
N GLU A 10 -2.09 -8.52 4.64
CA GLU A 10 -2.18 -7.53 5.75
C GLU A 10 -2.02 -6.12 5.19
N ILE A 11 -2.72 -5.18 5.76
CA ILE A 11 -2.64 -3.76 5.28
C ILE A 11 -2.25 -2.87 6.44
N GLU A 12 -1.26 -2.04 6.23
CA GLU A 12 -0.80 -1.11 7.30
C GLU A 12 -0.93 0.35 6.80
N PRO A 13 -1.73 1.16 7.43
CA PRO A 13 -1.94 2.58 7.01
C PRO A 13 -0.76 3.49 7.37
N GLY A 14 -0.59 4.55 6.64
CA GLY A 14 0.53 5.49 6.94
C GLY A 14 0.58 6.58 5.88
N HIS A 15 1.65 7.33 5.86
CA HIS A 15 1.79 8.43 4.85
C HIS A 15 3.26 8.64 4.53
N GLN A 16 3.55 9.19 3.38
CA GLN A 16 4.96 9.45 2.99
C GLN A 16 5.00 10.62 2.01
N TYR A 17 6.11 11.31 1.96
CA TYR A 17 6.24 12.48 1.05
C TYR A 17 7.17 12.14 -0.12
N ARG A 18 6.69 12.29 -1.31
CA ARG A 18 7.51 11.99 -2.52
C ARG A 18 8.13 13.27 -3.05
N ASP A 19 9.37 13.21 -3.43
CA ASP A 19 10.06 14.42 -3.97
C ASP A 19 9.81 14.53 -5.47
N ASP A 20 9.51 13.43 -6.11
CA ASP A 20 9.24 13.46 -7.57
C ASP A 20 8.00 14.32 -7.86
N ILE A 21 6.96 14.14 -7.08
CA ILE A 21 5.71 14.93 -7.28
C ILE A 21 5.61 15.98 -6.17
N ARG A 22 6.67 16.13 -5.41
CA ARG A 22 6.69 17.14 -4.29
C ARG A 22 5.31 17.24 -3.62
N LYS A 23 4.68 16.11 -3.41
CA LYS A 23 3.33 16.10 -2.75
C LYS A 23 3.17 14.85 -1.90
N TYR A 24 2.24 14.89 -0.98
CA TYR A 24 1.99 13.73 -0.09
C TYR A 24 1.04 12.77 -0.76
N VAL A 25 1.32 11.50 -0.66
CA VAL A 25 0.44 10.48 -1.28
C VAL A 25 0.28 9.27 -0.34
N PRO A 26 -0.83 8.58 -0.42
CA PRO A 26 -1.09 7.39 0.44
C PRO A 26 0.12 6.45 0.50
N TYR A 27 0.45 6.01 1.68
CA TYR A 27 1.62 5.09 1.84
C TYR A 27 1.28 4.02 2.86
N ALA A 28 1.20 2.78 2.44
CA ALA A 28 0.88 1.67 3.38
C ALA A 28 1.75 0.46 3.04
N LEU A 29 2.04 -0.34 4.03
CA LEU A 29 2.89 -1.55 3.81
C LEU A 29 2.01 -2.79 3.74
N ILE A 30 2.17 -3.56 2.71
CA ILE A 30 1.36 -4.81 2.54
C ILE A 30 2.24 -6.03 2.77
N ARG A 31 1.79 -6.93 3.61
CA ARG A 31 2.60 -8.15 3.91
C ARG A 31 1.83 -9.39 3.46
N LYS A 32 2.52 -10.31 2.83
CA LYS A 32 1.87 -11.55 2.33
C LYS A 32 2.19 -12.70 3.29
N VAL A 33 1.17 -13.25 3.89
CA VAL A 33 1.39 -14.38 4.84
C VAL A 33 1.63 -15.67 4.07
N GLY A 34 2.78 -16.25 4.26
CA GLY A 34 3.12 -17.53 3.55
C GLY A 34 4.53 -17.42 2.98
N VAL A 35 4.99 -16.21 2.73
CA VAL A 35 6.36 -16.04 2.15
C VAL A 35 7.34 -15.55 3.25
N PRO A 36 8.45 -16.23 3.43
CA PRO A 36 9.48 -15.82 4.44
C PRO A 36 9.87 -14.33 4.33
N ASP A 37 10.99 -14.00 4.90
CA ASP A 37 11.47 -12.57 4.85
C ASP A 37 11.71 -12.13 3.40
N ARG A 38 11.43 -10.90 3.11
CA ARG A 38 11.63 -10.38 1.73
C ARG A 38 11.70 -8.85 1.74
N THR A 39 11.72 -8.27 0.56
CA THR A 39 11.79 -6.79 0.47
C THR A 39 10.36 -6.20 0.56
N PRO A 40 10.16 -5.20 1.39
CA PRO A 40 8.81 -4.56 1.56
C PRO A 40 8.41 -3.71 0.36
N ILE A 41 7.20 -3.91 -0.12
CA ILE A 41 6.70 -3.12 -1.29
C ILE A 41 5.54 -2.22 -0.84
N PRO A 42 5.77 -0.93 -0.73
CA PRO A 42 4.72 0.04 -0.30
C PRO A 42 3.70 0.32 -1.41
N THR A 43 2.47 0.55 -1.04
CA THR A 43 1.41 0.83 -2.06
C THR A 43 1.02 2.31 -1.98
N THR A 44 0.95 2.94 -3.13
CA THR A 44 0.58 4.39 -3.18
C THR A 44 -0.41 4.61 -4.32
N TYR A 45 -1.02 5.77 -4.35
CA TYR A 45 -2.00 6.09 -5.42
C TYR A 45 -1.68 7.49 -5.99
N PRO A 46 -1.82 7.67 -7.29
CA PRO A 46 -1.56 8.99 -7.94
C PRO A 46 -2.20 10.14 -7.15
N GLU A 47 -3.35 9.90 -6.57
CA GLU A 47 -4.04 10.97 -5.80
C GLU A 47 -3.19 11.38 -4.60
N PHE A 48 -3.23 12.63 -4.25
CA PHE A 48 -2.43 13.14 -3.09
C PHE A 48 -3.35 13.85 -2.11
N TYR A 49 -3.02 13.79 -0.85
CA TYR A 49 -3.84 14.47 0.19
C TYR A 49 -2.91 15.18 1.19
N ASP A 50 -3.20 16.43 1.45
CA ASP A 50 -2.37 17.22 2.40
C ASP A 50 -2.55 16.65 3.81
N LEU A 51 -3.73 16.20 4.14
CA LEU A 51 -3.98 15.66 5.50
C LEU A 51 -3.36 14.26 5.63
N GLU A 52 -2.70 14.04 6.74
CA GLU A 52 -2.05 12.73 6.98
C GLU A 52 -3.12 11.67 7.29
N ALA A 53 -4.12 12.05 8.04
CA ALA A 53 -5.21 11.08 8.39
C ALA A 53 -5.95 10.64 7.11
N ASP A 54 -6.19 11.55 6.22
CA ASP A 54 -6.88 11.19 4.95
C ASP A 54 -6.02 10.22 4.15
N ALA A 55 -4.73 10.39 4.19
CA ALA A 55 -3.82 9.48 3.45
C ALA A 55 -3.97 8.06 3.99
N GLU A 56 -4.12 7.94 5.29
CA GLU A 56 -4.28 6.59 5.91
C GLU A 56 -5.58 5.96 5.41
N ARG A 57 -6.64 6.70 5.40
CA ARG A 57 -7.95 6.15 4.92
C ARG A 57 -7.85 5.79 3.44
N VAL A 58 -7.26 6.65 2.65
CA VAL A 58 -7.11 6.38 1.20
C VAL A 58 -6.16 5.19 0.98
N SER A 59 -5.09 5.14 1.74
CA SER A 59 -4.11 4.03 1.58
C SER A 59 -4.81 2.69 1.80
N ILE A 60 -5.69 2.62 2.75
CA ILE A 60 -6.42 1.34 3.01
C ILE A 60 -7.29 0.99 1.80
N ALA A 61 -8.02 1.95 1.29
CA ALA A 61 -8.89 1.70 0.11
C ALA A 61 -8.01 1.38 -1.11
N CYS A 62 -7.08 2.25 -1.40
CA CYS A 62 -6.19 2.03 -2.57
C CYS A 62 -5.43 0.71 -2.39
N ALA A 63 -5.00 0.43 -1.19
CA ALA A 63 -4.26 -0.83 -0.93
C ALA A 63 -5.08 -2.03 -1.45
N LYS A 64 -6.37 -2.00 -1.25
CA LYS A 64 -7.22 -3.13 -1.73
C LYS A 64 -7.10 -3.23 -3.25
N ILE A 65 -7.10 -2.12 -3.93
CA ILE A 65 -6.98 -2.16 -5.42
C ILE A 65 -5.61 -2.74 -5.81
N ILE A 66 -4.57 -2.32 -5.14
CA ILE A 66 -3.22 -2.85 -5.47
C ILE A 66 -3.18 -4.36 -5.19
N ILE A 67 -3.73 -4.77 -4.08
CA ILE A 67 -3.72 -6.22 -3.75
C ILE A 67 -4.52 -6.99 -4.81
N ASP A 68 -5.64 -6.48 -5.19
CA ASP A 68 -6.47 -7.17 -6.23
C ASP A 68 -5.70 -7.20 -7.55
N SER A 69 -5.10 -6.09 -7.90
CA SER A 69 -4.31 -6.03 -9.18
C SER A 69 -3.14 -7.01 -9.11
N HIS A 70 -2.56 -7.15 -7.94
CA HIS A 70 -1.40 -8.09 -7.78
C HIS A 70 -1.83 -9.50 -8.15
N LEU A 71 -3.00 -9.90 -7.73
CA LEU A 71 -3.49 -11.28 -8.07
C LEU A 71 -3.66 -11.38 -9.58
N ASP A 72 -4.18 -10.36 -10.19
CA ASP A 72 -4.39 -10.39 -11.68
C ASP A 72 -3.09 -9.93 -12.36
N ARG A 73 -2.78 -8.67 -12.26
CA ARG A 73 -1.54 -8.14 -12.91
C ARG A 73 -0.31 -8.47 -12.08
N HIS A 74 0.79 -8.73 -12.72
CA HIS A 74 2.06 -9.06 -12.00
C HIS A 74 3.15 -8.08 -12.46
N ASP A 75 2.76 -6.89 -12.85
CA ASP A 75 3.76 -5.88 -13.32
C ASP A 75 4.33 -5.13 -12.12
N GLN A 76 5.40 -5.64 -11.56
CA GLN A 76 6.04 -4.98 -10.38
C GLN A 76 5.10 -5.01 -9.17
N GLY A 77 3.82 -5.08 -9.43
CA GLY A 77 2.83 -5.11 -8.31
C GLY A 77 3.20 -6.18 -7.29
N LEU A 78 3.63 -5.76 -6.13
CA LEU A 78 4.01 -6.73 -5.05
C LEU A 78 4.71 -7.95 -5.67
N ALA A 79 5.45 -7.74 -6.72
CA ALA A 79 6.15 -8.86 -7.39
C ALA A 79 7.19 -9.48 -6.44
N ASP A 80 7.82 -8.66 -5.65
CA ASP A 80 8.85 -9.19 -4.69
C ASP A 80 8.16 -10.09 -3.66
N LEU A 81 6.96 -9.74 -3.27
CA LEU A 81 6.24 -10.57 -2.27
C LEU A 81 5.57 -11.76 -2.97
N GLY A 82 5.65 -11.80 -4.27
CA GLY A 82 5.03 -12.93 -5.01
C GLY A 82 5.23 -12.73 -6.52
N MET A 1 -7.99 -3.34 13.08
CA MET A 1 -7.12 -2.59 14.04
C MET A 1 -5.67 -2.66 13.55
N ASN A 2 -4.84 -1.75 14.02
CA ASN A 2 -3.41 -1.74 13.61
C ASN A 2 -3.27 -2.04 12.11
N VAL A 3 -3.07 -3.28 11.76
CA VAL A 3 -2.91 -3.67 10.33
C VAL A 3 -4.13 -4.48 9.89
N ALA A 4 -4.71 -4.14 8.77
CA ALA A 4 -5.90 -4.89 8.27
C ALA A 4 -5.43 -6.01 7.33
N HIS A 5 -6.26 -7.01 7.13
CA HIS A 5 -5.88 -8.15 6.24
C HIS A 5 -6.72 -8.09 4.96
N TYR A 6 -6.13 -8.44 3.84
CA TYR A 6 -6.90 -8.40 2.56
C TYR A 6 -6.30 -9.43 1.59
N ARG A 7 -7.10 -10.33 1.09
CA ARG A 7 -6.59 -11.36 0.14
C ARG A 7 -5.39 -12.08 0.78
N GLY A 8 -5.33 -12.12 2.09
CA GLY A 8 -4.21 -12.83 2.77
C GLY A 8 -3.00 -11.90 2.92
N TYR A 9 -3.13 -10.67 2.48
CA TYR A 9 -1.99 -9.69 2.59
C TYR A 9 -2.28 -8.70 3.70
N GLU A 10 -1.27 -8.34 4.45
CA GLU A 10 -1.48 -7.37 5.56
C GLU A 10 -1.37 -5.94 5.02
N ILE A 11 -2.09 -5.03 5.61
CA ILE A 11 -2.04 -3.60 5.16
C ILE A 11 -1.68 -2.71 6.33
N GLU A 12 -0.70 -1.84 6.16
CA GLU A 12 -0.28 -0.92 7.26
C GLU A 12 -0.60 0.53 6.86
N PRO A 13 -1.53 1.20 7.53
CA PRO A 13 -1.89 2.61 7.16
C PRO A 13 -0.82 3.63 7.58
N GLY A 14 -0.80 4.77 6.95
CA GLY A 14 0.22 5.81 7.30
C GLY A 14 0.21 6.92 6.24
N HIS A 15 1.24 7.73 6.21
CA HIS A 15 1.31 8.83 5.20
C HIS A 15 2.77 9.11 4.82
N GLN A 16 3.03 9.47 3.60
CA GLN A 16 4.42 9.77 3.18
C GLN A 16 4.40 10.46 1.82
N TYR A 17 5.33 11.34 1.58
CA TYR A 17 5.39 12.07 0.28
C TYR A 17 6.57 11.54 -0.53
N ARG A 18 6.36 11.34 -1.81
CA ARG A 18 7.47 10.80 -2.66
C ARG A 18 8.30 11.96 -3.22
N ASP A 19 9.60 11.82 -3.19
CA ASP A 19 10.48 12.89 -3.70
C ASP A 19 10.38 12.96 -5.23
N ASP A 20 9.91 11.90 -5.84
CA ASP A 20 9.79 11.89 -7.33
C ASP A 20 8.82 12.98 -7.78
N ILE A 21 7.69 13.09 -7.13
CA ILE A 21 6.69 14.13 -7.49
C ILE A 21 6.57 15.14 -6.34
N ARG A 22 7.30 14.92 -5.29
CA ARG A 22 7.27 15.85 -4.13
C ARG A 22 5.82 16.17 -3.75
N LYS A 23 5.01 15.15 -3.59
CA LYS A 23 3.58 15.37 -3.19
C LYS A 23 3.18 14.31 -2.17
N TYR A 24 2.17 14.59 -1.39
CA TYR A 24 1.72 13.62 -0.36
C TYR A 24 0.74 12.63 -0.98
N VAL A 25 0.95 11.35 -0.74
CA VAL A 25 0.00 10.33 -1.31
C VAL A 25 -0.12 9.16 -0.34
N PRO A 26 -1.27 8.51 -0.30
CA PRO A 26 -1.49 7.35 0.61
C PRO A 26 -0.25 6.46 0.71
N TYR A 27 0.41 6.46 1.84
CA TYR A 27 1.63 5.60 1.99
C TYR A 27 1.30 4.42 2.89
N ALA A 28 1.31 3.22 2.37
CA ALA A 28 1.01 2.03 3.22
C ALA A 28 1.99 0.90 2.87
N LEU A 29 2.24 0.02 3.79
CA LEU A 29 3.18 -1.11 3.52
C LEU A 29 2.37 -2.41 3.44
N ILE A 30 2.59 -3.18 2.40
CA ILE A 30 1.85 -4.46 2.22
C ILE A 30 2.79 -5.63 2.48
N ARG A 31 2.39 -6.54 3.33
CA ARG A 31 3.25 -7.73 3.64
C ARG A 31 2.41 -9.00 3.52
N LYS A 32 2.98 -10.02 2.94
CA LYS A 32 2.22 -11.30 2.77
C LYS A 32 2.28 -12.10 4.07
N VAL A 33 1.18 -12.69 4.47
CA VAL A 33 1.16 -13.48 5.72
C VAL A 33 1.99 -14.76 5.55
N GLY A 34 3.20 -14.77 6.06
CA GLY A 34 4.07 -15.98 5.94
C GLY A 34 5.49 -15.55 5.59
N VAL A 35 5.66 -14.37 5.05
CA VAL A 35 7.03 -13.90 4.69
C VAL A 35 7.07 -12.36 4.74
N PRO A 36 6.71 -11.78 5.86
CA PRO A 36 6.72 -10.30 6.03
C PRO A 36 8.16 -9.77 6.14
N ASP A 37 9.11 -10.64 6.31
CA ASP A 37 10.53 -10.21 6.42
C ASP A 37 11.05 -9.81 5.05
N ARG A 38 10.25 -9.95 4.03
CA ARG A 38 10.71 -9.59 2.66
C ARG A 38 10.58 -8.08 2.48
N THR A 39 11.62 -7.44 1.96
CA THR A 39 11.60 -5.96 1.73
C THR A 39 10.17 -5.50 1.36
N PRO A 40 9.40 -5.00 2.30
CA PRO A 40 8.00 -4.54 2.04
C PRO A 40 7.93 -3.52 0.90
N ILE A 41 6.89 -3.57 0.11
CA ILE A 41 6.75 -2.61 -1.03
C ILE A 41 5.65 -1.59 -0.67
N PRO A 42 5.90 -0.30 -0.81
CA PRO A 42 4.89 0.75 -0.47
C PRO A 42 3.77 0.82 -1.52
N THR A 43 2.58 1.16 -1.10
CA THR A 43 1.43 1.28 -2.05
C THR A 43 0.88 2.70 -2.01
N THR A 44 0.66 3.28 -3.17
CA THR A 44 0.13 4.68 -3.26
C THR A 44 -0.97 4.72 -4.31
N TYR A 45 -1.72 5.79 -4.37
CA TYR A 45 -2.82 5.90 -5.38
C TYR A 45 -2.68 7.22 -6.16
N PRO A 46 -2.97 7.24 -7.44
CA PRO A 46 -2.88 8.49 -8.26
C PRO A 46 -3.48 9.70 -7.52
N GLU A 47 -4.41 9.46 -6.64
CA GLU A 47 -5.05 10.58 -5.90
C GLU A 47 -4.02 11.24 -4.98
N PHE A 48 -4.31 12.42 -4.49
CA PHE A 48 -3.36 13.14 -3.57
C PHE A 48 -4.11 13.56 -2.32
N TYR A 49 -3.44 13.60 -1.20
CA TYR A 49 -4.12 14.03 0.07
C TYR A 49 -3.11 14.69 1.00
N ASP A 50 -3.24 15.96 1.19
CA ASP A 50 -2.30 16.70 2.08
C ASP A 50 -2.48 16.23 3.53
N LEU A 51 -3.68 15.89 3.91
CA LEU A 51 -3.93 15.45 5.31
C LEU A 51 -3.49 14.01 5.53
N GLU A 52 -2.87 13.74 6.63
CA GLU A 52 -2.41 12.36 6.94
C GLU A 52 -3.62 11.48 7.25
N ALA A 53 -4.61 12.03 7.91
CA ALA A 53 -5.82 11.25 8.27
C ALA A 53 -6.47 10.69 7.00
N ASP A 54 -6.68 11.52 6.02
CA ASP A 54 -7.30 11.05 4.75
C ASP A 54 -6.35 10.06 4.07
N ALA A 55 -5.07 10.29 4.16
CA ALA A 55 -4.09 9.38 3.52
C ALA A 55 -4.19 7.99 4.16
N GLU A 56 -4.36 7.93 5.45
CA GLU A 56 -4.44 6.61 6.14
C GLU A 56 -5.74 5.89 5.70
N ARG A 57 -6.85 6.56 5.76
CA ARG A 57 -8.13 5.91 5.37
C ARG A 57 -8.08 5.53 3.88
N VAL A 58 -7.60 6.41 3.06
CA VAL A 58 -7.51 6.11 1.60
C VAL A 58 -6.52 4.97 1.37
N SER A 59 -5.41 4.99 2.03
CA SER A 59 -4.40 3.92 1.84
C SER A 59 -5.05 2.55 2.08
N ILE A 60 -5.87 2.44 3.08
CA ILE A 60 -6.52 1.13 3.37
C ILE A 60 -7.42 0.75 2.18
N ALA A 61 -8.21 1.68 1.71
CA ALA A 61 -9.11 1.38 0.57
C ALA A 61 -8.29 1.13 -0.70
N CYS A 62 -7.37 2.02 -0.98
CA CYS A 62 -6.53 1.86 -2.20
C CYS A 62 -5.69 0.58 -2.07
N ALA A 63 -5.27 0.25 -0.88
CA ALA A 63 -4.45 -0.97 -0.70
C ALA A 63 -5.25 -2.19 -1.17
N LYS A 64 -6.52 -2.24 -0.85
CA LYS A 64 -7.33 -3.40 -1.29
C LYS A 64 -7.39 -3.44 -2.82
N ILE A 65 -7.60 -2.30 -3.43
CA ILE A 65 -7.67 -2.25 -4.92
C ILE A 65 -6.26 -2.54 -5.49
N ILE A 66 -5.24 -1.97 -4.91
CA ILE A 66 -3.86 -2.20 -5.42
C ILE A 66 -3.51 -3.68 -5.30
N ILE A 67 -3.82 -4.28 -4.18
CA ILE A 67 -3.50 -5.73 -4.01
C ILE A 67 -4.32 -6.56 -5.00
N ASP A 68 -5.59 -6.26 -5.13
CA ASP A 68 -6.44 -7.02 -6.09
C ASP A 68 -6.00 -6.75 -7.53
N SER A 69 -5.89 -5.50 -7.88
CA SER A 69 -5.46 -5.15 -9.27
C SER A 69 -4.05 -5.70 -9.51
N HIS A 70 -3.19 -5.57 -8.54
CA HIS A 70 -1.79 -6.07 -8.71
C HIS A 70 -1.83 -7.53 -9.14
N LEU A 71 -2.67 -8.32 -8.54
CA LEU A 71 -2.75 -9.76 -8.91
C LEU A 71 -3.19 -9.87 -10.37
N ASP A 72 -4.16 -9.08 -10.76
CA ASP A 72 -4.65 -9.14 -12.17
C ASP A 72 -4.01 -8.01 -13.01
N ARG A 73 -2.94 -7.44 -12.52
CA ARG A 73 -2.28 -6.33 -13.28
C ARG A 73 -0.83 -6.17 -12.82
N HIS A 74 0.10 -6.22 -13.73
CA HIS A 74 1.54 -6.07 -13.38
C HIS A 74 1.87 -6.89 -12.13
N ASP A 75 2.35 -8.09 -12.32
CA ASP A 75 2.72 -8.95 -11.16
C ASP A 75 4.10 -8.56 -10.65
N GLN A 76 4.75 -7.67 -11.34
CA GLN A 76 6.12 -7.22 -10.91
C GLN A 76 6.02 -6.45 -9.59
N GLY A 77 4.96 -5.70 -9.42
CA GLY A 77 4.79 -4.89 -8.18
C GLY A 77 5.15 -5.71 -6.93
N LEU A 78 4.17 -6.27 -6.27
CA LEU A 78 4.45 -7.04 -5.02
C LEU A 78 5.09 -8.40 -5.37
N ALA A 79 5.95 -8.41 -6.37
CA ALA A 79 6.61 -9.68 -6.76
C ALA A 79 7.54 -10.15 -5.62
N ASP A 80 8.15 -9.22 -4.94
CA ASP A 80 9.08 -9.60 -3.84
C ASP A 80 8.28 -10.34 -2.76
N LEU A 81 7.07 -9.94 -2.53
CA LEU A 81 6.23 -10.61 -1.48
C LEU A 81 5.62 -11.89 -2.06
N GLY A 82 5.86 -12.15 -3.31
CA GLY A 82 5.29 -13.38 -3.93
C GLY A 82 5.81 -13.52 -5.36
N MET A 1 -0.01 -4.01 15.42
CA MET A 1 -0.31 -2.87 16.34
C MET A 1 -1.54 -2.13 15.82
N ASN A 2 -1.54 -1.79 14.55
CA ASN A 2 -2.70 -1.06 13.97
C ASN A 2 -2.82 -1.45 12.49
N VAL A 3 -2.23 -2.56 12.11
CA VAL A 3 -2.28 -3.00 10.69
C VAL A 3 -3.60 -3.72 10.41
N ALA A 4 -4.02 -3.72 9.17
CA ALA A 4 -5.29 -4.39 8.79
C ALA A 4 -4.98 -5.59 7.88
N HIS A 5 -5.66 -6.68 8.10
CA HIS A 5 -5.42 -7.89 7.27
C HIS A 5 -6.38 -7.91 6.08
N TYR A 6 -5.88 -8.30 4.93
CA TYR A 6 -6.74 -8.34 3.71
C TYR A 6 -6.26 -9.45 2.78
N ARG A 7 -7.13 -10.38 2.48
CA ARG A 7 -6.77 -11.51 1.58
C ARG A 7 -5.49 -12.21 2.08
N GLY A 8 -5.28 -12.17 3.36
CA GLY A 8 -4.08 -12.84 3.95
C GLY A 8 -2.88 -11.89 3.89
N TYR A 9 -3.08 -10.70 3.38
CA TYR A 9 -1.97 -9.72 3.28
C TYR A 9 -2.12 -8.64 4.35
N GLU A 10 -1.02 -8.26 4.95
CA GLU A 10 -1.06 -7.21 6.00
C GLU A 10 -0.97 -5.83 5.36
N ILE A 11 -1.74 -4.89 5.85
CA ILE A 11 -1.72 -3.52 5.28
C ILE A 11 -1.38 -2.51 6.38
N GLU A 12 -0.43 -1.65 6.11
CA GLU A 12 -0.01 -0.62 7.11
C GLU A 12 -0.19 0.78 6.50
N PRO A 13 -1.33 1.40 6.71
CA PRO A 13 -1.63 2.74 6.14
C PRO A 13 -0.97 3.87 6.93
N GLY A 14 -0.62 4.94 6.26
CA GLY A 14 0.03 6.08 6.95
C GLY A 14 0.27 7.23 5.96
N HIS A 15 0.48 8.41 6.47
CA HIS A 15 0.72 9.59 5.58
C HIS A 15 2.22 9.79 5.37
N GLN A 16 2.64 9.82 4.14
CA GLN A 16 4.09 10.01 3.84
C GLN A 16 4.24 10.74 2.51
N TYR A 17 5.34 11.45 2.35
CA TYR A 17 5.60 12.20 1.09
C TYR A 17 6.70 11.52 0.30
N ARG A 18 6.52 11.41 -0.99
CA ARG A 18 7.54 10.75 -1.85
C ARG A 18 8.45 11.82 -2.48
N ASP A 19 9.73 11.55 -2.53
CA ASP A 19 10.69 12.52 -3.12
C ASP A 19 10.45 12.63 -4.63
N ASP A 20 9.88 11.61 -5.21
CA ASP A 20 9.63 11.63 -6.69
C ASP A 20 8.67 12.78 -7.05
N ILE A 21 7.62 12.95 -6.29
CA ILE A 21 6.65 14.04 -6.57
C ILE A 21 6.75 15.10 -5.48
N ARG A 22 7.54 14.84 -4.46
CA ARG A 22 7.71 15.82 -3.35
C ARG A 22 6.33 16.28 -2.85
N LYS A 23 5.41 15.35 -2.72
CA LYS A 23 4.05 15.70 -2.23
C LYS A 23 3.50 14.56 -1.38
N TYR A 24 2.44 14.83 -0.64
CA TYR A 24 1.85 13.80 0.23
C TYR A 24 0.86 12.94 -0.56
N VAL A 25 1.02 11.64 -0.49
CA VAL A 25 0.10 10.73 -1.22
C VAL A 25 -0.09 9.43 -0.42
N PRO A 26 -1.25 8.82 -0.51
CA PRO A 26 -1.54 7.56 0.23
C PRO A 26 -0.35 6.60 0.22
N TYR A 27 0.27 6.42 1.35
CA TYR A 27 1.45 5.50 1.44
C TYR A 27 1.10 4.32 2.33
N ALA A 28 1.16 3.13 1.79
CA ALA A 28 0.82 1.91 2.60
C ALA A 28 1.83 0.80 2.28
N LEU A 29 2.16 0.01 3.27
CA LEU A 29 3.12 -1.10 3.07
C LEU A 29 2.36 -2.42 3.07
N ILE A 30 2.61 -3.26 2.10
CA ILE A 30 1.92 -4.58 2.02
C ILE A 30 2.93 -5.71 2.21
N ARG A 31 2.65 -6.60 3.13
CA ARG A 31 3.59 -7.74 3.39
C ARG A 31 2.78 -9.04 3.49
N LYS A 32 3.24 -10.07 2.83
CA LYS A 32 2.52 -11.37 2.85
C LYS A 32 2.88 -12.14 4.13
N VAL A 33 1.89 -12.74 4.74
CA VAL A 33 2.12 -13.51 5.98
C VAL A 33 2.94 -14.77 5.68
N GLY A 34 3.96 -15.03 6.46
CA GLY A 34 4.82 -16.22 6.26
C GLY A 34 6.13 -15.80 5.60
N VAL A 35 6.14 -14.66 4.94
CA VAL A 35 7.40 -14.20 4.28
C VAL A 35 7.38 -12.67 4.12
N PRO A 36 7.18 -11.95 5.19
CA PRO A 36 7.15 -10.46 5.17
C PRO A 36 8.56 -9.89 4.97
N ASP A 37 9.56 -10.73 5.12
CA ASP A 37 10.97 -10.27 4.95
C ASP A 37 11.37 -10.37 3.48
N ARG A 38 10.49 -10.02 2.57
CA ARG A 38 10.81 -10.08 1.12
C ARG A 38 10.83 -8.67 0.54
N THR A 39 11.63 -7.81 1.12
CA THR A 39 11.71 -6.40 0.63
C THR A 39 10.31 -5.86 0.33
N PRO A 40 9.62 -5.40 1.34
CA PRO A 40 8.24 -4.87 1.20
C PRO A 40 8.15 -3.75 0.17
N ILE A 41 7.06 -3.69 -0.56
CA ILE A 41 6.88 -2.64 -1.60
C ILE A 41 5.68 -1.76 -1.20
N PRO A 42 5.84 -0.46 -1.23
CA PRO A 42 4.74 0.48 -0.85
C PRO A 42 3.68 0.59 -1.94
N THR A 43 2.45 0.84 -1.55
CA THR A 43 1.35 0.97 -2.54
C THR A 43 0.88 2.42 -2.57
N THR A 44 0.72 2.96 -3.75
CA THR A 44 0.29 4.38 -3.90
C THR A 44 -0.79 4.47 -4.96
N TYR A 45 -1.52 5.55 -4.96
CA TYR A 45 -2.60 5.74 -5.97
C TYR A 45 -2.64 7.22 -6.37
N PRO A 46 -2.74 7.53 -7.65
CA PRO A 46 -2.80 8.94 -8.14
C PRO A 46 -3.74 9.82 -7.29
N GLU A 47 -3.29 10.21 -6.13
CA GLU A 47 -4.13 11.04 -5.22
C GLU A 47 -3.22 11.97 -4.40
N PHE A 48 -3.71 13.13 -4.07
CA PHE A 48 -2.89 14.10 -3.27
C PHE A 48 -3.69 14.54 -2.04
N TYR A 49 -3.19 14.27 -0.87
CA TYR A 49 -3.91 14.67 0.38
C TYR A 49 -2.89 15.16 1.42
N ASP A 50 -3.16 16.29 2.00
CA ASP A 50 -2.26 16.85 3.05
C ASP A 50 -2.74 16.35 4.42
N LEU A 51 -4.00 16.04 4.52
CA LEU A 51 -4.56 15.57 5.81
C LEU A 51 -4.15 14.11 6.05
N GLU A 52 -3.89 13.77 7.29
CA GLU A 52 -3.48 12.37 7.61
C GLU A 52 -4.69 11.43 7.52
N ALA A 53 -5.83 11.88 7.98
CA ALA A 53 -7.05 11.01 7.92
C ALA A 53 -7.35 10.63 6.47
N ASP A 54 -7.29 11.58 5.58
CA ASP A 54 -7.58 11.28 4.15
C ASP A 54 -6.52 10.32 3.59
N ALA A 55 -5.28 10.54 3.93
CA ALA A 55 -4.20 9.64 3.44
C ALA A 55 -4.38 8.23 4.03
N GLU A 56 -4.67 8.16 5.29
CA GLU A 56 -4.86 6.83 5.93
C GLU A 56 -6.12 6.16 5.39
N ARG A 57 -7.19 6.90 5.29
CA ARG A 57 -8.47 6.33 4.77
C ARG A 57 -8.27 5.90 3.31
N VAL A 58 -7.67 6.73 2.52
CA VAL A 58 -7.44 6.39 1.09
C VAL A 58 -6.42 5.25 0.98
N SER A 59 -5.38 5.30 1.77
CA SER A 59 -4.35 4.23 1.71
C SER A 59 -5.00 2.86 1.91
N ILE A 60 -5.94 2.76 2.81
CA ILE A 60 -6.62 1.45 3.03
C ILE A 60 -7.43 1.09 1.78
N ALA A 61 -8.14 2.03 1.24
CA ALA A 61 -8.96 1.75 0.02
C ALA A 61 -8.04 1.44 -1.15
N CYS A 62 -6.96 2.16 -1.28
CA CYS A 62 -6.02 1.92 -2.40
C CYS A 62 -5.34 0.56 -2.21
N ALA A 63 -4.88 0.28 -1.02
CA ALA A 63 -4.20 -1.02 -0.75
C ALA A 63 -5.07 -2.16 -1.29
N LYS A 64 -6.35 -2.09 -1.06
CA LYS A 64 -7.25 -3.17 -1.55
C LYS A 64 -7.23 -3.19 -3.09
N ILE A 65 -7.27 -2.03 -3.71
CA ILE A 65 -7.25 -1.97 -5.20
C ILE A 65 -5.91 -2.50 -5.72
N ILE A 66 -4.84 -2.09 -5.13
CA ILE A 66 -3.49 -2.55 -5.59
C ILE A 66 -3.36 -4.06 -5.33
N ILE A 67 -3.76 -4.52 -4.18
CA ILE A 67 -3.66 -5.97 -3.89
C ILE A 67 -4.59 -6.75 -4.83
N ASP A 68 -5.79 -6.27 -5.03
CA ASP A 68 -6.74 -6.96 -5.94
C ASP A 68 -6.23 -6.90 -7.38
N SER A 69 -5.76 -5.76 -7.79
CA SER A 69 -5.24 -5.61 -9.19
C SER A 69 -4.00 -6.47 -9.37
N HIS A 70 -3.14 -6.51 -8.39
CA HIS A 70 -1.89 -7.33 -8.51
C HIS A 70 -2.27 -8.79 -8.75
N LEU A 71 -3.25 -9.29 -8.04
CA LEU A 71 -3.67 -10.70 -8.20
C LEU A 71 -4.17 -10.93 -9.63
N ASP A 72 -4.95 -10.01 -10.13
CA ASP A 72 -5.48 -10.16 -11.51
C ASP A 72 -4.45 -9.66 -12.52
N ARG A 73 -3.51 -8.85 -12.08
CA ARG A 73 -2.47 -8.31 -13.00
C ARG A 73 -1.13 -8.27 -12.28
N HIS A 74 -0.34 -9.31 -12.41
CA HIS A 74 0.99 -9.34 -11.73
C HIS A 74 1.81 -8.14 -12.18
N ASP A 75 1.81 -7.85 -13.47
CA ASP A 75 2.59 -6.69 -14.01
C ASP A 75 3.91 -6.53 -13.24
N GLN A 76 3.93 -5.66 -12.27
CA GLN A 76 5.16 -5.46 -11.48
C GLN A 76 4.85 -4.59 -10.26
N GLY A 77 4.62 -5.21 -9.13
CA GLY A 77 4.30 -4.44 -7.89
C GLY A 77 4.59 -5.30 -6.66
N LEU A 78 3.74 -6.27 -6.38
CA LEU A 78 3.95 -7.16 -5.21
C LEU A 78 4.48 -8.52 -5.69
N ALA A 79 4.98 -8.58 -6.89
CA ALA A 79 5.53 -9.88 -7.41
C ALA A 79 6.72 -10.31 -6.54
N ASP A 80 7.40 -9.37 -5.95
CA ASP A 80 8.56 -9.69 -5.08
C ASP A 80 8.07 -10.49 -3.86
N LEU A 81 6.89 -10.22 -3.40
CA LEU A 81 6.35 -10.94 -2.22
C LEU A 81 5.82 -12.31 -2.64
N GLY A 82 5.84 -12.60 -3.91
CA GLY A 82 5.34 -13.92 -4.38
C GLY A 82 5.38 -13.99 -5.90
N MET A 1 -4.45 -4.46 17.00
CA MET A 1 -4.86 -4.83 15.61
C MET A 1 -4.71 -3.61 14.71
N ASN A 2 -3.57 -2.98 14.78
CA ASN A 2 -3.31 -1.78 13.94
C ASN A 2 -3.30 -2.17 12.47
N VAL A 3 -2.72 -3.31 12.16
CA VAL A 3 -2.65 -3.77 10.74
C VAL A 3 -3.91 -4.55 10.37
N ALA A 4 -4.46 -4.24 9.24
CA ALA A 4 -5.70 -4.93 8.78
C ALA A 4 -5.34 -6.11 7.89
N HIS A 5 -6.24 -7.05 7.74
CA HIS A 5 -5.99 -8.25 6.90
C HIS A 5 -6.86 -8.23 5.66
N TYR A 6 -6.39 -8.85 4.62
CA TYR A 6 -7.18 -8.89 3.34
C TYR A 6 -7.07 -10.28 2.71
N ARG A 7 -6.84 -10.32 1.42
CA ARG A 7 -6.74 -11.62 0.70
C ARG A 7 -5.44 -12.31 1.06
N GLY A 8 -5.17 -12.45 2.33
CA GLY A 8 -3.93 -13.14 2.78
C GLY A 8 -2.80 -12.12 2.94
N TYR A 9 -3.03 -10.90 2.54
CA TYR A 9 -1.96 -9.85 2.65
C TYR A 9 -2.28 -8.88 3.79
N GLU A 10 -1.27 -8.52 4.54
CA GLU A 10 -1.47 -7.58 5.68
C GLU A 10 -1.40 -6.14 5.17
N ILE A 11 -2.19 -5.28 5.75
CA ILE A 11 -2.20 -3.85 5.32
C ILE A 11 -1.95 -2.94 6.51
N GLU A 12 -1.05 -2.01 6.36
CA GLU A 12 -0.73 -1.07 7.47
C GLU A 12 -0.88 0.38 6.97
N PRO A 13 -1.69 1.19 7.61
CA PRO A 13 -1.92 2.61 7.20
C PRO A 13 -0.75 3.52 7.59
N GLY A 14 -0.63 4.63 6.90
CA GLY A 14 0.48 5.57 7.22
C GLY A 14 0.50 6.71 6.21
N HIS A 15 1.55 7.50 6.23
CA HIS A 15 1.65 8.64 5.28
C HIS A 15 3.12 8.91 4.94
N GLN A 16 3.37 9.34 3.75
CA GLN A 16 4.78 9.63 3.32
C GLN A 16 4.75 10.36 1.98
N TYR A 17 5.73 11.18 1.73
CA TYR A 17 5.78 11.94 0.44
C TYR A 17 6.90 11.40 -0.44
N ARG A 18 6.66 11.37 -1.72
CA ARG A 18 7.68 10.86 -2.68
C ARG A 18 8.49 12.03 -3.23
N ASP A 19 9.77 11.85 -3.31
CA ASP A 19 10.66 12.93 -3.83
C ASP A 19 10.40 13.14 -5.32
N ASP A 20 9.83 12.17 -5.97
CA ASP A 20 9.54 12.29 -7.42
C ASP A 20 8.57 13.45 -7.66
N ILE A 21 7.57 13.56 -6.83
CA ILE A 21 6.57 14.66 -6.98
C ILE A 21 6.64 15.59 -5.76
N ARG A 22 7.48 15.25 -4.82
CA ARG A 22 7.63 16.09 -3.58
C ARG A 22 6.26 16.40 -3.00
N LYS A 23 5.37 15.44 -3.00
CA LYS A 23 4.00 15.66 -2.44
C LYS A 23 3.58 14.49 -1.57
N TYR A 24 2.60 14.71 -0.74
CA TYR A 24 2.13 13.64 0.18
C TYR A 24 1.09 12.78 -0.53
N VAL A 25 1.28 11.49 -0.51
CA VAL A 25 0.31 10.57 -1.16
C VAL A 25 0.08 9.35 -0.26
N PRO A 26 -1.12 8.79 -0.28
CA PRO A 26 -1.46 7.62 0.55
C PRO A 26 -0.32 6.61 0.64
N TYR A 27 0.29 6.53 1.79
CA TYR A 27 1.44 5.58 1.97
C TYR A 27 0.99 4.39 2.82
N ALA A 28 1.03 3.22 2.25
CA ALA A 28 0.61 2.00 3.00
C ALA A 28 1.62 0.88 2.76
N LEU A 29 1.91 0.13 3.77
CA LEU A 29 2.89 -1.00 3.63
C LEU A 29 2.14 -2.31 3.60
N ILE A 30 2.40 -3.11 2.60
CA ILE A 30 1.72 -4.43 2.46
C ILE A 30 2.76 -5.55 2.58
N ARG A 31 2.47 -6.51 3.42
CA ARG A 31 3.43 -7.65 3.61
C ARG A 31 2.67 -8.98 3.47
N LYS A 32 3.26 -9.89 2.75
CA LYS A 32 2.62 -11.22 2.54
C LYS A 32 2.89 -12.14 3.72
N VAL A 33 1.90 -12.85 4.16
CA VAL A 33 2.06 -13.78 5.31
C VAL A 33 2.96 -14.95 4.92
N GLY A 34 3.91 -15.27 5.75
CA GLY A 34 4.84 -16.40 5.46
C GLY A 34 6.20 -15.83 5.05
N VAL A 35 6.21 -14.64 4.53
CA VAL A 35 7.51 -14.02 4.10
C VAL A 35 7.40 -12.49 4.18
N PRO A 36 7.28 -11.95 5.36
CA PRO A 36 7.18 -10.48 5.56
C PRO A 36 8.40 -9.76 4.97
N ASP A 37 9.54 -10.39 5.06
CA ASP A 37 10.80 -9.79 4.53
C ASP A 37 10.67 -9.53 3.03
N ARG A 38 11.62 -10.01 2.26
CA ARG A 38 11.62 -9.81 0.79
C ARG A 38 11.58 -8.33 0.48
N THR A 39 11.59 -7.53 1.50
CA THR A 39 11.58 -6.05 1.33
C THR A 39 10.14 -5.58 1.01
N PRO A 40 9.44 -5.05 1.97
CA PRO A 40 8.04 -4.56 1.75
C PRO A 40 7.92 -3.61 0.55
N ILE A 41 6.82 -3.68 -0.14
CA ILE A 41 6.60 -2.80 -1.33
C ILE A 41 5.44 -1.84 -1.04
N PRO A 42 5.74 -0.64 -0.58
CA PRO A 42 4.70 0.37 -0.25
C PRO A 42 3.72 0.60 -1.41
N THR A 43 2.48 0.81 -1.08
CA THR A 43 1.43 1.03 -2.14
C THR A 43 1.01 2.50 -2.16
N THR A 44 0.84 3.03 -3.33
CA THR A 44 0.42 4.45 -3.47
C THR A 44 -0.60 4.57 -4.60
N TYR A 45 -1.26 5.69 -4.68
CA TYR A 45 -2.27 5.90 -5.75
C TYR A 45 -2.13 7.32 -6.32
N PRO A 46 -2.23 7.49 -7.63
CA PRO A 46 -2.13 8.83 -8.28
C PRO A 46 -3.05 9.88 -7.62
N GLU A 47 -2.69 10.31 -6.44
CA GLU A 47 -3.52 11.32 -5.73
C GLU A 47 -2.78 11.78 -4.47
N PHE A 48 -2.89 13.03 -4.14
CA PHE A 48 -2.21 13.57 -2.92
C PHE A 48 -3.24 14.25 -2.02
N TYR A 49 -2.99 14.23 -0.74
CA TYR A 49 -3.91 14.87 0.23
C TYR A 49 -3.10 15.62 1.30
N ASP A 50 -3.47 16.84 1.55
CA ASP A 50 -2.76 17.65 2.57
C ASP A 50 -3.16 17.16 3.96
N LEU A 51 -4.23 16.41 4.03
CA LEU A 51 -4.71 15.88 5.35
C LEU A 51 -4.20 14.46 5.54
N GLU A 52 -3.61 14.20 6.68
CA GLU A 52 -3.06 12.85 6.99
C GLU A 52 -4.20 11.83 7.15
N ALA A 53 -5.29 12.24 7.74
CA ALA A 53 -6.43 11.30 7.94
C ALA A 53 -6.93 10.79 6.59
N ASP A 54 -7.03 11.66 5.63
CA ASP A 54 -7.49 11.24 4.27
C ASP A 54 -6.47 10.27 3.66
N ALA A 55 -5.21 10.53 3.87
CA ALA A 55 -4.15 9.63 3.31
C ALA A 55 -4.25 8.25 3.95
N GLU A 56 -4.50 8.21 5.23
CA GLU A 56 -4.61 6.89 5.94
C GLU A 56 -5.84 6.13 5.45
N ARG A 57 -6.96 6.78 5.40
CA ARG A 57 -8.21 6.11 4.94
C ARG A 57 -8.07 5.69 3.47
N VAL A 58 -7.55 6.57 2.67
CA VAL A 58 -7.36 6.27 1.22
C VAL A 58 -6.30 5.19 1.06
N SER A 59 -5.24 5.27 1.80
CA SER A 59 -4.14 4.26 1.69
C SER A 59 -4.70 2.87 1.95
N ILE A 60 -5.58 2.74 2.92
CA ILE A 60 -6.17 1.41 3.22
C ILE A 60 -7.02 0.95 2.03
N ALA A 61 -7.80 1.84 1.49
CA ALA A 61 -8.66 1.48 0.31
C ALA A 61 -7.77 1.21 -0.91
N CYS A 62 -6.74 1.98 -1.06
CA CYS A 62 -5.82 1.80 -2.21
C CYS A 62 -5.10 0.45 -2.08
N ALA A 63 -4.77 0.09 -0.87
CA ALA A 63 -4.05 -1.20 -0.63
C ALA A 63 -4.92 -2.36 -1.10
N LYS A 64 -6.18 -2.32 -0.78
CA LYS A 64 -7.09 -3.42 -1.21
C LYS A 64 -7.19 -3.43 -2.74
N ILE A 65 -7.29 -2.28 -3.34
CA ILE A 65 -7.40 -2.20 -4.82
C ILE A 65 -6.10 -2.69 -5.46
N ILE A 66 -4.98 -2.28 -4.91
CA ILE A 66 -3.67 -2.71 -5.48
C ILE A 66 -3.52 -4.22 -5.36
N ILE A 67 -3.88 -4.77 -4.24
CA ILE A 67 -3.76 -6.23 -4.03
C ILE A 67 -4.67 -6.96 -5.03
N ASP A 68 -5.88 -6.49 -5.18
CA ASP A 68 -6.83 -7.15 -6.13
C ASP A 68 -6.32 -6.96 -7.57
N SER A 69 -5.83 -5.78 -7.87
CA SER A 69 -5.32 -5.50 -9.24
C SER A 69 -4.13 -6.41 -9.56
N HIS A 70 -3.24 -6.58 -8.61
CA HIS A 70 -2.05 -7.44 -8.86
C HIS A 70 -2.50 -8.88 -9.16
N LEU A 71 -3.38 -9.39 -8.35
CA LEU A 71 -3.87 -10.79 -8.58
C LEU A 71 -4.62 -10.85 -9.91
N ASP A 72 -5.42 -9.86 -10.19
CA ASP A 72 -6.21 -9.84 -11.46
C ASP A 72 -5.41 -9.13 -12.55
N ARG A 73 -5.37 -7.83 -12.51
CA ARG A 73 -4.64 -7.06 -13.55
C ARG A 73 -3.13 -7.35 -13.47
N HIS A 74 -2.37 -6.42 -12.97
CA HIS A 74 -0.90 -6.61 -12.87
C HIS A 74 -0.27 -5.36 -12.23
N ASP A 75 0.30 -4.50 -13.04
CA ASP A 75 0.94 -3.26 -12.51
C ASP A 75 2.00 -3.64 -11.46
N GLN A 76 2.63 -4.77 -11.65
CA GLN A 76 3.68 -5.25 -10.70
C GLN A 76 3.19 -5.09 -9.27
N GLY A 77 3.98 -4.47 -8.45
CA GLY A 77 3.62 -4.26 -7.02
C GLY A 77 3.40 -5.61 -6.32
N LEU A 78 3.86 -5.71 -5.11
CA LEU A 78 3.70 -6.97 -4.33
C LEU A 78 4.40 -8.11 -5.07
N ALA A 79 4.99 -7.82 -6.19
CA ALA A 79 5.70 -8.86 -6.98
C ALA A 79 6.89 -9.38 -6.17
N ASP A 80 7.58 -8.50 -5.49
CA ASP A 80 8.75 -8.94 -4.68
C ASP A 80 8.25 -9.73 -3.48
N LEU A 81 7.00 -9.58 -3.15
CA LEU A 81 6.41 -10.32 -1.99
C LEU A 81 5.75 -11.61 -2.51
N GLY A 82 5.83 -11.84 -3.79
CA GLY A 82 5.21 -13.07 -4.37
C GLY A 82 5.40 -13.07 -5.89
N MET A 1 -5.81 -2.44 16.96
CA MET A 1 -5.88 -2.89 15.53
C MET A 1 -4.92 -2.06 14.70
N ASN A 2 -3.67 -2.43 14.68
CA ASN A 2 -2.66 -1.68 13.90
C ASN A 2 -2.77 -2.06 12.42
N VAL A 3 -2.24 -3.18 12.05
CA VAL A 3 -2.29 -3.62 10.63
C VAL A 3 -3.59 -4.34 10.33
N ALA A 4 -4.00 -4.34 9.09
CA ALA A 4 -5.27 -5.00 8.69
C ALA A 4 -4.99 -6.09 7.65
N HIS A 5 -5.58 -7.23 7.83
CA HIS A 5 -5.38 -8.37 6.90
C HIS A 5 -6.38 -8.28 5.74
N TYR A 6 -5.92 -8.52 4.55
CA TYR A 6 -6.80 -8.47 3.36
C TYR A 6 -6.29 -9.45 2.30
N ARG A 7 -7.15 -10.34 1.87
CA ARG A 7 -6.77 -11.35 0.84
C ARG A 7 -5.53 -12.11 1.30
N GLY A 8 -5.33 -12.18 2.58
CA GLY A 8 -4.16 -12.91 3.14
C GLY A 8 -2.95 -11.99 3.18
N TYR A 9 -3.15 -10.75 2.83
CA TYR A 9 -2.02 -9.77 2.83
C TYR A 9 -2.19 -8.78 4.00
N GLU A 10 -1.09 -8.43 4.61
CA GLU A 10 -1.13 -7.47 5.75
C GLU A 10 -1.09 -6.05 5.22
N ILE A 11 -1.78 -5.16 5.87
CA ILE A 11 -1.80 -3.73 5.43
C ILE A 11 -1.35 -2.81 6.55
N GLU A 12 -0.42 -1.95 6.25
CA GLU A 12 0.10 -0.99 7.28
C GLU A 12 0.06 0.43 6.69
N PRO A 13 -0.98 1.19 6.98
CA PRO A 13 -1.14 2.58 6.45
C PRO A 13 -0.27 3.60 7.18
N GLY A 14 -0.04 4.72 6.54
CA GLY A 14 0.77 5.78 7.17
C GLY A 14 1.03 6.90 6.16
N HIS A 15 0.72 8.11 6.53
CA HIS A 15 0.93 9.27 5.63
C HIS A 15 2.41 9.51 5.41
N GLN A 16 2.78 9.85 4.20
CA GLN A 16 4.19 10.13 3.88
C GLN A 16 4.29 10.84 2.54
N TYR A 17 5.30 11.65 2.38
CA TYR A 17 5.49 12.41 1.10
C TYR A 17 6.58 11.75 0.26
N ARG A 18 6.33 11.65 -1.01
CA ARG A 18 7.32 10.99 -1.94
C ARG A 18 8.17 12.07 -2.61
N ASP A 19 9.45 11.83 -2.68
CA ASP A 19 10.38 12.81 -3.32
C ASP A 19 10.17 12.78 -4.84
N ASP A 20 9.56 11.75 -5.34
CA ASP A 20 9.32 11.64 -6.81
C ASP A 20 8.39 12.76 -7.25
N ILE A 21 7.36 13.03 -6.48
CA ILE A 21 6.39 14.12 -6.83
C ILE A 21 6.51 15.24 -5.79
N ARG A 22 7.27 14.99 -4.75
CA ARG A 22 7.46 16.01 -3.67
C ARG A 22 6.10 16.51 -3.19
N LYS A 23 5.23 15.60 -2.86
CA LYS A 23 3.86 15.98 -2.38
C LYS A 23 3.36 14.98 -1.34
N TYR A 24 2.28 15.33 -0.70
CA TYR A 24 1.70 14.44 0.35
C TYR A 24 0.78 13.43 -0.31
N VAL A 25 1.04 12.17 -0.07
CA VAL A 25 0.19 11.11 -0.66
C VAL A 25 0.16 9.90 0.28
N PRO A 26 -0.87 9.09 0.19
CA PRO A 26 -1.02 7.88 1.03
C PRO A 26 0.14 6.90 0.81
N TYR A 27 0.65 6.35 1.87
CA TYR A 27 1.79 5.39 1.77
C TYR A 27 1.55 4.23 2.73
N ALA A 28 1.42 3.04 2.19
CA ALA A 28 1.19 1.84 3.05
C ALA A 28 2.10 0.70 2.62
N LEU A 29 2.40 -0.18 3.54
CA LEU A 29 3.29 -1.35 3.23
C LEU A 29 2.47 -2.62 3.19
N ILE A 30 2.65 -3.39 2.15
CA ILE A 30 1.90 -4.67 2.00
C ILE A 30 2.86 -5.85 2.20
N ARG A 31 2.49 -6.76 3.07
CA ARG A 31 3.35 -7.94 3.34
C ARG A 31 2.48 -9.21 3.40
N LYS A 32 2.94 -10.25 2.75
CA LYS A 32 2.19 -11.54 2.72
C LYS A 32 2.55 -12.38 3.95
N VAL A 33 1.56 -12.93 4.58
CA VAL A 33 1.78 -13.77 5.79
C VAL A 33 2.53 -15.05 5.43
N GLY A 34 3.53 -15.36 6.20
CA GLY A 34 4.34 -16.59 5.94
C GLY A 34 5.44 -16.29 4.94
N VAL A 35 5.74 -15.03 4.75
CA VAL A 35 6.81 -14.64 3.79
C VAL A 35 7.54 -13.38 4.30
N PRO A 36 8.21 -13.50 5.42
CA PRO A 36 8.98 -12.36 6.01
C PRO A 36 10.33 -12.14 5.33
N ASP A 37 11.14 -11.29 5.90
CA ASP A 37 12.49 -10.99 5.33
C ASP A 37 12.44 -10.96 3.80
N ARG A 38 12.16 -9.81 3.26
CA ARG A 38 12.08 -9.66 1.78
C ARG A 38 12.06 -8.18 1.40
N THR A 39 11.88 -7.90 0.14
CA THR A 39 11.85 -6.51 -0.34
C THR A 39 10.45 -5.91 -0.11
N PRO A 40 10.38 -4.74 0.49
CA PRO A 40 9.07 -4.07 0.77
C PRO A 40 8.41 -3.53 -0.50
N ILE A 41 7.14 -3.78 -0.65
CA ILE A 41 6.39 -3.29 -1.85
C ILE A 41 5.31 -2.30 -1.39
N PRO A 42 5.68 -1.05 -1.20
CA PRO A 42 4.72 0.01 -0.74
C PRO A 42 3.69 0.36 -1.81
N THR A 43 2.49 0.65 -1.38
CA THR A 43 1.41 1.02 -2.34
C THR A 43 1.15 2.52 -2.28
N THR A 44 1.03 3.13 -3.42
CA THR A 44 0.79 4.59 -3.51
C THR A 44 -0.30 4.89 -4.53
N TYR A 45 -0.82 6.08 -4.53
CA TYR A 45 -1.90 6.46 -5.48
C TYR A 45 -1.46 7.73 -6.25
N PRO A 46 -1.87 7.84 -7.50
CA PRO A 46 -1.53 9.02 -8.35
C PRO A 46 -2.28 10.28 -7.89
N GLU A 47 -3.24 10.11 -7.03
CA GLU A 47 -4.04 11.27 -6.53
C GLU A 47 -3.25 12.03 -5.47
N PHE A 48 -3.83 13.05 -4.92
CA PHE A 48 -3.13 13.86 -3.87
C PHE A 48 -4.04 14.05 -2.66
N TYR A 49 -3.43 14.12 -1.50
CA TYR A 49 -4.21 14.32 -0.24
C TYR A 49 -3.37 15.10 0.77
N ASP A 50 -3.60 16.37 0.85
CA ASP A 50 -2.84 17.23 1.81
C ASP A 50 -3.32 16.90 3.23
N LEU A 51 -4.45 16.27 3.35
CA LEU A 51 -5.00 15.92 4.70
C LEU A 51 -4.51 14.53 5.11
N GLU A 52 -4.03 14.43 6.32
CA GLU A 52 -3.52 13.13 6.82
C GLU A 52 -4.69 12.15 6.98
N ALA A 53 -5.81 12.63 7.45
CA ALA A 53 -7.00 11.75 7.66
C ALA A 53 -7.39 11.09 6.34
N ASP A 54 -7.51 11.86 5.29
CA ASP A 54 -7.90 11.29 3.97
C ASP A 54 -6.80 10.34 3.50
N ALA A 55 -5.57 10.69 3.73
CA ALA A 55 -4.43 9.82 3.29
C ALA A 55 -4.54 8.47 3.98
N GLU A 56 -4.86 8.47 5.24
CA GLU A 56 -4.96 7.18 5.99
C GLU A 56 -6.16 6.39 5.48
N ARG A 57 -7.29 7.03 5.34
CA ARG A 57 -8.51 6.32 4.86
C ARG A 57 -8.29 5.84 3.42
N VAL A 58 -7.73 6.68 2.60
CA VAL A 58 -7.47 6.30 1.18
C VAL A 58 -6.39 5.22 1.14
N SER A 59 -5.38 5.34 1.95
CA SER A 59 -4.28 4.34 1.94
C SER A 59 -4.85 2.94 2.13
N ILE A 60 -5.76 2.78 3.06
CA ILE A 60 -6.38 1.44 3.29
C ILE A 60 -7.19 1.03 2.07
N ALA A 61 -7.96 1.95 1.54
CA ALA A 61 -8.80 1.65 0.35
C ALA A 61 -7.92 1.32 -0.86
N CYS A 62 -6.83 2.04 -1.02
CA CYS A 62 -5.92 1.78 -2.16
C CYS A 62 -5.25 0.42 -1.98
N ALA A 63 -4.70 0.17 -0.83
CA ALA A 63 -4.02 -1.14 -0.58
C ALA A 63 -4.88 -2.28 -1.08
N LYS A 64 -6.15 -2.24 -0.79
CA LYS A 64 -7.06 -3.32 -1.25
C LYS A 64 -7.15 -3.30 -2.78
N ILE A 65 -7.22 -2.13 -3.35
CA ILE A 65 -7.32 -2.00 -4.84
C ILE A 65 -6.03 -2.50 -5.49
N ILE A 66 -4.91 -2.14 -4.95
CA ILE A 66 -3.61 -2.58 -5.52
C ILE A 66 -3.48 -4.11 -5.42
N ILE A 67 -3.83 -4.67 -4.30
CA ILE A 67 -3.72 -6.14 -4.13
C ILE A 67 -4.69 -6.83 -5.09
N ASP A 68 -5.90 -6.35 -5.17
CA ASP A 68 -6.91 -6.96 -6.09
C ASP A 68 -6.47 -6.76 -7.54
N SER A 69 -6.03 -5.58 -7.86
CA SER A 69 -5.58 -5.29 -9.25
C SER A 69 -4.34 -6.13 -9.57
N HIS A 70 -3.47 -6.30 -8.61
CA HIS A 70 -2.25 -7.11 -8.83
C HIS A 70 -2.64 -8.53 -9.27
N LEU A 71 -3.65 -9.07 -8.66
CA LEU A 71 -4.10 -10.44 -9.02
C LEU A 71 -4.59 -10.46 -10.47
N ASP A 72 -5.32 -9.44 -10.85
CA ASP A 72 -5.83 -9.39 -12.25
C ASP A 72 -4.98 -8.42 -13.09
N ARG A 73 -5.12 -7.15 -12.84
CA ARG A 73 -4.34 -6.13 -13.62
C ARG A 73 -2.98 -5.88 -12.97
N HIS A 74 -2.41 -4.74 -13.25
CA HIS A 74 -1.08 -4.38 -12.68
C HIS A 74 -0.17 -5.60 -12.65
N ASP A 75 0.56 -5.82 -13.72
CA ASP A 75 1.48 -6.99 -13.79
C ASP A 75 2.66 -6.77 -12.83
N GLN A 76 3.09 -7.83 -12.20
CA GLN A 76 4.23 -7.76 -11.25
C GLN A 76 3.93 -6.75 -10.14
N GLY A 77 4.52 -6.96 -9.00
CA GLY A 77 4.30 -6.04 -7.85
C GLY A 77 4.46 -6.81 -6.53
N LEU A 78 3.59 -7.75 -6.28
CA LEU A 78 3.66 -8.54 -5.01
C LEU A 78 4.40 -9.84 -5.29
N ALA A 79 5.03 -9.93 -6.42
CA ALA A 79 5.79 -11.15 -6.78
C ALA A 79 6.94 -11.36 -5.79
N ASP A 80 7.58 -10.30 -5.39
CA ASP A 80 8.72 -10.41 -4.44
C ASP A 80 8.19 -10.90 -3.09
N LEU A 81 7.01 -10.49 -2.73
CA LEU A 81 6.42 -10.92 -1.43
C LEU A 81 5.70 -12.25 -1.61
N GLY A 82 5.63 -12.72 -2.82
CA GLY A 82 4.94 -14.02 -3.09
C GLY A 82 5.97 -15.14 -3.22
N MET A 1 -0.82 -1.10 16.88
CA MET A 1 -0.82 -2.19 15.87
C MET A 1 -2.25 -2.38 15.34
N ASN A 2 -2.65 -1.57 14.39
CA ASN A 2 -4.03 -1.67 13.80
C ASN A 2 -3.91 -2.04 12.32
N VAL A 3 -3.11 -3.01 12.01
CA VAL A 3 -2.94 -3.41 10.57
C VAL A 3 -4.16 -4.21 10.12
N ALA A 4 -4.66 -3.94 8.94
CA ALA A 4 -5.85 -4.69 8.45
C ALA A 4 -5.39 -5.87 7.58
N HIS A 5 -6.26 -6.81 7.33
CA HIS A 5 -5.90 -8.00 6.49
C HIS A 5 -6.79 -8.04 5.24
N TYR A 6 -6.25 -8.46 4.13
CA TYR A 6 -7.07 -8.52 2.88
C TYR A 6 -6.51 -9.61 1.96
N ARG A 7 -7.32 -10.59 1.64
CA ARG A 7 -6.85 -11.68 0.73
C ARG A 7 -5.53 -12.27 1.25
N GLY A 8 -5.33 -12.27 2.54
CA GLY A 8 -4.08 -12.86 3.10
C GLY A 8 -2.95 -11.82 3.12
N TYR A 9 -3.23 -10.61 2.74
CA TYR A 9 -2.17 -9.53 2.74
C TYR A 9 -2.42 -8.58 3.91
N GLU A 10 -1.40 -8.21 4.62
CA GLU A 10 -1.56 -7.28 5.76
C GLU A 10 -1.38 -5.85 5.27
N ILE A 11 -2.11 -4.91 5.84
CA ILE A 11 -2.00 -3.48 5.40
C ILE A 11 -1.54 -2.62 6.58
N GLU A 12 -0.51 -1.82 6.37
CA GLU A 12 0.03 -0.94 7.45
C GLU A 12 0.01 0.51 6.94
N PRO A 13 -1.03 1.28 7.21
CA PRO A 13 -1.11 2.68 6.72
C PRO A 13 -0.25 3.65 7.52
N GLY A 14 0.02 4.80 6.97
CA GLY A 14 0.86 5.80 7.68
C GLY A 14 1.01 7.03 6.80
N HIS A 15 0.88 6.86 5.51
CA HIS A 15 1.00 8.01 4.56
C HIS A 15 2.47 8.42 4.43
N GLN A 16 2.82 9.02 3.32
CA GLN A 16 4.22 9.48 3.15
C GLN A 16 4.28 10.35 1.90
N TYR A 17 5.26 11.22 1.82
CA TYR A 17 5.39 12.11 0.63
C TYR A 17 6.55 11.62 -0.24
N ARG A 18 6.37 11.59 -1.53
CA ARG A 18 7.47 11.10 -2.42
C ARG A 18 8.29 12.29 -2.91
N ASP A 19 9.59 12.15 -2.90
CA ASP A 19 10.46 13.26 -3.38
C ASP A 19 10.31 13.44 -4.88
N ASP A 20 9.84 12.42 -5.56
CA ASP A 20 9.66 12.55 -7.03
C ASP A 20 8.70 13.70 -7.33
N ILE A 21 7.57 13.73 -6.67
CA ILE A 21 6.58 14.83 -6.90
C ILE A 21 6.61 15.79 -5.71
N ARG A 22 7.38 15.49 -4.69
CA ARG A 22 7.44 16.38 -3.50
C ARG A 22 6.02 16.72 -3.04
N LYS A 23 5.18 15.73 -2.89
CA LYS A 23 3.77 15.97 -2.44
C LYS A 23 3.30 14.80 -1.58
N TYR A 24 2.21 14.97 -0.87
CA TYR A 24 1.70 13.88 0.00
C TYR A 24 0.76 12.98 -0.80
N VAL A 25 1.02 11.70 -0.80
CA VAL A 25 0.14 10.75 -1.55
C VAL A 25 0.06 9.44 -0.77
N PRO A 26 -0.99 8.67 -0.92
CA PRO A 26 -1.13 7.38 -0.19
C PRO A 26 0.16 6.57 -0.21
N TYR A 27 0.58 6.09 0.93
CA TYR A 27 1.84 5.30 1.01
C TYR A 27 1.70 4.32 2.18
N ALA A 28 1.67 3.04 1.90
CA ALA A 28 1.53 2.04 3.00
C ALA A 28 2.41 0.82 2.69
N LEU A 29 2.67 0.01 3.68
CA LEU A 29 3.52 -1.20 3.48
C LEU A 29 2.61 -2.43 3.49
N ILE A 30 2.76 -3.30 2.51
CA ILE A 30 1.91 -4.53 2.44
C ILE A 30 2.78 -5.78 2.60
N ARG A 31 2.37 -6.69 3.44
CA ARG A 31 3.15 -7.95 3.66
C ARG A 31 2.23 -9.15 3.43
N LYS A 32 2.70 -10.16 2.76
CA LYS A 32 1.85 -11.36 2.49
C LYS A 32 2.15 -12.44 3.52
N VAL A 33 1.14 -12.90 4.21
CA VAL A 33 1.33 -13.96 5.24
C VAL A 33 1.77 -15.26 4.56
N GLY A 34 1.15 -15.60 3.46
CA GLY A 34 1.50 -16.86 2.75
C GLY A 34 3.01 -17.08 2.71
N VAL A 35 3.77 -16.09 2.31
CA VAL A 35 5.26 -16.27 2.25
C VAL A 35 5.90 -15.68 3.52
N PRO A 36 7.05 -16.19 3.94
CA PRO A 36 7.76 -15.68 5.16
C PRO A 36 7.87 -14.15 5.21
N ASP A 37 8.72 -13.64 6.05
CA ASP A 37 8.89 -12.17 6.17
C ASP A 37 9.81 -11.68 5.06
N ARG A 38 9.24 -11.17 3.99
CA ARG A 38 10.06 -10.65 2.86
C ARG A 38 10.05 -9.12 2.89
N THR A 39 11.04 -8.51 2.28
CA THR A 39 11.09 -7.02 2.27
C THR A 39 9.70 -6.45 1.94
N PRO A 40 9.22 -5.47 2.67
CA PRO A 40 7.88 -4.88 2.38
C PRO A 40 7.90 -4.02 1.11
N ILE A 41 6.81 -3.98 0.40
CA ILE A 41 6.74 -3.17 -0.86
C ILE A 41 5.75 -2.02 -0.64
N PRO A 42 6.09 -0.80 -1.00
CA PRO A 42 5.18 0.36 -0.81
C PRO A 42 4.02 0.38 -1.81
N THR A 43 2.90 0.92 -1.42
CA THR A 43 1.71 0.99 -2.33
C THR A 43 1.21 2.44 -2.38
N THR A 44 0.98 2.95 -3.56
CA THR A 44 0.48 4.36 -3.70
C THR A 44 -0.63 4.40 -4.75
N TYR A 45 -1.38 5.47 -4.79
CA TYR A 45 -2.49 5.59 -5.80
C TYR A 45 -2.49 7.03 -6.36
N PRO A 46 -2.34 7.21 -7.67
CA PRO A 46 -2.33 8.57 -8.29
C PRO A 46 -3.41 9.50 -7.73
N GLU A 47 -3.14 10.14 -6.62
CA GLU A 47 -4.12 11.08 -6.02
C GLU A 47 -3.43 11.86 -4.90
N PHE A 48 -3.85 13.09 -4.64
CA PHE A 48 -3.17 13.91 -3.57
C PHE A 48 -4.05 14.06 -2.33
N TYR A 49 -3.43 14.17 -1.18
CA TYR A 49 -4.18 14.37 0.10
C TYR A 49 -3.25 15.01 1.13
N ASP A 50 -3.43 16.28 1.38
CA ASP A 50 -2.53 16.97 2.36
C ASP A 50 -2.90 16.58 3.80
N LEU A 51 -3.96 15.84 3.98
CA LEU A 51 -4.38 15.44 5.36
C LEU A 51 -3.98 13.98 5.63
N GLU A 52 -3.34 13.73 6.74
CA GLU A 52 -2.93 12.34 7.07
C GLU A 52 -4.18 11.49 7.32
N ALA A 53 -5.16 12.03 7.98
CA ALA A 53 -6.40 11.25 8.25
C ALA A 53 -6.98 10.76 6.92
N ASP A 54 -7.16 11.64 5.98
CA ASP A 54 -7.72 11.22 4.67
C ASP A 54 -6.73 10.28 3.97
N ALA A 55 -5.47 10.57 4.08
CA ALA A 55 -4.45 9.70 3.42
C ALA A 55 -4.49 8.29 4.04
N GLU A 56 -4.65 8.19 5.33
CA GLU A 56 -4.72 6.85 5.96
C GLU A 56 -5.98 6.13 5.50
N ARG A 57 -7.10 6.82 5.47
CA ARG A 57 -8.35 6.17 5.01
C ARG A 57 -8.20 5.74 3.56
N VAL A 58 -7.69 6.61 2.73
CA VAL A 58 -7.50 6.27 1.30
C VAL A 58 -6.44 5.16 1.16
N SER A 59 -5.37 5.27 1.88
CA SER A 59 -4.30 4.23 1.78
C SER A 59 -4.90 2.85 2.04
N ILE A 60 -5.75 2.74 3.01
CA ILE A 60 -6.36 1.41 3.29
C ILE A 60 -7.20 0.96 2.09
N ALA A 61 -7.99 1.85 1.55
CA ALA A 61 -8.82 1.48 0.37
C ALA A 61 -7.92 1.22 -0.83
N CYS A 62 -6.93 2.03 -1.03
CA CYS A 62 -6.00 1.84 -2.18
C CYS A 62 -5.21 0.55 -1.99
N ALA A 63 -4.78 0.27 -0.80
CA ALA A 63 -3.99 -0.96 -0.56
C ALA A 63 -4.79 -2.17 -1.03
N LYS A 64 -6.05 -2.23 -0.68
CA LYS A 64 -6.89 -3.38 -1.10
C LYS A 64 -7.00 -3.42 -2.63
N ILE A 65 -7.20 -2.28 -3.24
CA ILE A 65 -7.31 -2.26 -4.73
C ILE A 65 -6.00 -2.72 -5.36
N ILE A 66 -4.89 -2.25 -4.86
CA ILE A 66 -3.58 -2.66 -5.44
C ILE A 66 -3.39 -4.17 -5.25
N ILE A 67 -3.73 -4.68 -4.10
CA ILE A 67 -3.56 -6.14 -3.86
C ILE A 67 -4.47 -6.91 -4.83
N ASP A 68 -5.69 -6.49 -4.99
CA ASP A 68 -6.60 -7.21 -5.92
C ASP A 68 -6.08 -7.05 -7.35
N SER A 69 -5.72 -5.85 -7.72
CA SER A 69 -5.19 -5.62 -9.10
C SER A 69 -3.92 -6.43 -9.31
N HIS A 70 -3.08 -6.51 -8.31
CA HIS A 70 -1.81 -7.27 -8.48
C HIS A 70 -2.11 -8.73 -8.84
N LEU A 71 -2.97 -9.37 -8.11
CA LEU A 71 -3.29 -10.79 -8.41
C LEU A 71 -3.97 -10.87 -9.78
N ASP A 72 -4.89 -9.97 -10.05
CA ASP A 72 -5.59 -9.99 -11.37
C ASP A 72 -4.60 -9.67 -12.50
N ARG A 73 -3.75 -8.70 -12.30
CA ARG A 73 -2.78 -8.33 -13.36
C ARG A 73 -1.63 -7.52 -12.76
N HIS A 74 -0.99 -6.71 -13.58
CA HIS A 74 0.15 -5.87 -13.10
C HIS A 74 1.43 -6.70 -13.06
N ASP A 75 2.52 -6.15 -13.52
CA ASP A 75 3.81 -6.91 -13.50
C ASP A 75 4.51 -6.70 -12.15
N GLN A 76 5.10 -5.56 -11.95
CA GLN A 76 5.79 -5.30 -10.65
C GLN A 76 4.77 -5.35 -9.52
N GLY A 77 4.47 -4.22 -8.94
CA GLY A 77 3.47 -4.21 -7.83
C GLY A 77 3.98 -5.07 -6.67
N LEU A 78 3.19 -6.01 -6.23
CA LEU A 78 3.60 -6.89 -5.10
C LEU A 78 4.23 -8.17 -5.67
N ALA A 79 4.87 -8.09 -6.79
CA ALA A 79 5.51 -9.29 -7.39
C ALA A 79 6.57 -9.85 -6.45
N ASP A 80 7.28 -8.98 -5.77
CA ASP A 80 8.33 -9.47 -4.83
C ASP A 80 7.68 -10.32 -3.73
N LEU A 81 6.51 -9.93 -3.28
CA LEU A 81 5.84 -10.71 -2.22
C LEU A 81 5.08 -11.89 -2.85
N GLY A 82 5.11 -11.97 -4.15
CA GLY A 82 4.40 -13.09 -4.84
C GLY A 82 4.82 -13.13 -6.31
N MET A 1 -0.53 -3.59 15.62
CA MET A 1 0.07 -2.72 14.57
C MET A 1 -1.06 -2.01 13.82
N ASN A 2 -2.27 -2.25 14.25
CA ASN A 2 -3.46 -1.61 13.61
C ASN A 2 -3.48 -1.98 12.13
N VAL A 3 -3.07 -3.19 11.83
CA VAL A 3 -3.04 -3.66 10.40
C VAL A 3 -4.36 -4.33 10.03
N ALA A 4 -4.66 -4.32 8.76
CA ALA A 4 -5.94 -4.94 8.28
C ALA A 4 -5.61 -6.10 7.33
N HIS A 5 -6.26 -7.21 7.52
CA HIS A 5 -6.02 -8.40 6.66
C HIS A 5 -6.79 -8.28 5.35
N TYR A 6 -6.23 -8.81 4.30
CA TYR A 6 -6.91 -8.75 2.97
C TYR A 6 -6.42 -9.92 2.09
N ARG A 7 -7.31 -10.82 1.79
CA ARG A 7 -6.96 -12.01 0.95
C ARG A 7 -5.66 -12.64 1.45
N GLY A 8 -5.47 -12.63 2.75
CA GLY A 8 -4.24 -13.24 3.35
C GLY A 8 -3.14 -12.19 3.44
N TYR A 9 -3.25 -11.13 2.68
CA TYR A 9 -2.20 -10.07 2.71
C TYR A 9 -2.50 -9.07 3.81
N GLU A 10 -1.50 -8.67 4.54
CA GLU A 10 -1.70 -7.68 5.64
C GLU A 10 -1.48 -6.28 5.11
N ILE A 11 -2.17 -5.33 5.68
CA ILE A 11 -2.04 -3.91 5.22
C ILE A 11 -1.62 -3.03 6.40
N GLU A 12 -0.63 -2.21 6.18
CA GLU A 12 -0.13 -1.30 7.25
C GLU A 12 -0.26 0.15 6.76
N PRO A 13 -1.40 0.75 7.00
CA PRO A 13 -1.67 2.16 6.58
C PRO A 13 -0.66 3.15 7.16
N GLY A 14 -0.36 4.18 6.42
CA GLY A 14 0.62 5.18 6.90
C GLY A 14 0.54 6.43 6.03
N HIS A 15 1.44 7.36 6.25
CA HIS A 15 1.44 8.63 5.47
C HIS A 15 2.88 9.05 5.16
N GLN A 16 3.19 9.19 3.91
CA GLN A 16 4.56 9.60 3.50
C GLN A 16 4.52 10.30 2.14
N TYR A 17 5.50 11.13 1.89
CA TYR A 17 5.59 11.88 0.60
C TYR A 17 6.75 11.36 -0.22
N ARG A 18 6.60 11.36 -1.51
CA ARG A 18 7.68 10.88 -2.42
C ARG A 18 8.41 12.08 -3.03
N ASP A 19 9.72 11.99 -3.10
CA ASP A 19 10.54 13.10 -3.65
C ASP A 19 10.29 13.24 -5.16
N ASP A 20 9.70 12.25 -5.77
CA ASP A 20 9.42 12.31 -7.24
C ASP A 20 8.46 13.46 -7.51
N ILE A 21 7.45 13.60 -6.70
CA ILE A 21 6.45 14.71 -6.88
C ILE A 21 6.54 15.65 -5.69
N ARG A 22 7.30 15.28 -4.69
CA ARG A 22 7.44 16.12 -3.46
C ARG A 22 6.07 16.43 -2.88
N LYS A 23 5.22 15.44 -2.80
CA LYS A 23 3.86 15.65 -2.22
C LYS A 23 3.45 14.45 -1.37
N TYR A 24 2.48 14.65 -0.52
CA TYR A 24 2.00 13.55 0.36
C TYR A 24 0.96 12.71 -0.37
N VAL A 25 1.16 11.42 -0.37
CA VAL A 25 0.21 10.50 -1.06
C VAL A 25 0.02 9.24 -0.21
N PRO A 26 -1.15 8.64 -0.28
CA PRO A 26 -1.48 7.40 0.49
C PRO A 26 -0.29 6.46 0.60
N TYR A 27 0.27 6.36 1.78
CA TYR A 27 1.44 5.45 1.98
C TYR A 27 1.00 4.20 2.73
N ALA A 28 1.19 3.06 2.12
CA ALA A 28 0.82 1.77 2.77
C ALA A 28 1.82 0.69 2.39
N LEU A 29 2.04 -0.22 3.30
CA LEU A 29 3.00 -1.34 3.04
C LEU A 29 2.21 -2.63 2.90
N ILE A 30 2.54 -3.40 1.90
CA ILE A 30 1.83 -4.70 1.67
C ILE A 30 2.73 -5.84 2.14
N ARG A 31 2.24 -6.64 3.04
CA ARG A 31 3.04 -7.79 3.57
C ARG A 31 2.24 -9.08 3.47
N LYS A 32 2.90 -10.12 3.06
CA LYS A 32 2.23 -11.45 2.91
C LYS A 32 2.60 -12.34 4.10
N VAL A 33 1.65 -13.10 4.56
CA VAL A 33 1.88 -14.01 5.74
C VAL A 33 2.98 -15.03 5.43
N GLY A 34 3.90 -15.19 6.33
CA GLY A 34 5.01 -16.15 6.14
C GLY A 34 6.08 -15.53 5.24
N VAL A 35 6.10 -14.23 5.13
CA VAL A 35 7.13 -13.55 4.26
C VAL A 35 7.76 -12.38 5.03
N PRO A 36 8.73 -12.66 5.85
CA PRO A 36 9.44 -11.60 6.65
C PRO A 36 9.98 -10.48 5.78
N ASP A 37 10.92 -9.74 6.29
CA ASP A 37 11.52 -8.60 5.51
C ASP A 37 11.97 -9.09 4.14
N ARG A 38 11.29 -8.67 3.11
CA ARG A 38 11.67 -9.07 1.71
C ARG A 38 11.58 -7.86 0.79
N THR A 39 12.37 -6.87 1.05
CA THR A 39 12.36 -5.64 0.19
C THR A 39 10.94 -5.14 0.03
N PRO A 40 10.43 -4.46 1.02
CA PRO A 40 9.03 -3.92 0.99
C PRO A 40 8.79 -2.99 -0.20
N ILE A 41 7.59 -3.03 -0.72
CA ILE A 41 7.23 -2.17 -1.89
C ILE A 41 5.95 -1.40 -1.54
N PRO A 42 6.10 -0.24 -0.94
CA PRO A 42 4.94 0.61 -0.54
C PRO A 42 3.97 0.88 -1.68
N THR A 43 2.71 0.91 -1.37
CA THR A 43 1.67 1.16 -2.42
C THR A 43 1.12 2.58 -2.28
N THR A 44 1.01 3.25 -3.40
CA THR A 44 0.50 4.65 -3.40
C THR A 44 -0.41 4.88 -4.59
N TYR A 45 -1.12 5.97 -4.59
CA TYR A 45 -2.05 6.29 -5.71
C TYR A 45 -1.76 7.71 -6.20
N PRO A 46 -1.92 7.96 -7.48
CA PRO A 46 -1.68 9.31 -8.07
C PRO A 46 -2.39 10.39 -7.26
N GLU A 47 -3.56 10.09 -6.78
CA GLU A 47 -4.34 11.08 -5.98
C GLU A 47 -3.44 11.75 -4.96
N PHE A 48 -3.76 12.97 -4.62
CA PHE A 48 -2.95 13.75 -3.63
C PHE A 48 -3.82 14.18 -2.46
N TYR A 49 -3.27 14.10 -1.28
CA TYR A 49 -4.02 14.51 -0.05
C TYR A 49 -3.07 15.21 0.92
N ASP A 50 -3.27 16.48 1.10
CA ASP A 50 -2.41 17.26 2.03
C ASP A 50 -2.70 16.81 3.46
N LEU A 51 -3.92 16.42 3.72
CA LEU A 51 -4.29 15.98 5.09
C LEU A 51 -3.77 14.57 5.35
N GLU A 52 -3.22 14.36 6.50
CA GLU A 52 -2.67 13.03 6.86
C GLU A 52 -3.82 12.04 7.06
N ALA A 53 -4.91 12.48 7.64
CA ALA A 53 -6.07 11.58 7.89
C ALA A 53 -6.62 11.04 6.57
N ASP A 54 -6.67 11.87 5.57
CA ASP A 54 -7.23 11.43 4.25
C ASP A 54 -6.32 10.34 3.65
N ALA A 55 -5.03 10.50 3.80
CA ALA A 55 -4.07 9.50 3.25
C ALA A 55 -4.28 8.15 3.94
N GLU A 56 -4.53 8.17 5.22
CA GLU A 56 -4.73 6.89 5.97
C GLU A 56 -6.01 6.20 5.49
N ARG A 57 -7.08 6.94 5.39
CA ARG A 57 -8.38 6.34 4.93
C ARG A 57 -8.26 5.91 3.47
N VAL A 58 -7.67 6.73 2.65
CA VAL A 58 -7.52 6.39 1.20
C VAL A 58 -6.55 5.22 1.06
N SER A 59 -5.49 5.21 1.81
CA SER A 59 -4.49 4.11 1.73
C SER A 59 -5.17 2.77 2.00
N ILE A 60 -6.07 2.75 2.94
CA ILE A 60 -6.78 1.47 3.26
C ILE A 60 -7.61 1.05 2.04
N ALA A 61 -8.30 1.99 1.45
CA ALA A 61 -9.15 1.69 0.26
C ALA A 61 -8.25 1.36 -0.94
N CYS A 62 -7.16 2.09 -1.07
CA CYS A 62 -6.23 1.85 -2.21
C CYS A 62 -5.50 0.51 -2.01
N ALA A 63 -5.16 0.21 -0.79
CA ALA A 63 -4.43 -1.06 -0.49
C ALA A 63 -5.26 -2.25 -0.95
N LYS A 64 -6.52 -2.26 -0.62
CA LYS A 64 -7.42 -3.38 -1.03
C LYS A 64 -7.52 -3.42 -2.55
N ILE A 65 -7.67 -2.27 -3.15
CA ILE A 65 -7.78 -2.20 -4.64
C ILE A 65 -6.46 -2.65 -5.28
N ILE A 66 -5.36 -2.20 -4.75
CA ILE A 66 -4.03 -2.56 -5.32
C ILE A 66 -3.79 -4.06 -5.18
N ILE A 67 -4.11 -4.61 -4.04
CA ILE A 67 -3.91 -6.07 -3.83
C ILE A 67 -4.83 -6.85 -4.76
N ASP A 68 -6.06 -6.43 -4.86
CA ASP A 68 -7.02 -7.15 -5.76
C ASP A 68 -6.57 -6.97 -7.21
N SER A 69 -6.17 -5.79 -7.58
CA SER A 69 -5.73 -5.54 -8.99
C SER A 69 -4.42 -6.27 -9.24
N HIS A 70 -3.57 -6.32 -8.25
CA HIS A 70 -2.26 -7.01 -8.39
C HIS A 70 -2.49 -8.49 -8.71
N LEU A 71 -3.39 -9.12 -7.99
CA LEU A 71 -3.68 -10.56 -8.24
C LEU A 71 -4.26 -10.75 -9.63
N ASP A 72 -5.16 -9.88 -10.00
CA ASP A 72 -5.79 -9.98 -11.35
C ASP A 72 -4.81 -9.50 -12.40
N ARG A 73 -3.81 -8.78 -11.98
CA ARG A 73 -2.79 -8.26 -12.94
C ARG A 73 -1.45 -8.11 -12.21
N HIS A 74 -0.53 -8.99 -12.49
CA HIS A 74 0.81 -8.94 -11.83
C HIS A 74 1.61 -7.78 -12.39
N ASP A 75 1.74 -6.74 -11.62
CA ASP A 75 2.52 -5.54 -12.06
C ASP A 75 3.93 -5.63 -11.48
N GLN A 76 4.26 -6.76 -10.91
CA GLN A 76 5.61 -6.96 -10.32
C GLN A 76 5.78 -6.05 -9.10
N GLY A 77 4.71 -5.41 -8.70
CA GLY A 77 4.76 -4.51 -7.52
C GLY A 77 5.01 -5.35 -6.26
N LEU A 78 4.41 -6.51 -6.18
CA LEU A 78 4.58 -7.38 -4.98
C LEU A 78 5.34 -8.66 -5.37
N ALA A 79 6.14 -8.58 -6.41
CA ALA A 79 6.92 -9.79 -6.84
C ALA A 79 7.95 -10.14 -5.78
N ASP A 80 8.50 -9.14 -5.12
CA ASP A 80 9.53 -9.39 -4.07
C ASP A 80 8.91 -10.21 -2.92
N LEU A 81 7.69 -9.89 -2.57
CA LEU A 81 7.01 -10.62 -1.47
C LEU A 81 6.36 -11.88 -2.03
N GLY A 82 6.45 -12.07 -3.31
CA GLY A 82 5.84 -13.28 -3.96
C GLY A 82 5.99 -13.18 -5.47
N MET A 1 -0.21 2.26 15.04
CA MET A 1 0.68 1.46 14.15
C MET A 1 0.08 0.06 14.00
N ASN A 2 -1.23 -0.01 13.98
CA ASN A 2 -1.90 -1.34 13.83
C ASN A 2 -1.95 -1.74 12.36
N VAL A 3 -1.81 -3.02 12.08
CA VAL A 3 -1.83 -3.51 10.67
C VAL A 3 -3.13 -4.26 10.39
N ALA A 4 -3.78 -3.93 9.31
CA ALA A 4 -5.06 -4.60 8.95
C ALA A 4 -4.77 -5.78 8.03
N HIS A 5 -5.65 -6.76 8.01
CA HIS A 5 -5.45 -7.96 7.15
C HIS A 5 -6.46 -7.94 6.00
N TYR A 6 -6.03 -8.34 4.83
CA TYR A 6 -6.95 -8.37 3.66
C TYR A 6 -6.46 -9.43 2.67
N ARG A 7 -7.32 -10.37 2.36
CA ARG A 7 -6.95 -11.46 1.40
C ARG A 7 -5.67 -12.17 1.89
N GLY A 8 -5.41 -12.13 3.17
CA GLY A 8 -4.21 -12.80 3.72
C GLY A 8 -3.00 -11.86 3.64
N TYR A 9 -3.22 -10.62 3.30
CA TYR A 9 -2.10 -9.64 3.20
C TYR A 9 -2.19 -8.60 4.31
N GLU A 10 -1.07 -8.20 4.83
CA GLU A 10 -1.07 -7.18 5.93
C GLU A 10 -0.93 -5.79 5.33
N ILE A 11 -1.61 -4.82 5.90
CA ILE A 11 -1.55 -3.43 5.39
C ILE A 11 -1.10 -2.49 6.49
N GLU A 12 -0.12 -1.66 6.21
CA GLU A 12 0.40 -0.70 7.23
C GLU A 12 0.23 0.73 6.69
N PRO A 13 -0.86 1.41 7.03
CA PRO A 13 -1.13 2.79 6.53
C PRO A 13 -0.34 3.86 7.28
N GLY A 14 0.00 4.92 6.61
CA GLY A 14 0.75 6.02 7.26
C GLY A 14 1.11 7.07 6.21
N HIS A 15 0.58 8.26 6.35
CA HIS A 15 0.86 9.33 5.35
C HIS A 15 2.36 9.57 5.21
N GLN A 16 2.82 9.73 4.00
CA GLN A 16 4.26 9.98 3.77
C GLN A 16 4.45 10.76 2.47
N TYR A 17 5.47 11.58 2.41
CA TYR A 17 5.74 12.37 1.17
C TYR A 17 6.94 11.81 0.43
N ARG A 18 6.82 11.67 -0.86
CA ARG A 18 7.94 11.12 -1.68
C ARG A 18 8.78 12.28 -2.25
N ASP A 19 10.07 12.13 -2.22
CA ASP A 19 10.96 13.20 -2.75
C ASP A 19 10.80 13.30 -4.27
N ASP A 20 10.32 12.25 -4.88
CA ASP A 20 10.13 12.26 -6.36
C ASP A 20 9.10 13.32 -6.74
N ILE A 21 8.01 13.40 -6.01
CA ILE A 21 6.94 14.40 -6.30
C ILE A 21 6.91 15.42 -5.15
N ARG A 22 7.77 15.23 -4.18
CA ARG A 22 7.83 16.18 -3.01
C ARG A 22 6.41 16.52 -2.52
N LYS A 23 5.52 15.56 -2.57
CA LYS A 23 4.11 15.82 -2.12
C LYS A 23 3.60 14.64 -1.28
N TYR A 24 2.55 14.87 -0.54
CA TYR A 24 1.98 13.79 0.32
C TYR A 24 1.01 12.95 -0.49
N VAL A 25 1.20 11.65 -0.46
CA VAL A 25 0.29 10.74 -1.22
C VAL A 25 0.12 9.43 -0.43
N PRO A 26 -1.04 8.81 -0.51
CA PRO A 26 -1.30 7.52 0.19
C PRO A 26 -0.08 6.61 0.23
N TYR A 27 0.51 6.43 1.38
CA TYR A 27 1.71 5.55 1.49
C TYR A 27 1.42 4.40 2.44
N ALA A 28 1.48 3.18 1.94
CA ALA A 28 1.21 2.00 2.82
C ALA A 28 2.15 0.86 2.41
N LEU A 29 2.42 -0.04 3.33
CA LEU A 29 3.32 -1.19 3.03
C LEU A 29 2.51 -2.47 3.02
N ILE A 30 2.67 -3.26 1.98
CA ILE A 30 1.91 -4.54 1.88
C ILE A 30 2.87 -5.70 2.12
N ARG A 31 2.50 -6.61 2.99
CA ARG A 31 3.38 -7.78 3.29
C ARG A 31 2.53 -9.05 3.30
N LYS A 32 3.06 -10.11 2.73
CA LYS A 32 2.30 -11.39 2.68
C LYS A 32 2.55 -12.20 3.95
N VAL A 33 1.53 -12.79 4.49
CA VAL A 33 1.68 -13.60 5.73
C VAL A 33 2.44 -14.89 5.43
N GLY A 34 3.41 -15.22 6.25
CA GLY A 34 4.21 -16.46 6.05
C GLY A 34 5.58 -16.10 5.49
N VAL A 35 5.66 -15.03 4.74
CA VAL A 35 6.98 -14.60 4.17
C VAL A 35 7.01 -13.06 4.05
N PRO A 36 6.70 -12.36 5.11
CA PRO A 36 6.72 -10.87 5.11
C PRO A 36 8.16 -10.34 5.19
N ASP A 37 9.09 -11.23 5.44
CA ASP A 37 10.52 -10.83 5.54
C ASP A 37 11.19 -10.95 4.17
N ARG A 38 10.62 -10.31 3.17
CA ARG A 38 11.21 -10.37 1.79
C ARG A 38 11.59 -8.96 1.33
N THR A 39 10.83 -8.42 0.42
CA THR A 39 11.12 -7.05 -0.11
C THR A 39 9.82 -6.25 -0.18
N PRO A 40 9.45 -5.61 0.91
CA PRO A 40 8.20 -4.79 0.98
C PRO A 40 8.14 -3.75 -0.12
N ILE A 41 6.97 -3.54 -0.68
CA ILE A 41 6.82 -2.52 -1.77
C ILE A 41 5.71 -1.53 -1.37
N PRO A 42 5.96 -0.25 -1.47
CA PRO A 42 4.94 0.78 -1.10
C PRO A 42 3.78 0.85 -2.10
N THR A 43 2.59 1.07 -1.59
CA THR A 43 1.40 1.17 -2.48
C THR A 43 0.77 2.55 -2.34
N THR A 44 0.52 3.20 -3.45
CA THR A 44 -0.08 4.56 -3.42
C THR A 44 -1.13 4.67 -4.52
N TYR A 45 -1.94 5.71 -4.49
CA TYR A 45 -2.99 5.90 -5.53
C TYR A 45 -2.76 7.24 -6.25
N PRO A 46 -2.61 7.24 -7.57
CA PRO A 46 -2.39 8.49 -8.35
C PRO A 46 -3.29 9.65 -7.89
N GLU A 47 -2.92 10.31 -6.82
CA GLU A 47 -3.74 11.44 -6.33
C GLU A 47 -2.99 12.15 -5.19
N PHE A 48 -3.31 13.39 -4.93
CA PHE A 48 -2.62 14.15 -3.84
C PHE A 48 -3.62 14.42 -2.71
N TYR A 49 -3.16 14.30 -1.48
CA TYR A 49 -4.06 14.56 -0.31
C TYR A 49 -3.31 15.41 0.71
N ASP A 50 -3.93 16.45 1.18
CA ASP A 50 -3.28 17.34 2.19
C ASP A 50 -3.69 16.87 3.59
N LEU A 51 -4.81 16.20 3.69
CA LEU A 51 -5.28 15.72 5.03
C LEU A 51 -4.70 14.35 5.34
N GLU A 52 -4.27 14.14 6.56
CA GLU A 52 -3.69 12.82 6.94
C GLU A 52 -4.81 11.79 7.02
N ALA A 53 -5.96 12.19 7.49
CA ALA A 53 -7.10 11.24 7.62
C ALA A 53 -7.43 10.67 6.23
N ASP A 54 -7.53 11.52 5.25
CA ASP A 54 -7.84 11.05 3.87
C ASP A 54 -6.70 10.15 3.37
N ALA A 55 -5.48 10.53 3.64
CA ALA A 55 -4.33 9.71 3.18
C ALA A 55 -4.39 8.31 3.80
N GLU A 56 -4.72 8.22 5.05
CA GLU A 56 -4.81 6.89 5.72
C GLU A 56 -6.00 6.11 5.18
N ARG A 57 -7.13 6.75 5.04
CA ARG A 57 -8.34 6.05 4.53
C ARG A 57 -8.15 5.67 3.07
N VAL A 58 -7.61 6.56 2.28
CA VAL A 58 -7.38 6.25 0.84
C VAL A 58 -6.35 5.14 0.70
N SER A 59 -5.29 5.20 1.47
CA SER A 59 -4.24 4.15 1.37
C SER A 59 -4.85 2.78 1.70
N ILE A 60 -5.68 2.71 2.70
CA ILE A 60 -6.31 1.41 3.06
C ILE A 60 -7.24 0.96 1.92
N ALA A 61 -8.02 1.85 1.39
CA ALA A 61 -8.94 1.46 0.28
C ALA A 61 -8.12 1.16 -0.97
N CYS A 62 -7.09 1.91 -1.21
CA CYS A 62 -6.23 1.68 -2.40
C CYS A 62 -5.44 0.38 -2.21
N ALA A 63 -4.99 0.12 -1.01
CA ALA A 63 -4.22 -1.12 -0.77
C ALA A 63 -5.05 -2.35 -1.16
N LYS A 64 -6.28 -2.38 -0.76
CA LYS A 64 -7.16 -3.55 -1.10
C LYS A 64 -7.31 -3.62 -2.63
N ILE A 65 -7.55 -2.50 -3.25
CA ILE A 65 -7.72 -2.49 -4.73
C ILE A 65 -6.40 -2.89 -5.40
N ILE A 66 -5.31 -2.36 -4.92
CA ILE A 66 -3.98 -2.70 -5.53
C ILE A 66 -3.71 -4.20 -5.35
N ILE A 67 -3.96 -4.72 -4.19
CA ILE A 67 -3.72 -6.18 -3.95
C ILE A 67 -4.63 -7.00 -4.86
N ASP A 68 -5.88 -6.63 -4.94
CA ASP A 68 -6.84 -7.38 -5.79
C ASP A 68 -6.46 -7.23 -7.27
N SER A 69 -6.09 -6.04 -7.67
CA SER A 69 -5.70 -5.81 -9.09
C SER A 69 -4.40 -6.56 -9.40
N HIS A 70 -3.51 -6.63 -8.45
CA HIS A 70 -2.22 -7.35 -8.67
C HIS A 70 -2.50 -8.82 -8.98
N LEU A 71 -3.39 -9.42 -8.26
CA LEU A 71 -3.72 -10.85 -8.52
C LEU A 71 -4.33 -11.01 -9.91
N ASP A 72 -5.20 -10.11 -10.28
CA ASP A 72 -5.84 -10.21 -11.62
C ASP A 72 -4.93 -9.60 -12.69
N ARG A 73 -4.89 -8.29 -12.77
CA ARG A 73 -4.03 -7.61 -13.79
C ARG A 73 -2.83 -6.93 -13.12
N HIS A 74 -2.68 -5.64 -13.34
CA HIS A 74 -1.55 -4.86 -12.75
C HIS A 74 -0.28 -5.72 -12.73
N ASP A 75 0.46 -5.70 -13.80
CA ASP A 75 1.71 -6.49 -13.87
C ASP A 75 2.78 -5.86 -12.97
N GLN A 76 3.63 -6.67 -12.41
CA GLN A 76 4.71 -6.16 -11.51
C GLN A 76 4.13 -5.37 -10.35
N GLY A 77 4.79 -5.39 -9.22
CA GLY A 77 4.29 -4.65 -8.03
C GLY A 77 4.49 -5.50 -6.77
N LEU A 78 3.64 -6.47 -6.55
CA LEU A 78 3.76 -7.34 -5.34
C LEU A 78 4.24 -8.74 -5.76
N ALA A 79 4.92 -8.83 -6.87
CA ALA A 79 5.44 -10.14 -7.34
C ALA A 79 6.47 -10.67 -6.34
N ASP A 80 7.27 -9.80 -5.80
CA ASP A 80 8.32 -10.24 -4.82
C ASP A 80 7.64 -10.80 -3.57
N LEU A 81 6.53 -10.24 -3.18
CA LEU A 81 5.82 -10.74 -1.97
C LEU A 81 4.96 -11.93 -2.34
N GLY A 82 5.18 -12.51 -3.49
CA GLY A 82 4.38 -13.68 -3.92
C GLY A 82 4.44 -13.81 -5.44
N MET A 1 -5.39 2.32 13.79
CA MET A 1 -3.95 2.10 14.07
C MET A 1 -3.62 0.62 13.86
N ASN A 2 -4.61 -0.24 14.02
CA ASN A 2 -4.36 -1.69 13.84
C ASN A 2 -4.23 -2.03 12.36
N VAL A 3 -3.41 -3.00 12.04
CA VAL A 3 -3.22 -3.39 10.61
C VAL A 3 -4.44 -4.18 10.12
N ALA A 4 -4.90 -3.86 8.93
CA ALA A 4 -6.10 -4.57 8.38
C ALA A 4 -5.65 -5.74 7.50
N HIS A 5 -6.51 -6.71 7.32
CA HIS A 5 -6.16 -7.90 6.48
C HIS A 5 -7.00 -7.88 5.20
N TYR A 6 -6.42 -8.29 4.10
CA TYR A 6 -7.17 -8.30 2.82
C TYR A 6 -6.56 -9.33 1.88
N ARG A 7 -7.36 -10.23 1.37
CA ARG A 7 -6.85 -11.29 0.45
C ARG A 7 -5.67 -12.02 1.11
N GLY A 8 -5.62 -12.01 2.41
CA GLY A 8 -4.52 -12.71 3.14
C GLY A 8 -3.36 -11.75 3.34
N TYR A 9 -3.33 -10.68 2.61
CA TYR A 9 -2.22 -9.69 2.74
C TYR A 9 -2.50 -8.72 3.88
N GLU A 10 -1.48 -8.34 4.61
CA GLU A 10 -1.66 -7.39 5.73
C GLU A 10 -1.49 -5.97 5.22
N ILE A 11 -2.25 -5.04 5.73
CA ILE A 11 -2.15 -3.63 5.27
C ILE A 11 -1.87 -2.73 6.47
N GLU A 12 -0.88 -1.88 6.37
CA GLU A 12 -0.54 -0.96 7.49
C GLU A 12 -0.78 0.48 7.04
N PRO A 13 -1.54 1.26 7.76
CA PRO A 13 -1.84 2.68 7.38
C PRO A 13 -0.67 3.64 7.65
N GLY A 14 -0.65 4.76 6.99
CA GLY A 14 0.44 5.73 7.21
C GLY A 14 0.34 6.86 6.18
N HIS A 15 1.27 7.77 6.19
CA HIS A 15 1.22 8.89 5.20
C HIS A 15 2.65 9.30 4.85
N GLN A 16 2.99 9.30 3.59
CA GLN A 16 4.36 9.69 3.18
C GLN A 16 4.30 10.39 1.83
N TYR A 17 5.29 11.20 1.52
CA TYR A 17 5.30 11.93 0.22
C TYR A 17 6.32 11.31 -0.73
N ARG A 18 6.02 11.31 -2.00
CA ARG A 18 6.97 10.73 -3.00
C ARG A 18 7.90 11.81 -3.55
N ASP A 19 9.16 11.48 -3.74
CA ASP A 19 10.15 12.47 -4.27
C ASP A 19 9.79 12.82 -5.72
N ASP A 20 9.19 11.90 -6.43
CA ASP A 20 8.85 12.16 -7.85
C ASP A 20 7.91 13.36 -7.98
N ILE A 21 6.86 13.40 -7.20
CA ILE A 21 5.89 14.54 -7.26
C ILE A 21 6.08 15.42 -6.02
N ARG A 22 7.00 15.07 -5.15
CA ARG A 22 7.23 15.89 -3.92
C ARG A 22 5.89 16.29 -3.30
N LYS A 23 4.96 15.37 -3.21
CA LYS A 23 3.63 15.70 -2.62
C LYS A 23 3.17 14.57 -1.71
N TYR A 24 2.23 14.85 -0.85
CA TYR A 24 1.73 13.83 0.10
C TYR A 24 0.67 12.97 -0.57
N VAL A 25 0.78 11.68 -0.42
CA VAL A 25 -0.23 10.76 -1.04
C VAL A 25 -0.38 9.52 -0.15
N PRO A 26 -1.50 8.85 -0.21
CA PRO A 26 -1.74 7.63 0.61
C PRO A 26 -0.51 6.71 0.63
N TYR A 27 0.01 6.45 1.80
CA TYR A 27 1.22 5.58 1.92
C TYR A 27 0.94 4.45 2.91
N ALA A 28 1.17 3.23 2.52
CA ALA A 28 0.92 2.08 3.44
C ALA A 28 1.88 0.94 3.10
N LEU A 29 2.12 0.07 4.05
CA LEU A 29 3.05 -1.09 3.80
C LEU A 29 2.22 -2.37 3.67
N ILE A 30 2.54 -3.17 2.70
CA ILE A 30 1.78 -4.45 2.49
C ILE A 30 2.72 -5.64 2.67
N ARG A 31 2.31 -6.62 3.44
CA ARG A 31 3.16 -7.82 3.67
C ARG A 31 2.32 -9.09 3.46
N LYS A 32 2.87 -10.07 2.81
CA LYS A 32 2.12 -11.33 2.56
C LYS A 32 2.19 -12.25 3.79
N VAL A 33 1.09 -12.82 4.17
CA VAL A 33 1.08 -13.72 5.36
C VAL A 33 1.58 -15.11 4.96
N GLY A 34 2.49 -15.65 5.73
CA GLY A 34 3.01 -17.01 5.42
C GLY A 34 4.53 -16.98 5.52
N VAL A 35 5.18 -16.27 4.63
CA VAL A 35 6.67 -16.21 4.66
C VAL A 35 7.14 -14.93 5.37
N PRO A 36 8.31 -14.95 5.99
CA PRO A 36 8.87 -13.75 6.70
C PRO A 36 8.82 -12.46 5.86
N ASP A 37 9.53 -11.46 6.29
CA ASP A 37 9.53 -10.16 5.55
C ASP A 37 10.48 -10.24 4.36
N ARG A 38 9.94 -10.32 3.16
CA ARG A 38 10.81 -10.39 1.94
C ARG A 38 10.73 -9.06 1.20
N THR A 39 11.51 -8.12 1.62
CA THR A 39 11.52 -6.77 0.98
C THR A 39 10.08 -6.27 0.78
N PRO A 40 9.60 -5.36 1.62
CA PRO A 40 8.21 -4.84 1.51
C PRO A 40 8.06 -3.83 0.36
N ILE A 41 6.90 -3.82 -0.27
CA ILE A 41 6.66 -2.87 -1.40
C ILE A 41 5.55 -1.90 -0.99
N PRO A 42 5.90 -0.74 -0.48
CA PRO A 42 4.89 0.27 -0.05
C PRO A 42 3.90 0.59 -1.15
N THR A 43 2.65 0.77 -0.81
CA THR A 43 1.61 1.08 -1.84
C THR A 43 1.34 2.58 -1.87
N THR A 44 1.25 3.14 -3.05
CA THR A 44 0.99 4.59 -3.19
C THR A 44 -0.12 4.80 -4.20
N TYR A 45 -0.74 5.96 -4.19
CA TYR A 45 -1.83 6.23 -5.16
C TYR A 45 -1.73 7.71 -5.61
N PRO A 46 -1.96 8.00 -6.88
CA PRO A 46 -1.92 9.41 -7.41
C PRO A 46 -2.69 10.41 -6.53
N GLU A 47 -3.53 11.21 -7.13
CA GLU A 47 -4.33 12.22 -6.37
C GLU A 47 -3.44 12.93 -5.34
N PHE A 48 -4.05 13.69 -4.47
CA PHE A 48 -3.25 14.43 -3.44
C PHE A 48 -4.05 14.52 -2.15
N TYR A 49 -3.36 14.55 -1.04
CA TYR A 49 -4.07 14.66 0.27
C TYR A 49 -3.19 15.46 1.24
N ASP A 50 -3.56 16.68 1.51
CA ASP A 50 -2.77 17.51 2.45
C ASP A 50 -3.00 17.00 3.88
N LEU A 51 -4.05 16.23 4.07
CA LEU A 51 -4.37 15.71 5.41
C LEU A 51 -3.82 14.30 5.57
N GLU A 52 -3.04 14.08 6.60
CA GLU A 52 -2.45 12.74 6.86
C GLU A 52 -3.54 11.75 7.25
N ALA A 53 -4.50 12.20 8.02
CA ALA A 53 -5.59 11.29 8.47
C ALA A 53 -6.32 10.73 7.25
N ASP A 54 -6.65 11.56 6.31
CA ASP A 54 -7.37 11.09 5.09
C ASP A 54 -6.46 10.15 4.29
N ALA A 55 -5.19 10.44 4.28
CA ALA A 55 -4.23 9.56 3.53
C ALA A 55 -4.23 8.16 4.13
N GLU A 56 -4.30 8.07 5.43
CA GLU A 56 -4.29 6.74 6.09
C GLU A 56 -5.54 5.95 5.68
N ARG A 57 -6.69 6.58 5.75
CA ARG A 57 -7.94 5.87 5.37
C ARG A 57 -7.88 5.49 3.88
N VAL A 58 -7.48 6.42 3.06
CA VAL A 58 -7.39 6.16 1.60
C VAL A 58 -6.35 5.07 1.34
N SER A 59 -5.23 5.14 2.00
CA SER A 59 -4.17 4.12 1.78
C SER A 59 -4.75 2.72 2.01
N ILE A 60 -5.58 2.56 3.00
CA ILE A 60 -6.17 1.21 3.25
C ILE A 60 -7.05 0.82 2.05
N ALA A 61 -7.86 1.73 1.58
CA ALA A 61 -8.73 1.43 0.42
C ALA A 61 -7.88 1.25 -0.85
N CYS A 62 -6.91 2.08 -1.02
CA CYS A 62 -6.03 1.97 -2.21
C CYS A 62 -5.22 0.67 -2.13
N ALA A 63 -4.79 0.32 -0.95
CA ALA A 63 -4.00 -0.93 -0.78
C ALA A 63 -4.80 -2.11 -1.33
N LYS A 64 -6.07 -2.16 -1.03
CA LYS A 64 -6.90 -3.28 -1.55
C LYS A 64 -6.93 -3.24 -3.08
N ILE A 65 -7.08 -2.07 -3.64
CA ILE A 65 -7.12 -1.97 -5.13
C ILE A 65 -5.77 -2.41 -5.71
N ILE A 66 -4.69 -1.98 -5.11
CA ILE A 66 -3.34 -2.36 -5.62
C ILE A 66 -3.16 -3.88 -5.50
N ILE A 67 -3.56 -4.45 -4.40
CA ILE A 67 -3.40 -5.92 -4.24
C ILE A 67 -4.25 -6.66 -5.29
N ASP A 68 -5.46 -6.24 -5.47
CA ASP A 68 -6.34 -6.90 -6.48
C ASP A 68 -5.74 -6.71 -7.88
N SER A 69 -5.25 -5.55 -8.17
CA SER A 69 -4.66 -5.30 -9.51
C SER A 69 -3.40 -6.15 -9.69
N HIS A 70 -2.63 -6.30 -8.64
CA HIS A 70 -1.38 -7.10 -8.75
C HIS A 70 -1.73 -8.50 -9.24
N LEU A 71 -2.75 -9.09 -8.69
CA LEU A 71 -3.15 -10.46 -9.13
C LEU A 71 -3.63 -10.41 -10.59
N ASP A 72 -4.32 -9.36 -10.95
CA ASP A 72 -4.83 -9.24 -12.35
C ASP A 72 -3.76 -8.62 -13.24
N ARG A 73 -3.53 -7.33 -13.10
CA ARG A 73 -2.51 -6.63 -13.93
C ARG A 73 -1.52 -5.88 -13.02
N HIS A 74 -1.15 -4.69 -13.42
CA HIS A 74 -0.19 -3.86 -12.62
C HIS A 74 1.25 -4.25 -12.93
N ASP A 75 2.11 -3.28 -13.02
CA ASP A 75 3.54 -3.57 -13.34
C ASP A 75 4.30 -3.94 -12.06
N GLN A 76 4.70 -5.18 -11.94
CA GLN A 76 5.46 -5.66 -10.74
C GLN A 76 4.93 -4.99 -9.47
N GLY A 77 3.88 -5.54 -8.89
CA GLY A 77 3.30 -4.97 -7.64
C GLY A 77 3.91 -5.66 -6.41
N LEU A 78 3.34 -6.76 -6.01
CA LEU A 78 3.85 -7.50 -4.81
C LEU A 78 4.49 -8.82 -5.25
N ALA A 79 5.07 -8.84 -6.42
CA ALA A 79 5.71 -10.09 -6.93
C ALA A 79 6.89 -10.47 -6.01
N ASP A 80 7.60 -9.50 -5.51
CA ASP A 80 8.77 -9.82 -4.64
C ASP A 80 8.30 -10.61 -3.41
N LEU A 81 7.24 -10.18 -2.79
CA LEU A 81 6.73 -10.91 -1.59
C LEU A 81 6.26 -12.32 -1.97
N GLY A 82 5.59 -12.45 -3.08
CA GLY A 82 5.12 -13.80 -3.49
C GLY A 82 4.08 -13.66 -4.61
N MET A 1 -3.00 2.60 13.45
CA MET A 1 -1.66 2.17 13.96
C MET A 1 -1.53 0.67 13.76
N ASN A 2 -2.60 -0.05 13.99
CA ASN A 2 -2.56 -1.54 13.84
C ASN A 2 -2.74 -1.91 12.37
N VAL A 3 -2.04 -2.93 11.93
CA VAL A 3 -2.13 -3.37 10.51
C VAL A 3 -3.34 -4.27 10.33
N ALA A 4 -4.09 -4.02 9.29
CA ALA A 4 -5.31 -4.82 9.00
C ALA A 4 -4.98 -5.97 8.07
N HIS A 5 -5.82 -6.97 8.06
CA HIS A 5 -5.60 -8.16 7.17
C HIS A 5 -6.59 -8.14 6.02
N TYR A 6 -6.16 -8.63 4.89
CA TYR A 6 -7.06 -8.67 3.70
C TYR A 6 -6.68 -9.83 2.79
N ARG A 7 -7.60 -10.73 2.59
CA ARG A 7 -7.36 -11.91 1.72
C ARG A 7 -6.01 -12.55 2.04
N GLY A 8 -5.59 -12.48 3.26
CA GLY A 8 -4.29 -13.10 3.67
C GLY A 8 -3.19 -12.05 3.64
N TYR A 9 -3.37 -11.01 2.87
CA TYR A 9 -2.34 -9.94 2.77
C TYR A 9 -2.49 -8.94 3.91
N GLU A 10 -1.38 -8.49 4.44
CA GLU A 10 -1.41 -7.51 5.57
C GLU A 10 -1.31 -6.09 5.02
N ILE A 11 -2.07 -5.20 5.61
CA ILE A 11 -2.06 -3.77 5.17
C ILE A 11 -1.55 -2.89 6.29
N GLU A 12 -0.59 -2.06 5.99
CA GLU A 12 -0.01 -1.14 7.01
C GLU A 12 -0.14 0.31 6.49
N PRO A 13 -1.16 1.03 6.89
CA PRO A 13 -1.38 2.44 6.46
C PRO A 13 -0.46 3.42 7.17
N GLY A 14 -0.21 4.53 6.54
CA GLY A 14 0.66 5.57 7.15
C GLY A 14 1.11 6.56 6.08
N HIS A 15 0.41 7.66 5.96
CA HIS A 15 0.77 8.70 4.96
C HIS A 15 2.27 8.98 5.00
N GLN A 16 2.83 9.28 3.86
CA GLN A 16 4.29 9.57 3.80
C GLN A 16 4.56 10.61 2.72
N TYR A 17 5.68 11.29 2.84
CA TYR A 17 6.06 12.34 1.85
C TYR A 17 7.09 11.78 0.88
N ARG A 18 6.74 11.77 -0.38
CA ARG A 18 7.67 11.24 -1.44
C ARG A 18 8.46 12.38 -2.07
N ASP A 19 9.73 12.17 -2.28
CA ASP A 19 10.60 13.21 -2.88
C ASP A 19 10.39 13.22 -4.40
N ASP A 20 9.95 12.11 -4.95
CA ASP A 20 9.72 12.03 -6.42
C ASP A 20 8.63 13.02 -6.83
N ILE A 21 7.56 13.08 -6.09
CA ILE A 21 6.44 14.03 -6.42
C ILE A 21 6.44 15.18 -5.41
N ARG A 22 7.38 15.17 -4.50
CA ARG A 22 7.47 16.25 -3.47
C ARG A 22 6.08 16.59 -2.95
N LYS A 23 5.27 15.58 -2.76
CA LYS A 23 3.89 15.80 -2.25
C LYS A 23 3.46 14.64 -1.35
N TYR A 24 2.45 14.87 -0.54
CA TYR A 24 1.96 13.80 0.36
C TYR A 24 0.95 12.94 -0.37
N VAL A 25 1.10 11.64 -0.26
CA VAL A 25 0.17 10.70 -0.94
C VAL A 25 0.02 9.42 -0.10
N PRO A 26 -1.14 8.80 -0.15
CA PRO A 26 -1.40 7.53 0.59
C PRO A 26 -0.23 6.57 0.51
N TYR A 27 0.45 6.37 1.61
CA TYR A 27 1.62 5.45 1.63
C TYR A 27 1.36 4.30 2.57
N ALA A 28 1.41 3.10 2.07
CA ALA A 28 1.17 1.90 2.92
C ALA A 28 2.09 0.76 2.49
N LEU A 29 2.38 -0.12 3.40
CA LEU A 29 3.27 -1.29 3.09
C LEU A 29 2.45 -2.57 3.13
N ILE A 30 2.56 -3.36 2.11
CA ILE A 30 1.80 -4.65 2.03
C ILE A 30 2.75 -5.83 2.19
N ARG A 31 2.41 -6.73 3.07
CA ARG A 31 3.27 -7.93 3.32
C ARG A 31 2.41 -9.19 3.27
N LYS A 32 2.85 -10.16 2.53
CA LYS A 32 2.12 -11.45 2.40
C LYS A 32 2.47 -12.37 3.56
N VAL A 33 1.48 -12.99 4.14
CA VAL A 33 1.71 -13.92 5.28
C VAL A 33 2.49 -15.15 4.81
N GLY A 34 3.50 -15.51 5.56
CA GLY A 34 4.33 -16.71 5.20
C GLY A 34 5.67 -16.21 4.65
N VAL A 35 5.73 -14.97 4.25
CA VAL A 35 6.99 -14.39 3.71
C VAL A 35 6.99 -12.87 3.92
N PRO A 36 6.84 -12.44 5.14
CA PRO A 36 6.82 -10.98 5.49
C PRO A 36 8.21 -10.36 5.33
N ASP A 37 9.20 -11.19 5.18
CA ASP A 37 10.60 -10.69 5.04
C ASP A 37 10.78 -10.05 3.66
N ARG A 38 11.74 -10.50 2.91
CA ARG A 38 12.00 -9.93 1.55
C ARG A 38 11.95 -8.41 1.60
N THR A 39 11.99 -7.79 0.44
CA THR A 39 11.95 -6.31 0.38
C THR A 39 10.49 -5.86 0.23
N PRO A 40 10.05 -4.92 1.05
CA PRO A 40 8.64 -4.43 1.00
C PRO A 40 8.39 -3.51 -0.18
N ILE A 41 7.20 -3.53 -0.72
CA ILE A 41 6.84 -2.68 -1.87
C ILE A 41 5.78 -1.66 -1.43
N PRO A 42 6.01 -0.38 -1.65
CA PRO A 42 5.06 0.69 -1.26
C PRO A 42 3.85 0.75 -2.19
N THR A 43 2.71 1.08 -1.65
CA THR A 43 1.48 1.17 -2.48
C THR A 43 0.87 2.56 -2.34
N THR A 44 0.56 3.16 -3.46
CA THR A 44 -0.02 4.53 -3.46
C THR A 44 -1.09 4.62 -4.55
N TYR A 45 -1.87 5.66 -4.50
CA TYR A 45 -2.96 5.86 -5.50
C TYR A 45 -2.77 7.22 -6.19
N PRO A 46 -2.74 7.25 -7.51
CA PRO A 46 -2.57 8.52 -8.27
C PRO A 46 -3.48 9.64 -7.76
N GLU A 47 -3.06 10.32 -6.74
CA GLU A 47 -3.88 11.43 -6.18
C GLU A 47 -3.07 12.21 -5.15
N PHE A 48 -3.30 13.49 -5.05
CA PHE A 48 -2.55 14.34 -4.07
C PHE A 48 -3.48 14.78 -2.95
N TYR A 49 -3.05 14.54 -1.74
CA TYR A 49 -3.88 14.93 -0.55
C TYR A 49 -3.07 15.86 0.35
N ASP A 50 -3.68 16.92 0.78
CA ASP A 50 -3.00 17.89 1.68
C ASP A 50 -3.20 17.44 3.13
N LEU A 51 -4.24 16.67 3.37
CA LEU A 51 -4.53 16.19 4.76
C LEU A 51 -4.14 14.73 4.88
N GLU A 52 -3.44 14.41 5.93
CA GLU A 52 -3.00 13.02 6.17
C GLU A 52 -4.23 12.15 6.50
N ALA A 53 -5.18 12.71 7.18
CA ALA A 53 -6.40 11.95 7.56
C ALA A 53 -7.03 11.33 6.29
N ASP A 54 -7.18 12.12 5.27
CA ASP A 54 -7.76 11.59 4.00
C ASP A 54 -6.83 10.54 3.39
N ALA A 55 -5.55 10.77 3.50
CA ALA A 55 -4.56 9.81 2.94
C ALA A 55 -4.62 8.48 3.71
N GLU A 56 -4.85 8.56 4.99
CA GLU A 56 -4.92 7.31 5.81
C GLU A 56 -6.10 6.45 5.35
N ARG A 57 -7.26 7.04 5.25
CA ARG A 57 -8.45 6.27 4.80
C ARG A 57 -8.25 5.79 3.37
N VAL A 58 -7.74 6.64 2.53
CA VAL A 58 -7.50 6.27 1.11
C VAL A 58 -6.43 5.18 1.05
N SER A 59 -5.43 5.28 1.87
CA SER A 59 -4.33 4.27 1.86
C SER A 59 -4.93 2.87 2.08
N ILE A 60 -5.85 2.75 2.99
CA ILE A 60 -6.48 1.42 3.25
C ILE A 60 -7.25 0.97 2.01
N ALA A 61 -8.01 1.85 1.43
CA ALA A 61 -8.79 1.48 0.21
C ALA A 61 -7.83 1.24 -0.95
N CYS A 62 -6.78 2.00 -1.02
CA CYS A 62 -5.79 1.84 -2.13
C CYS A 62 -5.10 0.48 -2.00
N ALA A 63 -4.62 0.16 -0.84
CA ALA A 63 -3.91 -1.14 -0.64
C ALA A 63 -4.80 -2.29 -1.10
N LYS A 64 -6.07 -2.21 -0.83
CA LYS A 64 -7.02 -3.27 -1.26
C LYS A 64 -7.06 -3.35 -2.79
N ILE A 65 -7.04 -2.21 -3.44
CA ILE A 65 -7.09 -2.19 -4.94
C ILE A 65 -5.83 -2.84 -5.51
N ILE A 66 -4.70 -2.53 -4.96
CA ILE A 66 -3.42 -3.11 -5.46
C ILE A 66 -3.42 -4.62 -5.24
N ILE A 67 -3.85 -5.04 -4.08
CA ILE A 67 -3.87 -6.50 -3.77
C ILE A 67 -4.84 -7.21 -4.72
N ASP A 68 -6.00 -6.64 -4.93
CA ASP A 68 -7.01 -7.25 -5.85
C ASP A 68 -6.52 -7.15 -7.29
N SER A 69 -6.02 -6.01 -7.67
CA SER A 69 -5.53 -5.80 -9.06
C SER A 69 -4.32 -6.69 -9.32
N HIS A 70 -3.42 -6.78 -8.37
CA HIS A 70 -2.21 -7.62 -8.54
C HIS A 70 -2.61 -9.07 -8.80
N LEU A 71 -3.56 -9.56 -8.05
CA LEU A 71 -4.01 -10.98 -8.23
C LEU A 71 -4.65 -11.15 -9.60
N ASP A 72 -5.46 -10.21 -10.02
CA ASP A 72 -6.11 -10.31 -11.35
C ASP A 72 -5.20 -9.71 -12.41
N ARG A 73 -5.06 -8.41 -12.39
CA ARG A 73 -4.18 -7.71 -13.38
C ARG A 73 -2.71 -7.85 -12.98
N HIS A 74 -1.85 -7.92 -13.96
CA HIS A 74 -0.38 -8.07 -13.68
C HIS A 74 0.08 -6.93 -12.76
N ASP A 75 0.45 -5.82 -13.33
CA ASP A 75 0.92 -4.66 -12.51
C ASP A 75 1.86 -5.17 -11.41
N GLN A 76 3.04 -5.60 -11.80
CA GLN A 76 4.03 -6.12 -10.80
C GLN A 76 4.06 -5.22 -9.58
N GLY A 77 3.31 -5.58 -8.58
CA GLY A 77 3.26 -4.79 -7.32
C GLY A 77 3.75 -5.66 -6.16
N LEU A 78 3.07 -6.74 -5.91
CA LEU A 78 3.47 -7.65 -4.79
C LEU A 78 4.23 -8.84 -5.38
N ALA A 79 4.77 -8.66 -6.55
CA ALA A 79 5.53 -9.74 -7.23
C ALA A 79 6.76 -10.12 -6.39
N ASP A 80 7.43 -9.13 -5.84
CA ASP A 80 8.65 -9.41 -5.01
C ASP A 80 8.24 -10.17 -3.74
N LEU A 81 7.09 -9.85 -3.21
CA LEU A 81 6.63 -10.52 -1.95
C LEU A 81 5.92 -11.84 -2.31
N GLY A 82 5.73 -12.09 -3.57
CA GLY A 82 5.04 -13.35 -4.01
C GLY A 82 6.08 -14.45 -4.22
N MET A 1 -2.39 1.87 14.72
CA MET A 1 -1.08 1.18 14.56
C MET A 1 -1.31 -0.28 14.21
N ASN A 2 -2.50 -0.77 14.46
CA ASN A 2 -2.80 -2.19 14.15
C ASN A 2 -2.96 -2.37 12.63
N VAL A 3 -2.46 -3.45 12.09
CA VAL A 3 -2.57 -3.69 10.63
C VAL A 3 -3.88 -4.41 10.32
N ALA A 4 -4.39 -4.26 9.11
CA ALA A 4 -5.66 -4.92 8.72
C ALA A 4 -5.39 -6.02 7.70
N HIS A 5 -5.96 -7.18 7.90
CA HIS A 5 -5.73 -8.31 6.97
C HIS A 5 -6.66 -8.19 5.76
N TYR A 6 -6.15 -8.40 4.59
CA TYR A 6 -7.00 -8.29 3.36
C TYR A 6 -6.55 -9.35 2.34
N ARG A 7 -7.42 -10.25 2.01
CA ARG A 7 -7.08 -11.33 1.02
C ARG A 7 -5.81 -12.04 1.48
N GLY A 8 -5.57 -12.09 2.76
CA GLY A 8 -4.36 -12.79 3.29
C GLY A 8 -3.19 -11.81 3.39
N TYR A 9 -3.37 -10.60 2.93
CA TYR A 9 -2.25 -9.60 2.99
C TYR A 9 -2.53 -8.58 4.09
N GLU A 10 -1.54 -8.27 4.89
CA GLU A 10 -1.72 -7.28 5.99
C GLU A 10 -1.30 -5.90 5.48
N ILE A 11 -1.98 -4.87 5.93
CA ILE A 11 -1.67 -3.48 5.49
C ILE A 11 -1.29 -2.63 6.69
N GLU A 12 -0.26 -1.83 6.56
CA GLU A 12 0.19 -0.95 7.69
C GLU A 12 0.17 0.51 7.22
N PRO A 13 -0.97 1.16 7.31
CA PRO A 13 -1.13 2.59 6.90
C PRO A 13 -0.23 3.53 7.71
N GLY A 14 0.18 4.61 7.09
CA GLY A 14 1.05 5.60 7.80
C GLY A 14 1.25 6.83 6.92
N HIS A 15 0.81 6.76 5.67
CA HIS A 15 0.95 7.92 4.73
C HIS A 15 2.42 8.33 4.60
N GLN A 16 2.78 8.91 3.49
CA GLN A 16 4.18 9.36 3.31
C GLN A 16 4.26 10.22 2.05
N TYR A 17 5.21 11.12 2.02
CA TYR A 17 5.36 12.02 0.83
C TYR A 17 6.46 11.48 -0.08
N ARG A 18 6.22 11.49 -1.37
CA ARG A 18 7.24 10.98 -2.33
C ARG A 18 8.14 12.13 -2.79
N ASP A 19 9.42 11.89 -2.85
CA ASP A 19 10.36 12.96 -3.27
C ASP A 19 10.17 13.23 -4.77
N ASP A 20 9.60 12.30 -5.47
CA ASP A 20 9.38 12.48 -6.93
C ASP A 20 8.45 13.67 -7.18
N ILE A 21 7.38 13.75 -6.43
CA ILE A 21 6.41 14.88 -6.59
C ILE A 21 6.50 15.81 -5.38
N ARG A 22 7.41 15.52 -4.48
CA ARG A 22 7.58 16.37 -3.26
C ARG A 22 6.19 16.72 -2.70
N LYS A 23 5.29 15.77 -2.65
CA LYS A 23 3.93 16.04 -2.13
C LYS A 23 3.46 14.87 -1.25
N TYR A 24 2.42 15.09 -0.48
CA TYR A 24 1.90 14.03 0.41
C TYR A 24 0.94 13.14 -0.36
N VAL A 25 1.12 11.85 -0.29
CA VAL A 25 0.21 10.91 -1.00
C VAL A 25 0.13 9.59 -0.22
N PRO A 26 -0.94 8.85 -0.38
CA PRO A 26 -1.11 7.55 0.31
C PRO A 26 0.15 6.69 0.28
N TYR A 27 0.49 6.09 1.39
CA TYR A 27 1.72 5.24 1.45
C TYR A 27 1.53 4.19 2.55
N ALA A 28 1.46 2.94 2.19
CA ALA A 28 1.28 1.87 3.23
C ALA A 28 2.19 0.69 2.91
N LEU A 29 2.57 -0.05 3.92
CA LEU A 29 3.47 -1.23 3.68
C LEU A 29 2.62 -2.49 3.64
N ILE A 30 2.80 -3.30 2.62
CA ILE A 30 2.00 -4.55 2.48
C ILE A 30 2.90 -5.76 2.58
N ARG A 31 2.53 -6.74 3.38
CA ARG A 31 3.36 -7.98 3.53
C ARG A 31 2.46 -9.20 3.44
N LYS A 32 2.94 -10.27 2.88
CA LYS A 32 2.10 -11.49 2.74
C LYS A 32 2.13 -12.29 4.06
N VAL A 33 0.97 -12.62 4.57
CA VAL A 33 0.91 -13.40 5.85
C VAL A 33 1.29 -14.85 5.61
N GLY A 34 2.14 -15.39 6.45
CA GLY A 34 2.56 -16.81 6.31
C GLY A 34 4.06 -16.86 6.00
N VAL A 35 4.50 -16.13 5.02
CA VAL A 35 5.96 -16.15 4.68
C VAL A 35 6.66 -14.92 5.28
N PRO A 36 7.95 -15.02 5.57
CA PRO A 36 8.74 -13.88 6.15
C PRO A 36 8.52 -12.56 5.40
N ASP A 37 9.30 -11.57 5.72
CA ASP A 37 9.18 -10.24 5.04
C ASP A 37 10.23 -10.13 3.94
N ARG A 38 9.81 -10.18 2.71
CA ARG A 38 10.76 -10.08 1.55
C ARG A 38 10.79 -8.66 1.00
N THR A 39 11.49 -8.46 -0.09
CA THR A 39 11.59 -7.09 -0.70
C THR A 39 10.21 -6.39 -0.63
N PRO A 40 10.04 -5.42 0.25
CA PRO A 40 8.73 -4.72 0.41
C PRO A 40 8.45 -3.72 -0.70
N ILE A 41 7.20 -3.56 -1.05
CA ILE A 41 6.81 -2.60 -2.14
C ILE A 41 5.60 -1.79 -1.66
N PRO A 42 5.84 -0.66 -1.04
CA PRO A 42 4.74 0.21 -0.53
C PRO A 42 3.74 0.58 -1.63
N THR A 43 2.49 0.69 -1.29
CA THR A 43 1.46 1.03 -2.31
C THR A 43 1.13 2.53 -2.21
N THR A 44 1.03 3.19 -3.33
CA THR A 44 0.72 4.64 -3.33
C THR A 44 -0.31 4.93 -4.42
N TYR A 45 -1.02 6.02 -4.28
CA TYR A 45 -2.04 6.38 -5.31
C TYR A 45 -1.98 7.90 -5.55
N PRO A 46 -1.36 8.34 -6.64
CA PRO A 46 -1.24 9.80 -6.93
C PRO A 46 -2.59 10.52 -6.85
N GLU A 47 -2.77 11.30 -5.82
CA GLU A 47 -4.04 12.06 -5.66
C GLU A 47 -3.75 13.35 -4.89
N PHE A 48 -2.58 13.43 -4.31
CA PHE A 48 -2.18 14.64 -3.55
C PHE A 48 -3.23 14.97 -2.49
N TYR A 49 -2.91 14.75 -1.23
CA TYR A 49 -3.87 15.05 -0.13
C TYR A 49 -3.15 15.85 0.96
N ASP A 50 -3.77 16.90 1.42
CA ASP A 50 -3.16 17.74 2.49
C ASP A 50 -3.55 17.18 3.85
N LEU A 51 -4.62 16.43 3.91
CA LEU A 51 -5.08 15.86 5.21
C LEU A 51 -4.47 14.48 5.44
N GLU A 52 -3.95 14.26 6.63
CA GLU A 52 -3.34 12.95 6.96
C GLU A 52 -4.43 11.88 7.01
N ALA A 53 -5.59 12.24 7.52
CA ALA A 53 -6.69 11.25 7.60
C ALA A 53 -7.07 10.75 6.21
N ASP A 54 -7.09 11.64 5.24
CA ASP A 54 -7.44 11.22 3.86
C ASP A 54 -6.42 10.22 3.34
N ALA A 55 -5.16 10.47 3.57
CA ALA A 55 -4.10 9.55 3.09
C ALA A 55 -4.24 8.18 3.77
N GLU A 56 -4.54 8.18 5.04
CA GLU A 56 -4.68 6.89 5.76
C GLU A 56 -5.90 6.12 5.24
N ARG A 57 -7.03 6.78 5.16
CA ARG A 57 -8.26 6.10 4.67
C ARG A 57 -8.09 5.72 3.19
N VAL A 58 -7.55 6.60 2.41
CA VAL A 58 -7.35 6.31 0.97
C VAL A 58 -6.33 5.18 0.81
N SER A 59 -5.27 5.22 1.57
CA SER A 59 -4.23 4.16 1.47
C SER A 59 -4.86 2.79 1.73
N ILE A 60 -5.72 2.69 2.71
CA ILE A 60 -6.37 1.37 3.01
C ILE A 60 -7.25 0.96 1.82
N ALA A 61 -8.01 1.89 1.30
CA ALA A 61 -8.90 1.56 0.15
C ALA A 61 -8.04 1.25 -1.08
N CYS A 62 -7.04 2.06 -1.32
CA CYS A 62 -6.15 1.82 -2.49
C CYS A 62 -5.39 0.52 -2.29
N ALA A 63 -4.89 0.29 -1.10
CA ALA A 63 -4.12 -0.95 -0.84
C ALA A 63 -4.96 -2.14 -1.32
N LYS A 64 -6.23 -2.14 -1.05
CA LYS A 64 -7.09 -3.26 -1.50
C LYS A 64 -7.09 -3.31 -3.03
N ILE A 65 -7.21 -2.18 -3.67
CA ILE A 65 -7.22 -2.16 -5.16
C ILE A 65 -5.88 -2.66 -5.70
N ILE A 66 -4.80 -2.21 -5.14
CA ILE A 66 -3.46 -2.65 -5.62
C ILE A 66 -3.29 -4.14 -5.32
N ILE A 67 -3.63 -4.55 -4.13
CA ILE A 67 -3.48 -6.00 -3.78
C ILE A 67 -4.42 -6.83 -4.64
N ASP A 68 -5.65 -6.40 -4.80
CA ASP A 68 -6.62 -7.17 -5.63
C ASP A 68 -6.20 -7.10 -7.10
N SER A 69 -5.86 -5.94 -7.57
CA SER A 69 -5.45 -5.79 -9.00
C SER A 69 -4.20 -6.60 -9.27
N HIS A 70 -3.25 -6.55 -8.36
CA HIS A 70 -1.98 -7.31 -8.56
C HIS A 70 -2.28 -8.80 -8.73
N LEU A 71 -3.18 -9.32 -7.92
CA LEU A 71 -3.53 -10.77 -8.02
C LEU A 71 -4.19 -11.05 -9.37
N ASP A 72 -4.97 -10.14 -9.87
CA ASP A 72 -5.64 -10.37 -11.18
C ASP A 72 -4.59 -10.47 -12.29
N ARG A 73 -3.39 -10.02 -12.02
CA ARG A 73 -2.31 -10.10 -13.05
C ARG A 73 -0.96 -10.22 -12.37
N HIS A 74 0.06 -9.63 -12.93
CA HIS A 74 1.42 -9.68 -12.32
C HIS A 74 2.11 -8.33 -12.49
N ASP A 75 1.39 -7.27 -12.25
CA ASP A 75 1.99 -5.91 -12.41
C ASP A 75 3.13 -5.74 -11.40
N GLN A 76 4.31 -5.44 -11.88
CA GLN A 76 5.48 -5.26 -10.97
C GLN A 76 5.06 -4.48 -9.72
N GLY A 77 4.67 -5.17 -8.68
CA GLY A 77 4.25 -4.48 -7.43
C GLY A 77 4.49 -5.41 -6.24
N LEU A 78 3.57 -6.30 -5.97
CA LEU A 78 3.72 -7.24 -4.82
C LEU A 78 4.17 -8.61 -5.33
N ALA A 79 4.68 -8.66 -6.54
CA ALA A 79 5.14 -9.96 -7.11
C ALA A 79 6.27 -10.52 -6.24
N ASP A 80 7.14 -9.67 -5.77
CA ASP A 80 8.28 -10.14 -4.93
C ASP A 80 7.74 -10.74 -3.62
N LEU A 81 6.70 -10.17 -3.09
CA LEU A 81 6.14 -10.71 -1.81
C LEU A 81 5.20 -11.87 -2.11
N GLY A 82 5.00 -12.16 -3.38
CA GLY A 82 4.10 -13.29 -3.75
C GLY A 82 3.89 -13.31 -5.27
#